data_5EO3
# 
_entry.id   5EO3 
# 
_audit_conform.dict_name       mmcif_pdbx.dic 
_audit_conform.dict_version    5.387 
_audit_conform.dict_location   http://mmcif.pdb.org/dictionaries/ascii/mmcif_pdbx.dic 
# 
loop_
_database_2.database_id 
_database_2.database_code 
_database_2.pdbx_database_accession 
_database_2.pdbx_DOI 
PDB   5EO3         pdb_00005eo3 10.2210/pdb5eo3/pdb 
WWPDB D_1000215251 ?            ?                   
# 
loop_
_pdbx_audit_revision_history.ordinal 
_pdbx_audit_revision_history.data_content_type 
_pdbx_audit_revision_history.major_revision 
_pdbx_audit_revision_history.minor_revision 
_pdbx_audit_revision_history.revision_date 
1 'Structure model' 1 0 2016-11-16 
2 'Structure model' 1 1 2024-03-20 
# 
_pdbx_audit_revision_details.ordinal             1 
_pdbx_audit_revision_details.revision_ordinal    1 
_pdbx_audit_revision_details.data_content_type   'Structure model' 
_pdbx_audit_revision_details.provider            repository 
_pdbx_audit_revision_details.type                'Initial release' 
_pdbx_audit_revision_details.description         ? 
_pdbx_audit_revision_details.details             ? 
# 
loop_
_pdbx_audit_revision_group.ordinal 
_pdbx_audit_revision_group.revision_ordinal 
_pdbx_audit_revision_group.data_content_type 
_pdbx_audit_revision_group.group 
1 2 'Structure model' 'Data collection'        
2 2 'Structure model' 'Database references'    
3 2 'Structure model' 'Derived calculations'   
4 2 'Structure model' 'Refinement description' 
# 
loop_
_pdbx_audit_revision_category.ordinal 
_pdbx_audit_revision_category.revision_ordinal 
_pdbx_audit_revision_category.data_content_type 
_pdbx_audit_revision_category.category 
1 2 'Structure model' chem_comp_atom        
2 2 'Structure model' chem_comp_bond        
3 2 'Structure model' database_2            
4 2 'Structure model' pdbx_struct_oper_list 
5 2 'Structure model' struct_ncs_dom_lim    
# 
loop_
_pdbx_audit_revision_item.ordinal 
_pdbx_audit_revision_item.revision_ordinal 
_pdbx_audit_revision_item.data_content_type 
_pdbx_audit_revision_item.item 
1  2 'Structure model' '_database_2.pdbx_DOI'                      
2  2 'Structure model' '_database_2.pdbx_database_accession'       
3  2 'Structure model' '_pdbx_struct_oper_list.symmetry_operation' 
4  2 'Structure model' '_struct_ncs_dom_lim.beg_auth_comp_id'      
5  2 'Structure model' '_struct_ncs_dom_lim.beg_label_asym_id'     
6  2 'Structure model' '_struct_ncs_dom_lim.beg_label_comp_id'     
7  2 'Structure model' '_struct_ncs_dom_lim.beg_label_seq_id'      
8  2 'Structure model' '_struct_ncs_dom_lim.end_auth_comp_id'      
9  2 'Structure model' '_struct_ncs_dom_lim.end_label_asym_id'     
10 2 'Structure model' '_struct_ncs_dom_lim.end_label_comp_id'     
11 2 'Structure model' '_struct_ncs_dom_lim.end_label_seq_id'      
# 
_pdbx_database_status.status_code                     REL 
_pdbx_database_status.status_code_sf                  REL 
_pdbx_database_status.status_code_mr                  ? 
_pdbx_database_status.entry_id                        5EO3 
_pdbx_database_status.recvd_initial_deposition_date   2015-11-10 
_pdbx_database_status.SG_entry                        N 
_pdbx_database_status.deposit_site                    RCSB 
_pdbx_database_status.process_site                    PDBJ 
_pdbx_database_status.status_code_cs                  ? 
_pdbx_database_status.methods_development_category    ? 
_pdbx_database_status.pdb_format_compatible           Y 
_pdbx_database_status.status_code_nmr_data            ? 
# 
loop_
_audit_author.name 
_audit_author.pdbx_ordinal 
'Zhang, L.' 1 
'Cai, Q.'   2 
'Lin, T.'   3 
# 
_citation.abstract                  ? 
_citation.abstract_id_CAS           ? 
_citation.book_id_ISBN              ? 
_citation.book_publisher            ? 
_citation.book_publisher_city       ? 
_citation.book_title                ? 
_citation.coordinate_linkage        ? 
_citation.country                   ? 
_citation.database_id_Medline       ? 
_citation.details                   ? 
_citation.id                        primary 
_citation.journal_abbrev            'to be published' 
_citation.journal_id_ASTM           ? 
_citation.journal_id_CSD            0353 
_citation.journal_id_ISSN           ? 
_citation.journal_full              ? 
_citation.journal_issue             ? 
_citation.journal_volume            ? 
_citation.language                  ? 
_citation.page_first                ? 
_citation.page_last                 ? 
_citation.title                     
'Purification, crystallization and crystallographic analysis of the Pelota C terminal domian from human' 
_citation.year                      ? 
_citation.database_id_CSD           ? 
_citation.pdbx_database_id_DOI      ? 
_citation.pdbx_database_id_PubMed   ? 
_citation.unpublished_flag          ? 
# 
loop_
_citation_author.citation_id 
_citation_author.name 
_citation_author.ordinal 
_citation_author.identifier_ORCID 
primary 'Zhang, L.' 1 ? 
primary 'Cai, Q.'   2 ? 
primary 'Lin, T.'   3 ? 
# 
loop_
_entity.id 
_entity.type 
_entity.src_method 
_entity.pdbx_description 
_entity.formula_weight 
_entity.pdbx_number_of_molecules 
_entity.pdbx_ec 
_entity.pdbx_mutation 
_entity.pdbx_fragment 
_entity.details 
1 polymer man 'Protein pelota homolog' 13517.014 2  3.1.-.- ? 'Pelota C terminal domain, residues 265-385' ? 
2 water   nat water                    18.015    45 ?       ? ?                                            ? 
# 
_entity_poly.entity_id                      1 
_entity_poly.type                           'polypeptide(L)' 
_entity_poly.nstd_linkage                   no 
_entity_poly.nstd_monomer                   no 
_entity_poly.pdbx_seq_one_letter_code       
;RLSDTKAAGEVKALDDFYKMLQHEPDRAFYGLKQVEKANEAMAIDTLLISDELFRHQDVATRSRYVRLVDSVKENAGTVR
IFSSLHVSGEQLSQLTGVAAILRFPVPELSDQEGDSSSEED
;
_entity_poly.pdbx_seq_one_letter_code_can   
;RLSDTKAAGEVKALDDFYKMLQHEPDRAFYGLKQVEKANEAMAIDTLLISDELFRHQDVATRSRYVRLVDSVKENAGTVR
IFSSLHVSGEQLSQLTGVAAILRFPVPELSDQEGDSSSEED
;
_entity_poly.pdbx_strand_id                 A,B 
_entity_poly.pdbx_target_identifier         ? 
# 
_pdbx_entity_nonpoly.entity_id   2 
_pdbx_entity_nonpoly.name        water 
_pdbx_entity_nonpoly.comp_id     HOH 
# 
loop_
_entity_poly_seq.entity_id 
_entity_poly_seq.num 
_entity_poly_seq.mon_id 
_entity_poly_seq.hetero 
1 1   ARG n 
1 2   LEU n 
1 3   SER n 
1 4   ASP n 
1 5   THR n 
1 6   LYS n 
1 7   ALA n 
1 8   ALA n 
1 9   GLY n 
1 10  GLU n 
1 11  VAL n 
1 12  LYS n 
1 13  ALA n 
1 14  LEU n 
1 15  ASP n 
1 16  ASP n 
1 17  PHE n 
1 18  TYR n 
1 19  LYS n 
1 20  MET n 
1 21  LEU n 
1 22  GLN n 
1 23  HIS n 
1 24  GLU n 
1 25  PRO n 
1 26  ASP n 
1 27  ARG n 
1 28  ALA n 
1 29  PHE n 
1 30  TYR n 
1 31  GLY n 
1 32  LEU n 
1 33  LYS n 
1 34  GLN n 
1 35  VAL n 
1 36  GLU n 
1 37  LYS n 
1 38  ALA n 
1 39  ASN n 
1 40  GLU n 
1 41  ALA n 
1 42  MET n 
1 43  ALA n 
1 44  ILE n 
1 45  ASP n 
1 46  THR n 
1 47  LEU n 
1 48  LEU n 
1 49  ILE n 
1 50  SER n 
1 51  ASP n 
1 52  GLU n 
1 53  LEU n 
1 54  PHE n 
1 55  ARG n 
1 56  HIS n 
1 57  GLN n 
1 58  ASP n 
1 59  VAL n 
1 60  ALA n 
1 61  THR n 
1 62  ARG n 
1 63  SER n 
1 64  ARG n 
1 65  TYR n 
1 66  VAL n 
1 67  ARG n 
1 68  LEU n 
1 69  VAL n 
1 70  ASP n 
1 71  SER n 
1 72  VAL n 
1 73  LYS n 
1 74  GLU n 
1 75  ASN n 
1 76  ALA n 
1 77  GLY n 
1 78  THR n 
1 79  VAL n 
1 80  ARG n 
1 81  ILE n 
1 82  PHE n 
1 83  SER n 
1 84  SER n 
1 85  LEU n 
1 86  HIS n 
1 87  VAL n 
1 88  SER n 
1 89  GLY n 
1 90  GLU n 
1 91  GLN n 
1 92  LEU n 
1 93  SER n 
1 94  GLN n 
1 95  LEU n 
1 96  THR n 
1 97  GLY n 
1 98  VAL n 
1 99  ALA n 
1 100 ALA n 
1 101 ILE n 
1 102 LEU n 
1 103 ARG n 
1 104 PHE n 
1 105 PRO n 
1 106 VAL n 
1 107 PRO n 
1 108 GLU n 
1 109 LEU n 
1 110 SER n 
1 111 ASP n 
1 112 GLN n 
1 113 GLU n 
1 114 GLY n 
1 115 ASP n 
1 116 SER n 
1 117 SER n 
1 118 SER n 
1 119 GLU n 
1 120 GLU n 
1 121 ASP n 
# 
_entity_src_gen.entity_id                          1 
_entity_src_gen.pdbx_src_id                        1 
_entity_src_gen.pdbx_alt_source_flag               sample 
_entity_src_gen.pdbx_seq_type                      'Biological sequence' 
_entity_src_gen.pdbx_beg_seq_num                   1 
_entity_src_gen.pdbx_end_seq_num                   121 
_entity_src_gen.gene_src_common_name               Human 
_entity_src_gen.gene_src_genus                     ? 
_entity_src_gen.pdbx_gene_src_gene                 Pelota 
_entity_src_gen.gene_src_species                   ? 
_entity_src_gen.gene_src_strain                    ? 
_entity_src_gen.gene_src_tissue                    ? 
_entity_src_gen.gene_src_tissue_fraction           ? 
_entity_src_gen.gene_src_details                   ? 
_entity_src_gen.pdbx_gene_src_fragment             ? 
_entity_src_gen.pdbx_gene_src_scientific_name      'Homo sapiens' 
_entity_src_gen.pdbx_gene_src_ncbi_taxonomy_id     9606 
_entity_src_gen.pdbx_gene_src_variant              ? 
_entity_src_gen.pdbx_gene_src_cell_line            ? 
_entity_src_gen.pdbx_gene_src_atcc                 ? 
_entity_src_gen.pdbx_gene_src_organ                ? 
_entity_src_gen.pdbx_gene_src_organelle            ? 
_entity_src_gen.pdbx_gene_src_cell                 ? 
_entity_src_gen.pdbx_gene_src_cellular_location    ? 
_entity_src_gen.host_org_common_name               ? 
_entity_src_gen.pdbx_host_org_scientific_name      'Escherichia coli BL21(DE3)' 
_entity_src_gen.pdbx_host_org_ncbi_taxonomy_id     469008 
_entity_src_gen.host_org_genus                     ? 
_entity_src_gen.pdbx_host_org_gene                 ? 
_entity_src_gen.pdbx_host_org_organ                ? 
_entity_src_gen.host_org_species                   ? 
_entity_src_gen.pdbx_host_org_tissue               ? 
_entity_src_gen.pdbx_host_org_tissue_fraction      ? 
_entity_src_gen.pdbx_host_org_strain               'BL21(DE3)' 
_entity_src_gen.pdbx_host_org_variant              ? 
_entity_src_gen.pdbx_host_org_cell_line            ? 
_entity_src_gen.pdbx_host_org_atcc                 ? 
_entity_src_gen.pdbx_host_org_culture_collection   ? 
_entity_src_gen.pdbx_host_org_cell                 ? 
_entity_src_gen.pdbx_host_org_organelle            ? 
_entity_src_gen.pdbx_host_org_cellular_location    ? 
_entity_src_gen.pdbx_host_org_vector_type          plasmid 
_entity_src_gen.pdbx_host_org_vector               ? 
_entity_src_gen.host_org_details                   ? 
_entity_src_gen.expression_system_id               ? 
_entity_src_gen.plasmid_name                       pET22b 
_entity_src_gen.plasmid_details                    ? 
_entity_src_gen.pdbx_description                   ? 
# 
loop_
_chem_comp.id 
_chem_comp.type 
_chem_comp.mon_nstd_flag 
_chem_comp.name 
_chem_comp.pdbx_synonyms 
_chem_comp.formula 
_chem_comp.formula_weight 
ALA 'L-peptide linking' y ALANINE         ? 'C3 H7 N O2'     89.093  
ARG 'L-peptide linking' y ARGININE        ? 'C6 H15 N4 O2 1' 175.209 
ASN 'L-peptide linking' y ASPARAGINE      ? 'C4 H8 N2 O3'    132.118 
ASP 'L-peptide linking' y 'ASPARTIC ACID' ? 'C4 H7 N O4'     133.103 
GLN 'L-peptide linking' y GLUTAMINE       ? 'C5 H10 N2 O3'   146.144 
GLU 'L-peptide linking' y 'GLUTAMIC ACID' ? 'C5 H9 N O4'     147.129 
GLY 'peptide linking'   y GLYCINE         ? 'C2 H5 N O2'     75.067  
HIS 'L-peptide linking' y HISTIDINE       ? 'C6 H10 N3 O2 1' 156.162 
HOH non-polymer         . WATER           ? 'H2 O'           18.015  
ILE 'L-peptide linking' y ISOLEUCINE      ? 'C6 H13 N O2'    131.173 
LEU 'L-peptide linking' y LEUCINE         ? 'C6 H13 N O2'    131.173 
LYS 'L-peptide linking' y LYSINE          ? 'C6 H15 N2 O2 1' 147.195 
MET 'L-peptide linking' y METHIONINE      ? 'C5 H11 N O2 S'  149.211 
PHE 'L-peptide linking' y PHENYLALANINE   ? 'C9 H11 N O2'    165.189 
PRO 'L-peptide linking' y PROLINE         ? 'C5 H9 N O2'     115.130 
SER 'L-peptide linking' y SERINE          ? 'C3 H7 N O3'     105.093 
THR 'L-peptide linking' y THREONINE       ? 'C4 H9 N O3'     119.119 
TYR 'L-peptide linking' y TYROSINE        ? 'C9 H11 N O3'    181.189 
VAL 'L-peptide linking' y VALINE          ? 'C5 H11 N O2'    117.146 
# 
loop_
_pdbx_poly_seq_scheme.asym_id 
_pdbx_poly_seq_scheme.entity_id 
_pdbx_poly_seq_scheme.seq_id 
_pdbx_poly_seq_scheme.mon_id 
_pdbx_poly_seq_scheme.ndb_seq_num 
_pdbx_poly_seq_scheme.pdb_seq_num 
_pdbx_poly_seq_scheme.auth_seq_num 
_pdbx_poly_seq_scheme.pdb_mon_id 
_pdbx_poly_seq_scheme.auth_mon_id 
_pdbx_poly_seq_scheme.pdb_strand_id 
_pdbx_poly_seq_scheme.pdb_ins_code 
_pdbx_poly_seq_scheme.hetero 
A 1 1   ARG 1   265 ?   ?   ?   A . n 
A 1 2   LEU 2   266 ?   ?   ?   A . n 
A 1 3   SER 3   267 ?   ?   ?   A . n 
A 1 4   ASP 4   268 ?   ?   ?   A . n 
A 1 5   THR 5   269 ?   ?   ?   A . n 
A 1 6   LYS 6   270 ?   ?   ?   A . n 
A 1 7   ALA 7   271 ?   ?   ?   A . n 
A 1 8   ALA 8   272 272 ALA ALA A . n 
A 1 9   GLY 9   273 273 GLY GLY A . n 
A 1 10  GLU 10  274 274 GLU GLU A . n 
A 1 11  VAL 11  275 275 VAL VAL A . n 
A 1 12  LYS 12  276 276 LYS LYS A . n 
A 1 13  ALA 13  277 277 ALA ALA A . n 
A 1 14  LEU 14  278 278 LEU LEU A . n 
A 1 15  ASP 15  279 279 ASP ASP A . n 
A 1 16  ASP 16  280 280 ASP ASP A . n 
A 1 17  PHE 17  281 281 PHE PHE A . n 
A 1 18  TYR 18  282 282 TYR TYR A . n 
A 1 19  LYS 19  283 283 LYS LYS A . n 
A 1 20  MET 20  284 284 MET MET A . n 
A 1 21  LEU 21  285 285 LEU LEU A . n 
A 1 22  GLN 22  286 286 GLN GLN A . n 
A 1 23  HIS 23  287 287 HIS HIS A . n 
A 1 24  GLU 24  288 288 GLU GLU A . n 
A 1 25  PRO 25  289 289 PRO PRO A . n 
A 1 26  ASP 26  290 290 ASP ASP A . n 
A 1 27  ARG 27  291 291 ARG ARG A . n 
A 1 28  ALA 28  292 292 ALA ALA A . n 
A 1 29  PHE 29  293 293 PHE PHE A . n 
A 1 30  TYR 30  294 294 TYR TYR A . n 
A 1 31  GLY 31  295 295 GLY GLY A . n 
A 1 32  LEU 32  296 296 LEU LEU A . n 
A 1 33  LYS 33  297 297 LYS LYS A . n 
A 1 34  GLN 34  298 298 GLN GLN A . n 
A 1 35  VAL 35  299 299 VAL VAL A . n 
A 1 36  GLU 36  300 300 GLU GLU A . n 
A 1 37  LYS 37  301 301 LYS LYS A . n 
A 1 38  ALA 38  302 302 ALA ALA A . n 
A 1 39  ASN 39  303 303 ASN ASN A . n 
A 1 40  GLU 40  304 304 GLU GLU A . n 
A 1 41  ALA 41  305 305 ALA ALA A . n 
A 1 42  MET 42  306 306 MET MET A . n 
A 1 43  ALA 43  307 307 ALA ALA A . n 
A 1 44  ILE 44  308 308 ILE ILE A . n 
A 1 45  ASP 45  309 309 ASP ASP A . n 
A 1 46  THR 46  310 310 THR THR A . n 
A 1 47  LEU 47  311 311 LEU LEU A . n 
A 1 48  LEU 48  312 312 LEU LEU A . n 
A 1 49  ILE 49  313 313 ILE ILE A . n 
A 1 50  SER 50  314 314 SER SER A . n 
A 1 51  ASP 51  315 315 ASP ASP A . n 
A 1 52  GLU 52  316 316 GLU GLU A . n 
A 1 53  LEU 53  317 317 LEU LEU A . n 
A 1 54  PHE 54  318 318 PHE PHE A . n 
A 1 55  ARG 55  319 319 ARG ARG A . n 
A 1 56  HIS 56  320 320 HIS HIS A . n 
A 1 57  GLN 57  321 ?   ?   ?   A . n 
A 1 58  ASP 58  322 322 ASP ASP A . n 
A 1 59  VAL 59  323 323 VAL VAL A . n 
A 1 60  ALA 60  324 324 ALA ALA A . n 
A 1 61  THR 61  325 325 THR THR A . n 
A 1 62  ARG 62  326 326 ARG ARG A . n 
A 1 63  SER 63  327 327 SER SER A . n 
A 1 64  ARG 64  328 328 ARG ARG A . n 
A 1 65  TYR 65  329 329 TYR TYR A . n 
A 1 66  VAL 66  330 330 VAL VAL A . n 
A 1 67  ARG 67  331 331 ARG ARG A . n 
A 1 68  LEU 68  332 332 LEU LEU A . n 
A 1 69  VAL 69  333 333 VAL VAL A . n 
A 1 70  ASP 70  334 334 ASP ASP A . n 
A 1 71  SER 71  335 335 SER SER A . n 
A 1 72  VAL 72  336 336 VAL VAL A . n 
A 1 73  LYS 73  337 337 LYS LYS A . n 
A 1 74  GLU 74  338 338 GLU GLU A . n 
A 1 75  ASN 75  339 339 ASN ASN A . n 
A 1 76  ALA 76  340 340 ALA ALA A . n 
A 1 77  GLY 77  341 341 GLY GLY A . n 
A 1 78  THR 78  342 342 THR THR A . n 
A 1 79  VAL 79  343 343 VAL VAL A . n 
A 1 80  ARG 80  344 344 ARG ARG A . n 
A 1 81  ILE 81  345 345 ILE ILE A . n 
A 1 82  PHE 82  346 346 PHE PHE A . n 
A 1 83  SER 83  347 347 SER SER A . n 
A 1 84  SER 84  348 348 SER SER A . n 
A 1 85  LEU 85  349 349 LEU LEU A . n 
A 1 86  HIS 86  350 350 HIS HIS A . n 
A 1 87  VAL 87  351 351 VAL VAL A . n 
A 1 88  SER 88  352 352 SER SER A . n 
A 1 89  GLY 89  353 353 GLY GLY A . n 
A 1 90  GLU 90  354 354 GLU GLU A . n 
A 1 91  GLN 91  355 355 GLN GLN A . n 
A 1 92  LEU 92  356 356 LEU LEU A . n 
A 1 93  SER 93  357 357 SER SER A . n 
A 1 94  GLN 94  358 358 GLN GLN A . n 
A 1 95  LEU 95  359 359 LEU LEU A . n 
A 1 96  THR 96  360 360 THR THR A . n 
A 1 97  GLY 97  361 361 GLY GLY A . n 
A 1 98  VAL 98  362 362 VAL VAL A . n 
A 1 99  ALA 99  363 363 ALA ALA A . n 
A 1 100 ALA 100 364 364 ALA ALA A . n 
A 1 101 ILE 101 365 365 ILE ILE A . n 
A 1 102 LEU 102 366 366 LEU LEU A . n 
A 1 103 ARG 103 367 367 ARG ARG A . n 
A 1 104 PHE 104 368 368 PHE PHE A . n 
A 1 105 PRO 105 369 369 PRO PRO A . n 
A 1 106 VAL 106 370 370 VAL VAL A . n 
A 1 107 PRO 107 371 371 PRO PRO A . n 
A 1 108 GLU 108 372 372 GLU GLU A . n 
A 1 109 LEU 109 373 373 LEU LEU A . n 
A 1 110 SER 110 374 ?   ?   ?   A . n 
A 1 111 ASP 111 375 ?   ?   ?   A . n 
A 1 112 GLN 112 376 ?   ?   ?   A . n 
A 1 113 GLU 113 377 ?   ?   ?   A . n 
A 1 114 GLY 114 378 ?   ?   ?   A . n 
A 1 115 ASP 115 379 ?   ?   ?   A . n 
A 1 116 SER 116 380 ?   ?   ?   A . n 
A 1 117 SER 117 381 ?   ?   ?   A . n 
A 1 118 SER 118 382 ?   ?   ?   A . n 
A 1 119 GLU 119 383 ?   ?   ?   A . n 
A 1 120 GLU 120 384 ?   ?   ?   A . n 
A 1 121 ASP 121 385 ?   ?   ?   A . n 
B 1 1   ARG 1   265 ?   ?   ?   B . n 
B 1 2   LEU 2   266 ?   ?   ?   B . n 
B 1 3   SER 3   267 ?   ?   ?   B . n 
B 1 4   ASP 4   268 ?   ?   ?   B . n 
B 1 5   THR 5   269 ?   ?   ?   B . n 
B 1 6   LYS 6   270 ?   ?   ?   B . n 
B 1 7   ALA 7   271 271 ALA ALA B . n 
B 1 8   ALA 8   272 272 ALA ALA B . n 
B 1 9   GLY 9   273 273 GLY GLY B . n 
B 1 10  GLU 10  274 274 GLU GLU B . n 
B 1 11  VAL 11  275 275 VAL VAL B . n 
B 1 12  LYS 12  276 276 LYS LYS B . n 
B 1 13  ALA 13  277 277 ALA ALA B . n 
B 1 14  LEU 14  278 278 LEU LEU B . n 
B 1 15  ASP 15  279 279 ASP ASP B . n 
B 1 16  ASP 16  280 280 ASP ASP B . n 
B 1 17  PHE 17  281 281 PHE PHE B . n 
B 1 18  TYR 18  282 282 TYR TYR B . n 
B 1 19  LYS 19  283 283 LYS LYS B . n 
B 1 20  MET 20  284 284 MET MET B . n 
B 1 21  LEU 21  285 285 LEU LEU B . n 
B 1 22  GLN 22  286 286 GLN GLN B . n 
B 1 23  HIS 23  287 287 HIS HIS B . n 
B 1 24  GLU 24  288 288 GLU GLU B . n 
B 1 25  PRO 25  289 289 PRO PRO B . n 
B 1 26  ASP 26  290 290 ASP ASP B . n 
B 1 27  ARG 27  291 291 ARG ARG B . n 
B 1 28  ALA 28  292 292 ALA ALA B . n 
B 1 29  PHE 29  293 293 PHE PHE B . n 
B 1 30  TYR 30  294 294 TYR TYR B . n 
B 1 31  GLY 31  295 295 GLY GLY B . n 
B 1 32  LEU 32  296 296 LEU LEU B . n 
B 1 33  LYS 33  297 297 LYS LYS B . n 
B 1 34  GLN 34  298 298 GLN GLN B . n 
B 1 35  VAL 35  299 299 VAL VAL B . n 
B 1 36  GLU 36  300 300 GLU GLU B . n 
B 1 37  LYS 37  301 301 LYS LYS B . n 
B 1 38  ALA 38  302 302 ALA ALA B . n 
B 1 39  ASN 39  303 303 ASN ASN B . n 
B 1 40  GLU 40  304 304 GLU GLU B . n 
B 1 41  ALA 41  305 305 ALA ALA B . n 
B 1 42  MET 42  306 306 MET MET B . n 
B 1 43  ALA 43  307 307 ALA ALA B . n 
B 1 44  ILE 44  308 308 ILE ILE B . n 
B 1 45  ASP 45  309 309 ASP ASP B . n 
B 1 46  THR 46  310 310 THR THR B . n 
B 1 47  LEU 47  311 311 LEU LEU B . n 
B 1 48  LEU 48  312 312 LEU LEU B . n 
B 1 49  ILE 49  313 313 ILE ILE B . n 
B 1 50  SER 50  314 314 SER SER B . n 
B 1 51  ASP 51  315 315 ASP ASP B . n 
B 1 52  GLU 52  316 316 GLU GLU B . n 
B 1 53  LEU 53  317 317 LEU LEU B . n 
B 1 54  PHE 54  318 318 PHE PHE B . n 
B 1 55  ARG 55  319 319 ARG ARG B . n 
B 1 56  HIS 56  320 ?   ?   ?   B . n 
B 1 57  GLN 57  321 ?   ?   ?   B . n 
B 1 58  ASP 58  322 322 ASP ASP B . n 
B 1 59  VAL 59  323 323 VAL VAL B . n 
B 1 60  ALA 60  324 324 ALA ALA B . n 
B 1 61  THR 61  325 325 THR THR B . n 
B 1 62  ARG 62  326 326 ARG ARG B . n 
B 1 63  SER 63  327 327 SER SER B . n 
B 1 64  ARG 64  328 328 ARG ARG B . n 
B 1 65  TYR 65  329 329 TYR TYR B . n 
B 1 66  VAL 66  330 330 VAL VAL B . n 
B 1 67  ARG 67  331 331 ARG ARG B . n 
B 1 68  LEU 68  332 332 LEU LEU B . n 
B 1 69  VAL 69  333 333 VAL VAL B . n 
B 1 70  ASP 70  334 334 ASP ASP B . n 
B 1 71  SER 71  335 335 SER SER B . n 
B 1 72  VAL 72  336 336 VAL VAL B . n 
B 1 73  LYS 73  337 337 LYS LYS B . n 
B 1 74  GLU 74  338 338 GLU GLU B . n 
B 1 75  ASN 75  339 339 ASN ASN B . n 
B 1 76  ALA 76  340 340 ALA ALA B . n 
B 1 77  GLY 77  341 341 GLY GLY B . n 
B 1 78  THR 78  342 342 THR THR B . n 
B 1 79  VAL 79  343 343 VAL VAL B . n 
B 1 80  ARG 80  344 344 ARG ARG B . n 
B 1 81  ILE 81  345 345 ILE ILE B . n 
B 1 82  PHE 82  346 346 PHE PHE B . n 
B 1 83  SER 83  347 347 SER SER B . n 
B 1 84  SER 84  348 348 SER SER B . n 
B 1 85  LEU 85  349 349 LEU LEU B . n 
B 1 86  HIS 86  350 350 HIS HIS B . n 
B 1 87  VAL 87  351 351 VAL VAL B . n 
B 1 88  SER 88  352 352 SER SER B . n 
B 1 89  GLY 89  353 353 GLY GLY B . n 
B 1 90  GLU 90  354 354 GLU GLU B . n 
B 1 91  GLN 91  355 355 GLN GLN B . n 
B 1 92  LEU 92  356 356 LEU LEU B . n 
B 1 93  SER 93  357 357 SER SER B . n 
B 1 94  GLN 94  358 358 GLN GLN B . n 
B 1 95  LEU 95  359 359 LEU LEU B . n 
B 1 96  THR 96  360 360 THR THR B . n 
B 1 97  GLY 97  361 361 GLY GLY B . n 
B 1 98  VAL 98  362 362 VAL VAL B . n 
B 1 99  ALA 99  363 363 ALA ALA B . n 
B 1 100 ALA 100 364 364 ALA ALA B . n 
B 1 101 ILE 101 365 365 ILE ILE B . n 
B 1 102 LEU 102 366 366 LEU LEU B . n 
B 1 103 ARG 103 367 367 ARG ARG B . n 
B 1 104 PHE 104 368 368 PHE PHE B . n 
B 1 105 PRO 105 369 369 PRO PRO B . n 
B 1 106 VAL 106 370 370 VAL VAL B . n 
B 1 107 PRO 107 371 371 PRO PRO B . n 
B 1 108 GLU 108 372 372 GLU GLU B . n 
B 1 109 LEU 109 373 ?   ?   ?   B . n 
B 1 110 SER 110 374 ?   ?   ?   B . n 
B 1 111 ASP 111 375 ?   ?   ?   B . n 
B 1 112 GLN 112 376 ?   ?   ?   B . n 
B 1 113 GLU 113 377 ?   ?   ?   B . n 
B 1 114 GLY 114 378 ?   ?   ?   B . n 
B 1 115 ASP 115 379 ?   ?   ?   B . n 
B 1 116 SER 116 380 ?   ?   ?   B . n 
B 1 117 SER 117 381 ?   ?   ?   B . n 
B 1 118 SER 118 382 ?   ?   ?   B . n 
B 1 119 GLU 119 383 ?   ?   ?   B . n 
B 1 120 GLU 120 384 ?   ?   ?   B . n 
B 1 121 ASP 121 385 ?   ?   ?   B . n 
# 
loop_
_pdbx_nonpoly_scheme.asym_id 
_pdbx_nonpoly_scheme.entity_id 
_pdbx_nonpoly_scheme.mon_id 
_pdbx_nonpoly_scheme.ndb_seq_num 
_pdbx_nonpoly_scheme.pdb_seq_num 
_pdbx_nonpoly_scheme.auth_seq_num 
_pdbx_nonpoly_scheme.pdb_mon_id 
_pdbx_nonpoly_scheme.auth_mon_id 
_pdbx_nonpoly_scheme.pdb_strand_id 
_pdbx_nonpoly_scheme.pdb_ins_code 
C 2 HOH 1  401 38 HOH HOH A . 
C 2 HOH 2  402 43 HOH HOH A . 
C 2 HOH 3  403 33 HOH HOH A . 
C 2 HOH 4  404 8  HOH HOH A . 
C 2 HOH 5  405 13 HOH HOH A . 
C 2 HOH 6  406 24 HOH HOH A . 
C 2 HOH 7  407 39 HOH HOH A . 
C 2 HOH 8  408 2  HOH HOH A . 
C 2 HOH 9  409 6  HOH HOH A . 
C 2 HOH 10 410 11 HOH HOH A . 
C 2 HOH 11 411 9  HOH HOH A . 
C 2 HOH 12 412 22 HOH HOH A . 
C 2 HOH 13 413 7  HOH HOH A . 
C 2 HOH 14 414 10 HOH HOH A . 
C 2 HOH 15 415 40 HOH HOH A . 
C 2 HOH 16 416 45 HOH HOH A . 
C 2 HOH 17 417 56 HOH HOH A . 
C 2 HOH 18 418 26 HOH HOH A . 
C 2 HOH 19 419 57 HOH HOH A . 
C 2 HOH 20 420 12 HOH HOH A . 
C 2 HOH 21 421 34 HOH HOH A . 
C 2 HOH 22 422 36 HOH HOH A . 
C 2 HOH 23 423 62 HOH HOH A . 
C 2 HOH 24 424 60 HOH HOH A . 
C 2 HOH 25 425 35 HOH HOH A . 
C 2 HOH 26 426 61 HOH HOH A . 
D 2 HOH 1  401 5  HOH HOH B . 
D 2 HOH 2  402 19 HOH HOH B . 
D 2 HOH 3  403 23 HOH HOH B . 
D 2 HOH 4  404 1  HOH HOH B . 
D 2 HOH 5  405 4  HOH HOH B . 
D 2 HOH 6  406 3  HOH HOH B . 
D 2 HOH 7  407 21 HOH HOH B . 
D 2 HOH 8  408 47 HOH HOH B . 
D 2 HOH 9  409 15 HOH HOH B . 
D 2 HOH 10 410 58 HOH HOH B . 
D 2 HOH 11 411 41 HOH HOH B . 
D 2 HOH 12 412 44 HOH HOH B . 
D 2 HOH 13 413 28 HOH HOH B . 
D 2 HOH 14 414 59 HOH HOH B . 
D 2 HOH 15 415 27 HOH HOH B . 
D 2 HOH 16 416 37 HOH HOH B . 
D 2 HOH 17 417 32 HOH HOH B . 
D 2 HOH 18 418 55 HOH HOH B . 
D 2 HOH 19 419 63 HOH HOH B . 
# 
loop_
_software.citation_id 
_software.classification 
_software.compiler_name 
_software.compiler_version 
_software.contact_author 
_software.contact_author_email 
_software.date 
_software.description 
_software.dependencies 
_software.hardware 
_software.language 
_software.location 
_software.mods 
_software.name 
_software.os 
_software.os_version 
_software.type 
_software.version 
_software.pdbx_ordinal 
? 'data collection' ? ? ? ? ? ? ? ? ? ? ? HKL-2000    ? ? ? .        1 
? 'data scaling'    ? ? ? ? ? ? ? ? ? ? ? HKL-2000    ? ? ? .        2 
? refinement        ? ? ? ? ? ? ? ? ? ? ? REFMAC      ? ? ? 5.8.0073 3 
? 'data extraction' ? ? ? ? ? ? ? ? ? ? ? PDB_EXTRACT ? ? ? 3.15     4 
# 
_cell.angle_alpha                  90.000 
_cell.angle_alpha_esd              ? 
_cell.angle_beta                   90.000 
_cell.angle_beta_esd               ? 
_cell.angle_gamma                  120.000 
_cell.angle_gamma_esd              ? 
_cell.entry_id                     5EO3 
_cell.details                      ? 
_cell.formula_units_Z              ? 
_cell.length_a                     78.822 
_cell.length_a_esd                 ? 
_cell.length_b                     78.822 
_cell.length_b_esd                 ? 
_cell.length_c                     197.456 
_cell.length_c_esd                 ? 
_cell.volume                       ? 
_cell.volume_esd                   ? 
_cell.Z_PDB                        24 
_cell.reciprocal_angle_alpha       ? 
_cell.reciprocal_angle_beta        ? 
_cell.reciprocal_angle_gamma       ? 
_cell.reciprocal_angle_alpha_esd   ? 
_cell.reciprocal_angle_beta_esd    ? 
_cell.reciprocal_angle_gamma_esd   ? 
_cell.reciprocal_length_a          ? 
_cell.reciprocal_length_b          ? 
_cell.reciprocal_length_c          ? 
_cell.reciprocal_length_a_esd      ? 
_cell.reciprocal_length_b_esd      ? 
_cell.reciprocal_length_c_esd      ? 
_cell.pdbx_unique_axis             ? 
# 
_symmetry.entry_id                         5EO3 
_symmetry.cell_setting                     ? 
_symmetry.Int_Tables_number                179 
_symmetry.space_group_name_Hall            ? 
_symmetry.space_group_name_H-M             'P 65 2 2' 
_symmetry.pdbx_full_space_group_name_H-M   ? 
# 
_exptl.absorpt_coefficient_mu     ? 
_exptl.absorpt_correction_T_max   ? 
_exptl.absorpt_correction_T_min   ? 
_exptl.absorpt_correction_type    ? 
_exptl.absorpt_process_details    ? 
_exptl.entry_id                   5EO3 
_exptl.crystals_number            1 
_exptl.details                    ? 
_exptl.method                     'X-RAY DIFFRACTION' 
_exptl.method_details             ? 
# 
_exptl_crystal.colour                      ? 
_exptl_crystal.density_diffrn              ? 
_exptl_crystal.density_Matthews            3.27 
_exptl_crystal.density_method              ? 
_exptl_crystal.density_percent_sol         62.44 
_exptl_crystal.description                 ? 
_exptl_crystal.F_000                       ? 
_exptl_crystal.id                          1 
_exptl_crystal.preparation                 ? 
_exptl_crystal.size_max                    ? 
_exptl_crystal.size_mid                    ? 
_exptl_crystal.size_min                    ? 
_exptl_crystal.size_rad                    ? 
_exptl_crystal.colour_lustre               ? 
_exptl_crystal.colour_modifier             ? 
_exptl_crystal.colour_primary              ? 
_exptl_crystal.density_meas                ? 
_exptl_crystal.density_meas_esd            ? 
_exptl_crystal.density_meas_gt             ? 
_exptl_crystal.density_meas_lt             ? 
_exptl_crystal.density_meas_temp           ? 
_exptl_crystal.density_meas_temp_esd       ? 
_exptl_crystal.density_meas_temp_gt        ? 
_exptl_crystal.density_meas_temp_lt        ? 
_exptl_crystal.pdbx_crystal_image_url      ? 
_exptl_crystal.pdbx_crystal_image_format   ? 
_exptl_crystal.pdbx_mosaicity              ? 
_exptl_crystal.pdbx_mosaicity_esd          ? 
# 
_exptl_crystal_grow.apparatus       ? 
_exptl_crystal_grow.atmosphere      ? 
_exptl_crystal_grow.crystal_id      1 
_exptl_crystal_grow.details         ? 
_exptl_crystal_grow.method          'VAPOR DIFFUSION, HANGING DROP' 
_exptl_crystal_grow.method_ref      ? 
_exptl_crystal_grow.pH              7.5 
_exptl_crystal_grow.pressure        ? 
_exptl_crystal_grow.pressure_esd    ? 
_exptl_crystal_grow.seeding         ? 
_exptl_crystal_grow.seeding_ref     ? 
_exptl_crystal_grow.temp            295 
_exptl_crystal_grow.temp_details    ? 
_exptl_crystal_grow.temp_esd        ? 
_exptl_crystal_grow.time            ? 
_exptl_crystal_grow.pdbx_details    '20mM Tris HCl pH 7.5, 200mM NaCl, 5mM DTT' 
_exptl_crystal_grow.pdbx_pH_range   ? 
# 
_diffrn.ambient_environment    ? 
_diffrn.ambient_temp           100 
_diffrn.ambient_temp_details   ? 
_diffrn.ambient_temp_esd       ? 
_diffrn.crystal_id             1 
_diffrn.crystal_support        ? 
_diffrn.crystal_treatment      ? 
_diffrn.details                ? 
_diffrn.id                     1 
_diffrn.ambient_pressure       ? 
_diffrn.ambient_pressure_esd   ? 
_diffrn.ambient_pressure_gt    ? 
_diffrn.ambient_pressure_lt    ? 
_diffrn.ambient_temp_gt        ? 
_diffrn.ambient_temp_lt        ? 
# 
_diffrn_detector.details                      mirrors 
_diffrn_detector.detector                     'IMAGE PLATE' 
_diffrn_detector.diffrn_id                    1 
_diffrn_detector.type                         'MAR scanner 345 mm plate' 
_diffrn_detector.area_resol_mean              ? 
_diffrn_detector.dtime                        ? 
_diffrn_detector.pdbx_frames_total            ? 
_diffrn_detector.pdbx_collection_time_total   ? 
_diffrn_detector.pdbx_collection_date         2013-05-13 
# 
_diffrn_radiation.collimation                      ? 
_diffrn_radiation.diffrn_id                        1 
_diffrn_radiation.filter_edge                      ? 
_diffrn_radiation.inhomogeneity                    ? 
_diffrn_radiation.monochromator                    'Ni FILTER' 
_diffrn_radiation.polarisn_norm                    ? 
_diffrn_radiation.polarisn_ratio                   ? 
_diffrn_radiation.probe                            ? 
_diffrn_radiation.type                             ? 
_diffrn_radiation.xray_symbol                      ? 
_diffrn_radiation.wavelength_id                    1 
_diffrn_radiation.pdbx_monochromatic_or_laue_m_l   M 
_diffrn_radiation.pdbx_wavelength_list             ? 
_diffrn_radiation.pdbx_wavelength                  ? 
_diffrn_radiation.pdbx_diffrn_protocol             'SINGLE WAVELENGTH' 
_diffrn_radiation.pdbx_analyzer                    ? 
_diffrn_radiation.pdbx_scattering_type             x-ray 
# 
_diffrn_radiation_wavelength.id           1 
_diffrn_radiation_wavelength.wavelength   1.5418 
_diffrn_radiation_wavelength.wt           1.0 
# 
_diffrn_source.current                     ? 
_diffrn_source.details                     ? 
_diffrn_source.diffrn_id                   1 
_diffrn_source.power                       ? 
_diffrn_source.size                        ? 
_diffrn_source.source                      'ROTATING ANODE' 
_diffrn_source.target                      ? 
_diffrn_source.type                        'RIGAKU MICROMAX-007 HF' 
_diffrn_source.voltage                     ? 
_diffrn_source.take-off_angle              ? 
_diffrn_source.pdbx_wavelength_list        1.5418 
_diffrn_source.pdbx_wavelength             ? 
_diffrn_source.pdbx_synchrotron_beamline   ? 
_diffrn_source.pdbx_synchrotron_site       ? 
# 
_reflns.B_iso_Wilson_estimate            ? 
_reflns.entry_id                         5EO3 
_reflns.data_reduction_details           ? 
_reflns.data_reduction_method            ? 
_reflns.d_resolution_high                2.6 
_reflns.d_resolution_low                 50 
_reflns.details                          ? 
_reflns.limit_h_max                      ? 
_reflns.limit_h_min                      ? 
_reflns.limit_k_max                      ? 
_reflns.limit_k_min                      ? 
_reflns.limit_l_max                      ? 
_reflns.limit_l_min                      ? 
_reflns.number_all                       ? 
_reflns.number_obs                       11850 
_reflns.observed_criterion               ? 
_reflns.observed_criterion_F_max         ? 
_reflns.observed_criterion_F_min         ? 
_reflns.observed_criterion_I_max         ? 
_reflns.observed_criterion_I_min         ? 
_reflns.observed_criterion_sigma_F       ? 
_reflns.observed_criterion_sigma_I       ? 
_reflns.percent_possible_obs             99.4 
_reflns.R_free_details                   ? 
_reflns.Rmerge_F_all                     ? 
_reflns.Rmerge_F_obs                     ? 
_reflns.Friedel_coverage                 ? 
_reflns.number_gt                        ? 
_reflns.threshold_expression             ? 
_reflns.pdbx_redundancy                  8.6 
_reflns.pdbx_Rmerge_I_obs                ? 
_reflns.pdbx_Rmerge_I_all                ? 
_reflns.pdbx_Rsym_value                  ? 
_reflns.pdbx_netI_over_av_sigmaI         ? 
_reflns.pdbx_netI_over_sigmaI            10.6 
_reflns.pdbx_res_netI_over_av_sigmaI_2   ? 
_reflns.pdbx_res_netI_over_sigmaI_2      ? 
_reflns.pdbx_chi_squared                 ? 
_reflns.pdbx_scaling_rejects             ? 
_reflns.pdbx_d_res_high_opt              ? 
_reflns.pdbx_d_res_low_opt               ? 
_reflns.pdbx_d_res_opt_method            ? 
_reflns.phase_calculation_details        ? 
_reflns.pdbx_Rrim_I_all                  ? 
_reflns.pdbx_Rpim_I_all                  ? 
_reflns.pdbx_d_opt                       ? 
_reflns.pdbx_number_measured_all         ? 
_reflns.pdbx_diffrn_id                   1 
_reflns.pdbx_ordinal                     1 
_reflns.pdbx_CC_half                     ? 
_reflns.pdbx_R_split                     ? 
# 
_refine.aniso_B[1][1]                            0.8300 
_refine.aniso_B[1][2]                            0.4100 
_refine.aniso_B[1][3]                            0.0000 
_refine.aniso_B[2][2]                            0.8300 
_refine.aniso_B[2][3]                            0.0000 
_refine.aniso_B[3][3]                            -2.6900 
_refine.B_iso_max                                144.810 
_refine.B_iso_mean                               53.3460 
_refine.B_iso_min                                18.160 
_refine.correlation_coeff_Fo_to_Fc               0.9370 
_refine.correlation_coeff_Fo_to_Fc_free          0.9050 
_refine.details                                  
'HYDROGENS HAVE BEEN ADDED IN THE RIDING POSITIONS U VALUES      : REFINED INDIVIDUALLY' 
_refine.diff_density_max                         ? 
_refine.diff_density_max_esd                     ? 
_refine.diff_density_min                         ? 
_refine.diff_density_min_esd                     ? 
_refine.diff_density_rms                         ? 
_refine.diff_density_rms_esd                     ? 
_refine.entry_id                                 5EO3 
_refine.pdbx_refine_id                           'X-RAY DIFFRACTION' 
_refine.ls_abs_structure_details                 ? 
_refine.ls_abs_structure_Flack                   ? 
_refine.ls_abs_structure_Flack_esd               ? 
_refine.ls_abs_structure_Rogers                  ? 
_refine.ls_abs_structure_Rogers_esd              ? 
_refine.ls_d_res_high                            2.6000 
_refine.ls_d_res_low                             50 
_refine.ls_extinction_coef                       ? 
_refine.ls_extinction_coef_esd                   ? 
_refine.ls_extinction_expression                 ? 
_refine.ls_extinction_method                     ? 
_refine.ls_goodness_of_fit_all                   ? 
_refine.ls_goodness_of_fit_all_esd               ? 
_refine.ls_goodness_of_fit_obs                   ? 
_refine.ls_goodness_of_fit_obs_esd               ? 
_refine.ls_hydrogen_treatment                    ? 
_refine.ls_matrix_type                           ? 
_refine.ls_number_constraints                    ? 
_refine.ls_number_parameters                     ? 
_refine.ls_number_reflns_all                     ? 
_refine.ls_number_reflns_obs                     11286 
_refine.ls_number_reflns_R_free                  565 
_refine.ls_number_reflns_R_work                  ? 
_refine.ls_number_restraints                     ? 
_refine.ls_percent_reflns_obs                    99.3200 
_refine.ls_percent_reflns_R_free                 4.8000 
_refine.ls_R_factor_all                          ? 
_refine.ls_R_factor_obs                          0.2183 
_refine.ls_R_factor_R_free                       0.2669 
_refine.ls_R_factor_R_free_error                 ? 
_refine.ls_R_factor_R_free_error_details         ? 
_refine.ls_R_factor_R_work                       0.2158 
_refine.ls_R_Fsqd_factor_obs                     ? 
_refine.ls_R_I_factor_obs                        ? 
_refine.ls_redundancy_reflns_all                 ? 
_refine.ls_redundancy_reflns_obs                 ? 
_refine.ls_restrained_S_all                      ? 
_refine.ls_restrained_S_obs                      ? 
_refine.ls_shift_over_esd_max                    ? 
_refine.ls_shift_over_esd_mean                   ? 
_refine.ls_structure_factor_coef                 ? 
_refine.ls_weighting_details                     ? 
_refine.ls_weighting_scheme                      ? 
_refine.ls_wR_factor_all                         ? 
_refine.ls_wR_factor_obs                         ? 
_refine.ls_wR_factor_R_free                      ? 
_refine.ls_wR_factor_R_work                      ? 
_refine.occupancy_max                            ? 
_refine.occupancy_min                            ? 
_refine.solvent_model_details                    MASK 
_refine.solvent_model_param_bsol                 ? 
_refine.solvent_model_param_ksol                 ? 
_refine.ls_R_factor_gt                           ? 
_refine.ls_goodness_of_fit_gt                    ? 
_refine.ls_goodness_of_fit_ref                   ? 
_refine.ls_shift_over_su_max                     ? 
_refine.ls_shift_over_su_max_lt                  ? 
_refine.ls_shift_over_su_mean                    ? 
_refine.ls_shift_over_su_mean_lt                 ? 
_refine.pdbx_ls_sigma_I                          ? 
_refine.pdbx_ls_sigma_F                          0.000 
_refine.pdbx_ls_sigma_Fsqd                       ? 
_refine.pdbx_data_cutoff_high_absF               ? 
_refine.pdbx_data_cutoff_high_rms_absF           ? 
_refine.pdbx_data_cutoff_low_absF                ? 
_refine.pdbx_isotropic_thermal_model             ? 
_refine.pdbx_ls_cross_valid_method               THROUGHOUT 
_refine.pdbx_method_to_determine_struct          ? 
_refine.pdbx_starting_model                      ? 
_refine.pdbx_stereochemistry_target_values       'MAXIMUM LIKELIHOOD' 
_refine.pdbx_R_Free_selection_details            RANDOM 
_refine.pdbx_stereochem_target_val_spec_case     ? 
_refine.pdbx_overall_ESU_R                       0.3330 
_refine.pdbx_overall_ESU_R_Free                  0.2680 
_refine.pdbx_solvent_vdw_probe_radii             1.2000 
_refine.pdbx_solvent_ion_probe_radii             0.8000 
_refine.pdbx_solvent_shrinkage_radii             0.8000 
_refine.pdbx_real_space_R                        ? 
_refine.pdbx_density_correlation                 ? 
_refine.pdbx_pd_number_of_powder_patterns        ? 
_refine.pdbx_pd_number_of_points                 ? 
_refine.pdbx_pd_meas_number_of_points            ? 
_refine.pdbx_pd_proc_ls_prof_R_factor            ? 
_refine.pdbx_pd_proc_ls_prof_wR_factor           ? 
_refine.pdbx_pd_Marquardt_correlation_coeff      ? 
_refine.pdbx_pd_Fsqrd_R_factor                   ? 
_refine.pdbx_pd_ls_matrix_band_width             ? 
_refine.pdbx_overall_phase_error                 ? 
_refine.pdbx_overall_SU_R_free_Cruickshank_DPI   ? 
_refine.pdbx_overall_SU_R_free_Blow_DPI          ? 
_refine.pdbx_overall_SU_R_Blow_DPI               ? 
_refine.pdbx_TLS_residual_ADP_flag               ? 
_refine.pdbx_diffrn_id                           1 
_refine.overall_SU_B                             8.2320 
_refine.overall_SU_ML                            0.1830 
_refine.overall_SU_R_Cruickshank_DPI             ? 
_refine.overall_SU_R_free                        ? 
_refine.overall_FOM_free_R_set                   ? 
_refine.overall_FOM_work_R_set                   ? 
_refine.pdbx_average_fsc_overall                 ? 
_refine.pdbx_average_fsc_work                    ? 
_refine.pdbx_average_fsc_free                    ? 
# 
_refine_hist.cycle_id                         final 
_refine_hist.pdbx_refine_id                   'X-RAY DIFFRACTION' 
_refine_hist.d_res_high                       2.6000 
_refine_hist.d_res_low                        50 
_refine_hist.pdbx_number_atoms_ligand         0 
_refine_hist.number_atoms_solvent             45 
_refine_hist.number_atoms_total               1628 
_refine_hist.pdbx_number_residues_total       201 
_refine_hist.pdbx_B_iso_mean_solvent          44.67 
_refine_hist.pdbx_number_atoms_protein        1583 
_refine_hist.pdbx_number_atoms_nucleic_acid   0 
# 
loop_
_refine_ls_restr.pdbx_refine_id 
_refine_ls_restr.criterion 
_refine_ls_restr.dev_ideal 
_refine_ls_restr.dev_ideal_target 
_refine_ls_restr.number 
_refine_ls_restr.rejects 
_refine_ls_restr.type 
_refine_ls_restr.weight 
_refine_ls_restr.pdbx_restraint_function 
'X-RAY DIFFRACTION' ? 0.015  0.019  1606 ? r_bond_refined_d       ? ? 
'X-RAY DIFFRACTION' ? 0.006  0.020  1572 ? r_bond_other_d         ? ? 
'X-RAY DIFFRACTION' ? 1.722  1.970  2165 ? r_angle_refined_deg    ? ? 
'X-RAY DIFFRACTION' ? 1.272  3.000  3602 ? r_angle_other_deg      ? ? 
'X-RAY DIFFRACTION' ? 6.344  5.000  197  ? r_dihedral_angle_1_deg ? ? 
'X-RAY DIFFRACTION' ? 36.506 23.636 77   ? r_dihedral_angle_2_deg ? ? 
'X-RAY DIFFRACTION' ? 23.971 15.000 285  ? r_dihedral_angle_3_deg ? ? 
'X-RAY DIFFRACTION' ? 23.306 15.000 14   ? r_dihedral_angle_4_deg ? ? 
'X-RAY DIFFRACTION' ? 0.094  0.200  250  ? r_chiral_restr         ? ? 
'X-RAY DIFFRACTION' ? 0.008  0.020  1795 ? r_gen_planes_refined   ? ? 
'X-RAY DIFFRACTION' ? 0.005  0.020  365  ? r_gen_planes_other     ? ? 
'X-RAY DIFFRACTION' ? 4.719  4.924  800  ? r_mcbond_it            ? ? 
'X-RAY DIFFRACTION' ? 4.707  4.920  799  ? r_mcbond_other         ? ? 
'X-RAY DIFFRACTION' ? 6.835  7.342  993  ? r_mcangle_it           ? ? 
# 
loop_
_refine_ls_restr_ncs.pdbx_ordinal 
_refine_ls_restr_ncs.pdbx_refine_id 
_refine_ls_restr_ncs.pdbx_ens_id 
_refine_ls_restr_ncs.dom_id 
_refine_ls_restr_ncs.pdbx_type 
_refine_ls_restr_ncs.pdbx_auth_asym_id 
_refine_ls_restr_ncs.pdbx_number 
_refine_ls_restr_ncs.rms_dev_position 
_refine_ls_restr_ncs.weight_position 
_refine_ls_restr_ncs.ncs_model_details 
_refine_ls_restr_ncs.rms_dev_B_iso 
_refine_ls_restr_ncs.weight_B_iso 
_refine_ls_restr_ncs.pdbx_asym_id 
_refine_ls_restr_ncs.pdbx_rms 
_refine_ls_restr_ncs.pdbx_weight 
1 'X-RAY DIFFRACTION' 1 1 'interatomic distance' A 5418 0.180 0.050 ? ? ? ? ? ? 
2 'X-RAY DIFFRACTION' 1 2 'interatomic distance' B 5418 0.180 0.050 ? ? ? ? ? ? 
# 
_refine_ls_shell.pdbx_refine_id                   'X-RAY DIFFRACTION' 
_refine_ls_shell.d_res_high                       2.5960 
_refine_ls_shell.d_res_low                        2.6640 
_refine_ls_shell.number_reflns_all                813 
_refine_ls_shell.number_reflns_obs                ? 
_refine_ls_shell.number_reflns_R_free             35 
_refine_ls_shell.number_reflns_R_work             778 
_refine_ls_shell.percent_reflns_obs               93.8800 
_refine_ls_shell.percent_reflns_R_free            ? 
_refine_ls_shell.R_factor_all                     ? 
_refine_ls_shell.R_factor_obs                     ? 
_refine_ls_shell.R_factor_R_free                  0.2600 
_refine_ls_shell.R_factor_R_free_error            ? 
_refine_ls_shell.R_factor_R_work                  0.2460 
_refine_ls_shell.redundancy_reflns_all            ? 
_refine_ls_shell.redundancy_reflns_obs            ? 
_refine_ls_shell.wR_factor_all                    ? 
_refine_ls_shell.wR_factor_obs                    ? 
_refine_ls_shell.wR_factor_R_free                 ? 
_refine_ls_shell.wR_factor_R_work                 ? 
_refine_ls_shell.pdbx_total_number_of_bins_used   20 
_refine_ls_shell.pdbx_phase_error                 ? 
_refine_ls_shell.pdbx_fsc_work                    ? 
_refine_ls_shell.pdbx_fsc_free                    ? 
# 
loop_
_struct_ncs_dom.pdbx_ens_id 
_struct_ncs_dom.id 
_struct_ncs_dom.details 
1 1 A 
1 2 B 
# 
loop_
_struct_ncs_dom_lim.pdbx_ens_id 
_struct_ncs_dom_lim.dom_id 
_struct_ncs_dom_lim.pdbx_component_id 
_struct_ncs_dom_lim.beg_label_asym_id 
_struct_ncs_dom_lim.beg_label_comp_id 
_struct_ncs_dom_lim.beg_label_seq_id 
_struct_ncs_dom_lim.beg_label_alt_id 
_struct_ncs_dom_lim.end_label_asym_id 
_struct_ncs_dom_lim.end_label_comp_id 
_struct_ncs_dom_lim.end_label_seq_id 
_struct_ncs_dom_lim.end_label_alt_id 
_struct_ncs_dom_lim.beg_auth_asym_id 
_struct_ncs_dom_lim.beg_auth_comp_id 
_struct_ncs_dom_lim.beg_auth_seq_id 
_struct_ncs_dom_lim.end_auth_asym_id 
_struct_ncs_dom_lim.end_auth_comp_id 
_struct_ncs_dom_lim.end_auth_seq_id 
_struct_ncs_dom_lim.pdbx_refine_code 
_struct_ncs_dom_lim.selection_details 
1 1 0 A ALA 8 . A PRO 107 . A ALA 272 A PRO 371 0 ? 
1 2 0 B ALA 8 . B PRO 107 . B ALA 272 B PRO 371 0 ? 
# 
_struct_ncs_ens.id        1 
_struct_ncs_ens.details   ? 
# 
_struct.entry_id                     5EO3 
_struct.title                        'Crystal Structure of Pelota C terminal domain from human' 
_struct.pdbx_model_details           ? 
_struct.pdbx_formula_weight          ? 
_struct.pdbx_formula_weight_method   ? 
_struct.pdbx_model_type_details      ? 
_struct.pdbx_CASP_flag               ? 
# 
_struct_keywords.entry_id        5EO3 
_struct_keywords.text            'Pelota c terminal domain, CELL CYCLE' 
_struct_keywords.pdbx_keywords   'CELL CYCLE' 
# 
loop_
_struct_asym.id 
_struct_asym.pdbx_blank_PDB_chainid_flag 
_struct_asym.pdbx_modified 
_struct_asym.entity_id 
_struct_asym.details 
A N N 1 ? 
B N N 1 ? 
C N N 2 ? 
D N N 2 ? 
# 
_struct_ref.id                         1 
_struct_ref.db_name                    UNP 
_struct_ref.db_code                    PELO_HUMAN 
_struct_ref.pdbx_db_accession          Q9BRX2 
_struct_ref.pdbx_db_isoform            ? 
_struct_ref.entity_id                  1 
_struct_ref.pdbx_seq_one_letter_code   
;RLSDTKAAGEVKALDDFYKMLQHEPDRAFYGLKQVEKANEAMAIDTLLISDELFRHQDVATRSRYVRLVDSVKENAGTVR
IFSSLHVSGEQLSQLTGVAAILRFPVPELSDQEGDSSSEED
;
_struct_ref.pdbx_align_begin           265 
# 
loop_
_struct_ref_seq.align_id 
_struct_ref_seq.ref_id 
_struct_ref_seq.pdbx_PDB_id_code 
_struct_ref_seq.pdbx_strand_id 
_struct_ref_seq.seq_align_beg 
_struct_ref_seq.pdbx_seq_align_beg_ins_code 
_struct_ref_seq.seq_align_end 
_struct_ref_seq.pdbx_seq_align_end_ins_code 
_struct_ref_seq.pdbx_db_accession 
_struct_ref_seq.db_align_beg 
_struct_ref_seq.pdbx_db_align_beg_ins_code 
_struct_ref_seq.db_align_end 
_struct_ref_seq.pdbx_db_align_end_ins_code 
_struct_ref_seq.pdbx_auth_seq_align_beg 
_struct_ref_seq.pdbx_auth_seq_align_end 
1 1 5EO3 A 1 ? 121 ? Q9BRX2 265 ? 385 ? 265 385 
2 1 5EO3 B 1 ? 121 ? Q9BRX2 265 ? 385 ? 265 385 
# 
loop_
_pdbx_struct_assembly.id 
_pdbx_struct_assembly.details 
_pdbx_struct_assembly.method_details 
_pdbx_struct_assembly.oligomeric_details 
_pdbx_struct_assembly.oligomeric_count 
1 author_defined_assembly   ?    monomeric 1 
2 author_defined_assembly   ?    monomeric 1 
3 software_defined_assembly PISA dimeric   2 
# 
loop_
_pdbx_struct_assembly_prop.biol_id 
_pdbx_struct_assembly_prop.type 
_pdbx_struct_assembly_prop.value 
_pdbx_struct_assembly_prop.details 
3 'ABSA (A^2)' 940   ? 
3 MORE         -7    ? 
3 'SSA (A^2)'  11000 ? 
# 
loop_
_pdbx_struct_assembly_gen.assembly_id 
_pdbx_struct_assembly_gen.oper_expression 
_pdbx_struct_assembly_gen.asym_id_list 
1 1 A,C     
2 1 B,D     
3 1 A,B,C,D 
# 
_pdbx_struct_oper_list.id                   1 
_pdbx_struct_oper_list.type                 'identity operation' 
_pdbx_struct_oper_list.name                 1_555 
_pdbx_struct_oper_list.symmetry_operation   x,y,z 
_pdbx_struct_oper_list.matrix[1][1]         1.0000000000 
_pdbx_struct_oper_list.matrix[1][2]         0.0000000000 
_pdbx_struct_oper_list.matrix[1][3]         0.0000000000 
_pdbx_struct_oper_list.vector[1]            0.0000000000 
_pdbx_struct_oper_list.matrix[2][1]         0.0000000000 
_pdbx_struct_oper_list.matrix[2][2]         1.0000000000 
_pdbx_struct_oper_list.matrix[2][3]         0.0000000000 
_pdbx_struct_oper_list.vector[2]            0.0000000000 
_pdbx_struct_oper_list.matrix[3][1]         0.0000000000 
_pdbx_struct_oper_list.matrix[3][2]         0.0000000000 
_pdbx_struct_oper_list.matrix[3][3]         1.0000000000 
_pdbx_struct_oper_list.vector[3]            0.0000000000 
# 
loop_
_struct_conf.conf_type_id 
_struct_conf.id 
_struct_conf.pdbx_PDB_helix_id 
_struct_conf.beg_label_comp_id 
_struct_conf.beg_label_asym_id 
_struct_conf.beg_label_seq_id 
_struct_conf.pdbx_beg_PDB_ins_code 
_struct_conf.end_label_comp_id 
_struct_conf.end_label_asym_id 
_struct_conf.end_label_seq_id 
_struct_conf.pdbx_end_PDB_ins_code 
_struct_conf.beg_auth_comp_id 
_struct_conf.beg_auth_asym_id 
_struct_conf.beg_auth_seq_id 
_struct_conf.end_auth_comp_id 
_struct_conf.end_auth_asym_id 
_struct_conf.end_auth_seq_id 
_struct_conf.pdbx_PDB_helix_class 
_struct_conf.details 
_struct_conf.pdbx_PDB_helix_length 
HELX_P HELX_P1  AA1 ALA A 8  ? GLU A 24 ? ALA A 272 GLU A 288 1 ? 17 
HELX_P HELX_P2  AA2 GLY A 31 ? ALA A 41 ? GLY A 295 ALA A 305 1 ? 11 
HELX_P HELX_P3  AA3 GLU A 52 ? ARG A 55 ? GLU A 316 ARG A 319 5 ? 4  
HELX_P HELX_P4  AA4 VAL A 59 ? ASN A 75 ? VAL A 323 ASN A 339 1 ? 17 
HELX_P HELX_P5  AA5 HIS A 86 ? LEU A 95 ? HIS A 350 LEU A 359 1 ? 10 
HELX_P HELX_P6  AA6 ALA B 8  ? GLU B 24 ? ALA B 272 GLU B 288 1 ? 17 
HELX_P HELX_P7  AA7 GLY B 31 ? ALA B 41 ? GLY B 295 ALA B 305 1 ? 11 
HELX_P HELX_P8  AA8 GLU B 52 ? ARG B 55 ? GLU B 316 ARG B 319 5 ? 4  
HELX_P HELX_P9  AA9 VAL B 59 ? ASN B 75 ? VAL B 323 ASN B 339 1 ? 17 
HELX_P HELX_P10 AB1 HIS B 86 ? SER B 93 ? HIS B 350 SER B 357 1 ? 8  
HELX_P HELX_P11 AB2 GLN B 94 ? THR B 96 ? GLN B 358 THR B 360 5 ? 3  
# 
_struct_conf_type.id          HELX_P 
_struct_conf_type.criteria    ? 
_struct_conf_type.reference   ? 
# 
loop_
_struct_sheet.id 
_struct_sheet.type 
_struct_sheet.number_strands 
_struct_sheet.details 
AA1 ? 4 ? 
AA2 ? 4 ? 
# 
loop_
_struct_sheet_order.sheet_id 
_struct_sheet_order.range_id_1 
_struct_sheet_order.range_id_2 
_struct_sheet_order.offset 
_struct_sheet_order.sense 
AA1 1 2 ? anti-parallel 
AA1 2 3 ? anti-parallel 
AA1 3 4 ? parallel      
AA2 1 2 ? anti-parallel 
AA2 2 3 ? anti-parallel 
AA2 3 4 ? parallel      
# 
loop_
_struct_sheet_range.sheet_id 
_struct_sheet_range.id 
_struct_sheet_range.beg_label_comp_id 
_struct_sheet_range.beg_label_asym_id 
_struct_sheet_range.beg_label_seq_id 
_struct_sheet_range.pdbx_beg_PDB_ins_code 
_struct_sheet_range.end_label_comp_id 
_struct_sheet_range.end_label_asym_id 
_struct_sheet_range.end_label_seq_id 
_struct_sheet_range.pdbx_end_PDB_ins_code 
_struct_sheet_range.beg_auth_comp_id 
_struct_sheet_range.beg_auth_asym_id 
_struct_sheet_range.beg_auth_seq_id 
_struct_sheet_range.end_auth_comp_id 
_struct_sheet_range.end_auth_asym_id 
_struct_sheet_range.end_auth_seq_id 
AA1 1 ALA A 28 ? TYR A 30  ? ALA A 292 TYR A 294 
AA1 2 VAL A 98 ? LEU A 102 ? VAL A 362 LEU A 366 
AA1 3 ILE A 44 ? SER A 50  ? ILE A 308 SER A 314 
AA1 4 THR A 78 ? PHE A 82  ? THR A 342 PHE A 346 
AA2 1 ALA B 28 ? TYR B 30  ? ALA B 292 TYR B 294 
AA2 2 VAL B 98 ? LEU B 102 ? VAL B 362 LEU B 366 
AA2 3 ILE B 44 ? SER B 50  ? ILE B 308 SER B 314 
AA2 4 THR B 78 ? PHE B 82  ? THR B 342 PHE B 346 
# 
loop_
_pdbx_struct_sheet_hbond.sheet_id 
_pdbx_struct_sheet_hbond.range_id_1 
_pdbx_struct_sheet_hbond.range_id_2 
_pdbx_struct_sheet_hbond.range_1_label_atom_id 
_pdbx_struct_sheet_hbond.range_1_label_comp_id 
_pdbx_struct_sheet_hbond.range_1_label_asym_id 
_pdbx_struct_sheet_hbond.range_1_label_seq_id 
_pdbx_struct_sheet_hbond.range_1_PDB_ins_code 
_pdbx_struct_sheet_hbond.range_1_auth_atom_id 
_pdbx_struct_sheet_hbond.range_1_auth_comp_id 
_pdbx_struct_sheet_hbond.range_1_auth_asym_id 
_pdbx_struct_sheet_hbond.range_1_auth_seq_id 
_pdbx_struct_sheet_hbond.range_2_label_atom_id 
_pdbx_struct_sheet_hbond.range_2_label_comp_id 
_pdbx_struct_sheet_hbond.range_2_label_asym_id 
_pdbx_struct_sheet_hbond.range_2_label_seq_id 
_pdbx_struct_sheet_hbond.range_2_PDB_ins_code 
_pdbx_struct_sheet_hbond.range_2_auth_atom_id 
_pdbx_struct_sheet_hbond.range_2_auth_comp_id 
_pdbx_struct_sheet_hbond.range_2_auth_asym_id 
_pdbx_struct_sheet_hbond.range_2_auth_seq_id 
AA1 1 2 N PHE A 29 ? N PHE A 293 O ALA A 100 ? O ALA A 364 
AA1 2 3 O ALA A 99 ? O ALA A 363 N LEU A 48  ? N LEU A 312 
AA1 3 4 N LEU A 47 ? N LEU A 311 O THR A 78  ? O THR A 342 
AA2 1 2 N PHE B 29 ? N PHE B 293 O ALA B 100 ? O ALA B 364 
AA2 2 3 O ALA B 99 ? O ALA B 363 N LEU B 48  ? N LEU B 312 
AA2 3 4 N ILE B 49 ? N ILE B 313 O PHE B 82  ? O PHE B 346 
# 
_pdbx_validate_close_contact.id               1 
_pdbx_validate_close_contact.PDB_model_num    1 
_pdbx_validate_close_contact.auth_atom_id_1   OD1 
_pdbx_validate_close_contact.auth_asym_id_1   A 
_pdbx_validate_close_contact.auth_comp_id_1   ASP 
_pdbx_validate_close_contact.auth_seq_id_1    315 
_pdbx_validate_close_contact.PDB_ins_code_1   ? 
_pdbx_validate_close_contact.label_alt_id_1   ? 
_pdbx_validate_close_contact.auth_atom_id_2   NH2 
_pdbx_validate_close_contact.auth_asym_id_2   A 
_pdbx_validate_close_contact.auth_comp_id_2   ARG 
_pdbx_validate_close_contact.auth_seq_id_2    319 
_pdbx_validate_close_contact.PDB_ins_code_2   ? 
_pdbx_validate_close_contact.label_alt_id_2   ? 
_pdbx_validate_close_contact.dist             1.71 
# 
loop_
_pdbx_validate_rmsd_angle.id 
_pdbx_validate_rmsd_angle.PDB_model_num 
_pdbx_validate_rmsd_angle.auth_atom_id_1 
_pdbx_validate_rmsd_angle.auth_asym_id_1 
_pdbx_validate_rmsd_angle.auth_comp_id_1 
_pdbx_validate_rmsd_angle.auth_seq_id_1 
_pdbx_validate_rmsd_angle.PDB_ins_code_1 
_pdbx_validate_rmsd_angle.label_alt_id_1 
_pdbx_validate_rmsd_angle.auth_atom_id_2 
_pdbx_validate_rmsd_angle.auth_asym_id_2 
_pdbx_validate_rmsd_angle.auth_comp_id_2 
_pdbx_validate_rmsd_angle.auth_seq_id_2 
_pdbx_validate_rmsd_angle.PDB_ins_code_2 
_pdbx_validate_rmsd_angle.label_alt_id_2 
_pdbx_validate_rmsd_angle.auth_atom_id_3 
_pdbx_validate_rmsd_angle.auth_asym_id_3 
_pdbx_validate_rmsd_angle.auth_comp_id_3 
_pdbx_validate_rmsd_angle.auth_seq_id_3 
_pdbx_validate_rmsd_angle.PDB_ins_code_3 
_pdbx_validate_rmsd_angle.label_alt_id_3 
_pdbx_validate_rmsd_angle.angle_value 
_pdbx_validate_rmsd_angle.angle_target_value 
_pdbx_validate_rmsd_angle.angle_deviation 
_pdbx_validate_rmsd_angle.angle_standard_deviation 
_pdbx_validate_rmsd_angle.linker_flag 
1 1 NE A ARG 291 ? ? CZ A ARG 291 ? ? NH2 A ARG 291 ? ? 115.78 120.30 -4.52 0.50 N 
2 1 NE B ARG 291 ? ? CZ B ARG 291 ? ? NH2 B ARG 291 ? ? 116.34 120.30 -3.96 0.50 N 
# 
loop_
_pdbx_validate_torsion.id 
_pdbx_validate_torsion.PDB_model_num 
_pdbx_validate_torsion.auth_comp_id 
_pdbx_validate_torsion.auth_asym_id 
_pdbx_validate_torsion.auth_seq_id 
_pdbx_validate_torsion.PDB_ins_code 
_pdbx_validate_torsion.label_alt_id 
_pdbx_validate_torsion.phi 
_pdbx_validate_torsion.psi 
1 1 ASP A 290 ? ? -67.86 1.48   
2 1 THR A 360 ? ? 83.08  5.99   
3 1 ASP B 290 ? ? -69.68 0.14   
4 1 ASP B 309 ? ? -92.79 -61.81 
5 1 PRO B 371 ? ? -49.29 162.46 
# 
loop_
_pdbx_struct_special_symmetry.id 
_pdbx_struct_special_symmetry.PDB_model_num 
_pdbx_struct_special_symmetry.auth_asym_id 
_pdbx_struct_special_symmetry.auth_comp_id 
_pdbx_struct_special_symmetry.auth_seq_id 
_pdbx_struct_special_symmetry.PDB_ins_code 
_pdbx_struct_special_symmetry.label_asym_id 
_pdbx_struct_special_symmetry.label_comp_id 
_pdbx_struct_special_symmetry.label_seq_id 
1 1 A HOH 404 ? C HOH . 
2 1 B HOH 406 ? D HOH . 
# 
loop_
_pdbx_distant_solvent_atoms.id 
_pdbx_distant_solvent_atoms.PDB_model_num 
_pdbx_distant_solvent_atoms.auth_atom_id 
_pdbx_distant_solvent_atoms.label_alt_id 
_pdbx_distant_solvent_atoms.auth_asym_id 
_pdbx_distant_solvent_atoms.auth_comp_id 
_pdbx_distant_solvent_atoms.auth_seq_id 
_pdbx_distant_solvent_atoms.PDB_ins_code 
_pdbx_distant_solvent_atoms.neighbor_macromolecule_distance 
_pdbx_distant_solvent_atoms.neighbor_ligand_distance 
1 1 O ? A HOH 426 ? 10.19 . 
2 1 O ? B HOH 419 ? 6.31  . 
# 
loop_
_pdbx_unobs_or_zero_occ_residues.id 
_pdbx_unobs_or_zero_occ_residues.PDB_model_num 
_pdbx_unobs_or_zero_occ_residues.polymer_flag 
_pdbx_unobs_or_zero_occ_residues.occupancy_flag 
_pdbx_unobs_or_zero_occ_residues.auth_asym_id 
_pdbx_unobs_or_zero_occ_residues.auth_comp_id 
_pdbx_unobs_or_zero_occ_residues.auth_seq_id 
_pdbx_unobs_or_zero_occ_residues.PDB_ins_code 
_pdbx_unobs_or_zero_occ_residues.label_asym_id 
_pdbx_unobs_or_zero_occ_residues.label_comp_id 
_pdbx_unobs_or_zero_occ_residues.label_seq_id 
1  1 Y 1 A ARG 265 ? A ARG 1   
2  1 Y 1 A LEU 266 ? A LEU 2   
3  1 Y 1 A SER 267 ? A SER 3   
4  1 Y 1 A ASP 268 ? A ASP 4   
5  1 Y 1 A THR 269 ? A THR 5   
6  1 Y 1 A LYS 270 ? A LYS 6   
7  1 Y 1 A ALA 271 ? A ALA 7   
8  1 Y 1 A GLN 321 ? A GLN 57  
9  1 Y 1 A SER 374 ? A SER 110 
10 1 Y 1 A ASP 375 ? A ASP 111 
11 1 Y 1 A GLN 376 ? A GLN 112 
12 1 Y 1 A GLU 377 ? A GLU 113 
13 1 Y 1 A GLY 378 ? A GLY 114 
14 1 Y 1 A ASP 379 ? A ASP 115 
15 1 Y 1 A SER 380 ? A SER 116 
16 1 Y 1 A SER 381 ? A SER 117 
17 1 Y 1 A SER 382 ? A SER 118 
18 1 Y 1 A GLU 383 ? A GLU 119 
19 1 Y 1 A GLU 384 ? A GLU 120 
20 1 Y 1 A ASP 385 ? A ASP 121 
21 1 Y 1 B ARG 265 ? B ARG 1   
22 1 Y 1 B LEU 266 ? B LEU 2   
23 1 Y 1 B SER 267 ? B SER 3   
24 1 Y 1 B ASP 268 ? B ASP 4   
25 1 Y 1 B THR 269 ? B THR 5   
26 1 Y 1 B LYS 270 ? B LYS 6   
27 1 Y 1 B HIS 320 ? B HIS 56  
28 1 Y 1 B GLN 321 ? B GLN 57  
29 1 Y 1 B LEU 373 ? B LEU 109 
30 1 Y 1 B SER 374 ? B SER 110 
31 1 Y 1 B ASP 375 ? B ASP 111 
32 1 Y 1 B GLN 376 ? B GLN 112 
33 1 Y 1 B GLU 377 ? B GLU 113 
34 1 Y 1 B GLY 378 ? B GLY 114 
35 1 Y 1 B ASP 379 ? B ASP 115 
36 1 Y 1 B SER 380 ? B SER 116 
37 1 Y 1 B SER 381 ? B SER 117 
38 1 Y 1 B SER 382 ? B SER 118 
39 1 Y 1 B GLU 383 ? B GLU 119 
40 1 Y 1 B GLU 384 ? B GLU 120 
41 1 Y 1 B ASP 385 ? B ASP 121 
# 
loop_
_chem_comp_atom.comp_id 
_chem_comp_atom.atom_id 
_chem_comp_atom.type_symbol 
_chem_comp_atom.pdbx_aromatic_flag 
_chem_comp_atom.pdbx_stereo_config 
_chem_comp_atom.pdbx_ordinal 
ALA N    N N N 1   
ALA CA   C N S 2   
ALA C    C N N 3   
ALA O    O N N 4   
ALA CB   C N N 5   
ALA OXT  O N N 6   
ALA H    H N N 7   
ALA H2   H N N 8   
ALA HA   H N N 9   
ALA HB1  H N N 10  
ALA HB2  H N N 11  
ALA HB3  H N N 12  
ALA HXT  H N N 13  
ARG N    N N N 14  
ARG CA   C N S 15  
ARG C    C N N 16  
ARG O    O N N 17  
ARG CB   C N N 18  
ARG CG   C N N 19  
ARG CD   C N N 20  
ARG NE   N N N 21  
ARG CZ   C N N 22  
ARG NH1  N N N 23  
ARG NH2  N N N 24  
ARG OXT  O N N 25  
ARG H    H N N 26  
ARG H2   H N N 27  
ARG HA   H N N 28  
ARG HB2  H N N 29  
ARG HB3  H N N 30  
ARG HG2  H N N 31  
ARG HG3  H N N 32  
ARG HD2  H N N 33  
ARG HD3  H N N 34  
ARG HE   H N N 35  
ARG HH11 H N N 36  
ARG HH12 H N N 37  
ARG HH21 H N N 38  
ARG HH22 H N N 39  
ARG HXT  H N N 40  
ASN N    N N N 41  
ASN CA   C N S 42  
ASN C    C N N 43  
ASN O    O N N 44  
ASN CB   C N N 45  
ASN CG   C N N 46  
ASN OD1  O N N 47  
ASN ND2  N N N 48  
ASN OXT  O N N 49  
ASN H    H N N 50  
ASN H2   H N N 51  
ASN HA   H N N 52  
ASN HB2  H N N 53  
ASN HB3  H N N 54  
ASN HD21 H N N 55  
ASN HD22 H N N 56  
ASN HXT  H N N 57  
ASP N    N N N 58  
ASP CA   C N S 59  
ASP C    C N N 60  
ASP O    O N N 61  
ASP CB   C N N 62  
ASP CG   C N N 63  
ASP OD1  O N N 64  
ASP OD2  O N N 65  
ASP OXT  O N N 66  
ASP H    H N N 67  
ASP H2   H N N 68  
ASP HA   H N N 69  
ASP HB2  H N N 70  
ASP HB3  H N N 71  
ASP HD2  H N N 72  
ASP HXT  H N N 73  
GLN N    N N N 74  
GLN CA   C N S 75  
GLN C    C N N 76  
GLN O    O N N 77  
GLN CB   C N N 78  
GLN CG   C N N 79  
GLN CD   C N N 80  
GLN OE1  O N N 81  
GLN NE2  N N N 82  
GLN OXT  O N N 83  
GLN H    H N N 84  
GLN H2   H N N 85  
GLN HA   H N N 86  
GLN HB2  H N N 87  
GLN HB3  H N N 88  
GLN HG2  H N N 89  
GLN HG3  H N N 90  
GLN HE21 H N N 91  
GLN HE22 H N N 92  
GLN HXT  H N N 93  
GLU N    N N N 94  
GLU CA   C N S 95  
GLU C    C N N 96  
GLU O    O N N 97  
GLU CB   C N N 98  
GLU CG   C N N 99  
GLU CD   C N N 100 
GLU OE1  O N N 101 
GLU OE2  O N N 102 
GLU OXT  O N N 103 
GLU H    H N N 104 
GLU H2   H N N 105 
GLU HA   H N N 106 
GLU HB2  H N N 107 
GLU HB3  H N N 108 
GLU HG2  H N N 109 
GLU HG3  H N N 110 
GLU HE2  H N N 111 
GLU HXT  H N N 112 
GLY N    N N N 113 
GLY CA   C N N 114 
GLY C    C N N 115 
GLY O    O N N 116 
GLY OXT  O N N 117 
GLY H    H N N 118 
GLY H2   H N N 119 
GLY HA2  H N N 120 
GLY HA3  H N N 121 
GLY HXT  H N N 122 
HIS N    N N N 123 
HIS CA   C N S 124 
HIS C    C N N 125 
HIS O    O N N 126 
HIS CB   C N N 127 
HIS CG   C Y N 128 
HIS ND1  N Y N 129 
HIS CD2  C Y N 130 
HIS CE1  C Y N 131 
HIS NE2  N Y N 132 
HIS OXT  O N N 133 
HIS H    H N N 134 
HIS H2   H N N 135 
HIS HA   H N N 136 
HIS HB2  H N N 137 
HIS HB3  H N N 138 
HIS HD1  H N N 139 
HIS HD2  H N N 140 
HIS HE1  H N N 141 
HIS HE2  H N N 142 
HIS HXT  H N N 143 
HOH O    O N N 144 
HOH H1   H N N 145 
HOH H2   H N N 146 
ILE N    N N N 147 
ILE CA   C N S 148 
ILE C    C N N 149 
ILE O    O N N 150 
ILE CB   C N S 151 
ILE CG1  C N N 152 
ILE CG2  C N N 153 
ILE CD1  C N N 154 
ILE OXT  O N N 155 
ILE H    H N N 156 
ILE H2   H N N 157 
ILE HA   H N N 158 
ILE HB   H N N 159 
ILE HG12 H N N 160 
ILE HG13 H N N 161 
ILE HG21 H N N 162 
ILE HG22 H N N 163 
ILE HG23 H N N 164 
ILE HD11 H N N 165 
ILE HD12 H N N 166 
ILE HD13 H N N 167 
ILE HXT  H N N 168 
LEU N    N N N 169 
LEU CA   C N S 170 
LEU C    C N N 171 
LEU O    O N N 172 
LEU CB   C N N 173 
LEU CG   C N N 174 
LEU CD1  C N N 175 
LEU CD2  C N N 176 
LEU OXT  O N N 177 
LEU H    H N N 178 
LEU H2   H N N 179 
LEU HA   H N N 180 
LEU HB2  H N N 181 
LEU HB3  H N N 182 
LEU HG   H N N 183 
LEU HD11 H N N 184 
LEU HD12 H N N 185 
LEU HD13 H N N 186 
LEU HD21 H N N 187 
LEU HD22 H N N 188 
LEU HD23 H N N 189 
LEU HXT  H N N 190 
LYS N    N N N 191 
LYS CA   C N S 192 
LYS C    C N N 193 
LYS O    O N N 194 
LYS CB   C N N 195 
LYS CG   C N N 196 
LYS CD   C N N 197 
LYS CE   C N N 198 
LYS NZ   N N N 199 
LYS OXT  O N N 200 
LYS H    H N N 201 
LYS H2   H N N 202 
LYS HA   H N N 203 
LYS HB2  H N N 204 
LYS HB3  H N N 205 
LYS HG2  H N N 206 
LYS HG3  H N N 207 
LYS HD2  H N N 208 
LYS HD3  H N N 209 
LYS HE2  H N N 210 
LYS HE3  H N N 211 
LYS HZ1  H N N 212 
LYS HZ2  H N N 213 
LYS HZ3  H N N 214 
LYS HXT  H N N 215 
MET N    N N N 216 
MET CA   C N S 217 
MET C    C N N 218 
MET O    O N N 219 
MET CB   C N N 220 
MET CG   C N N 221 
MET SD   S N N 222 
MET CE   C N N 223 
MET OXT  O N N 224 
MET H    H N N 225 
MET H2   H N N 226 
MET HA   H N N 227 
MET HB2  H N N 228 
MET HB3  H N N 229 
MET HG2  H N N 230 
MET HG3  H N N 231 
MET HE1  H N N 232 
MET HE2  H N N 233 
MET HE3  H N N 234 
MET HXT  H N N 235 
PHE N    N N N 236 
PHE CA   C N S 237 
PHE C    C N N 238 
PHE O    O N N 239 
PHE CB   C N N 240 
PHE CG   C Y N 241 
PHE CD1  C Y N 242 
PHE CD2  C Y N 243 
PHE CE1  C Y N 244 
PHE CE2  C Y N 245 
PHE CZ   C Y N 246 
PHE OXT  O N N 247 
PHE H    H N N 248 
PHE H2   H N N 249 
PHE HA   H N N 250 
PHE HB2  H N N 251 
PHE HB3  H N N 252 
PHE HD1  H N N 253 
PHE HD2  H N N 254 
PHE HE1  H N N 255 
PHE HE2  H N N 256 
PHE HZ   H N N 257 
PHE HXT  H N N 258 
PRO N    N N N 259 
PRO CA   C N S 260 
PRO C    C N N 261 
PRO O    O N N 262 
PRO CB   C N N 263 
PRO CG   C N N 264 
PRO CD   C N N 265 
PRO OXT  O N N 266 
PRO H    H N N 267 
PRO HA   H N N 268 
PRO HB2  H N N 269 
PRO HB3  H N N 270 
PRO HG2  H N N 271 
PRO HG3  H N N 272 
PRO HD2  H N N 273 
PRO HD3  H N N 274 
PRO HXT  H N N 275 
SER N    N N N 276 
SER CA   C N S 277 
SER C    C N N 278 
SER O    O N N 279 
SER CB   C N N 280 
SER OG   O N N 281 
SER OXT  O N N 282 
SER H    H N N 283 
SER H2   H N N 284 
SER HA   H N N 285 
SER HB2  H N N 286 
SER HB3  H N N 287 
SER HG   H N N 288 
SER HXT  H N N 289 
THR N    N N N 290 
THR CA   C N S 291 
THR C    C N N 292 
THR O    O N N 293 
THR CB   C N R 294 
THR OG1  O N N 295 
THR CG2  C N N 296 
THR OXT  O N N 297 
THR H    H N N 298 
THR H2   H N N 299 
THR HA   H N N 300 
THR HB   H N N 301 
THR HG1  H N N 302 
THR HG21 H N N 303 
THR HG22 H N N 304 
THR HG23 H N N 305 
THR HXT  H N N 306 
TYR N    N N N 307 
TYR CA   C N S 308 
TYR C    C N N 309 
TYR O    O N N 310 
TYR CB   C N N 311 
TYR CG   C Y N 312 
TYR CD1  C Y N 313 
TYR CD2  C Y N 314 
TYR CE1  C Y N 315 
TYR CE2  C Y N 316 
TYR CZ   C Y N 317 
TYR OH   O N N 318 
TYR OXT  O N N 319 
TYR H    H N N 320 
TYR H2   H N N 321 
TYR HA   H N N 322 
TYR HB2  H N N 323 
TYR HB3  H N N 324 
TYR HD1  H N N 325 
TYR HD2  H N N 326 
TYR HE1  H N N 327 
TYR HE2  H N N 328 
TYR HH   H N N 329 
TYR HXT  H N N 330 
VAL N    N N N 331 
VAL CA   C N S 332 
VAL C    C N N 333 
VAL O    O N N 334 
VAL CB   C N N 335 
VAL CG1  C N N 336 
VAL CG2  C N N 337 
VAL OXT  O N N 338 
VAL H    H N N 339 
VAL H2   H N N 340 
VAL HA   H N N 341 
VAL HB   H N N 342 
VAL HG11 H N N 343 
VAL HG12 H N N 344 
VAL HG13 H N N 345 
VAL HG21 H N N 346 
VAL HG22 H N N 347 
VAL HG23 H N N 348 
VAL HXT  H N N 349 
# 
loop_
_chem_comp_bond.comp_id 
_chem_comp_bond.atom_id_1 
_chem_comp_bond.atom_id_2 
_chem_comp_bond.value_order 
_chem_comp_bond.pdbx_aromatic_flag 
_chem_comp_bond.pdbx_stereo_config 
_chem_comp_bond.pdbx_ordinal 
ALA N   CA   sing N N 1   
ALA N   H    sing N N 2   
ALA N   H2   sing N N 3   
ALA CA  C    sing N N 4   
ALA CA  CB   sing N N 5   
ALA CA  HA   sing N N 6   
ALA C   O    doub N N 7   
ALA C   OXT  sing N N 8   
ALA CB  HB1  sing N N 9   
ALA CB  HB2  sing N N 10  
ALA CB  HB3  sing N N 11  
ALA OXT HXT  sing N N 12  
ARG N   CA   sing N N 13  
ARG N   H    sing N N 14  
ARG N   H2   sing N N 15  
ARG CA  C    sing N N 16  
ARG CA  CB   sing N N 17  
ARG CA  HA   sing N N 18  
ARG C   O    doub N N 19  
ARG C   OXT  sing N N 20  
ARG CB  CG   sing N N 21  
ARG CB  HB2  sing N N 22  
ARG CB  HB3  sing N N 23  
ARG CG  CD   sing N N 24  
ARG CG  HG2  sing N N 25  
ARG CG  HG3  sing N N 26  
ARG CD  NE   sing N N 27  
ARG CD  HD2  sing N N 28  
ARG CD  HD3  sing N N 29  
ARG NE  CZ   sing N N 30  
ARG NE  HE   sing N N 31  
ARG CZ  NH1  sing N N 32  
ARG CZ  NH2  doub N N 33  
ARG NH1 HH11 sing N N 34  
ARG NH1 HH12 sing N N 35  
ARG NH2 HH21 sing N N 36  
ARG NH2 HH22 sing N N 37  
ARG OXT HXT  sing N N 38  
ASN N   CA   sing N N 39  
ASN N   H    sing N N 40  
ASN N   H2   sing N N 41  
ASN CA  C    sing N N 42  
ASN CA  CB   sing N N 43  
ASN CA  HA   sing N N 44  
ASN C   O    doub N N 45  
ASN C   OXT  sing N N 46  
ASN CB  CG   sing N N 47  
ASN CB  HB2  sing N N 48  
ASN CB  HB3  sing N N 49  
ASN CG  OD1  doub N N 50  
ASN CG  ND2  sing N N 51  
ASN ND2 HD21 sing N N 52  
ASN ND2 HD22 sing N N 53  
ASN OXT HXT  sing N N 54  
ASP N   CA   sing N N 55  
ASP N   H    sing N N 56  
ASP N   H2   sing N N 57  
ASP CA  C    sing N N 58  
ASP CA  CB   sing N N 59  
ASP CA  HA   sing N N 60  
ASP C   O    doub N N 61  
ASP C   OXT  sing N N 62  
ASP CB  CG   sing N N 63  
ASP CB  HB2  sing N N 64  
ASP CB  HB3  sing N N 65  
ASP CG  OD1  doub N N 66  
ASP CG  OD2  sing N N 67  
ASP OD2 HD2  sing N N 68  
ASP OXT HXT  sing N N 69  
GLN N   CA   sing N N 70  
GLN N   H    sing N N 71  
GLN N   H2   sing N N 72  
GLN CA  C    sing N N 73  
GLN CA  CB   sing N N 74  
GLN CA  HA   sing N N 75  
GLN C   O    doub N N 76  
GLN C   OXT  sing N N 77  
GLN CB  CG   sing N N 78  
GLN CB  HB2  sing N N 79  
GLN CB  HB3  sing N N 80  
GLN CG  CD   sing N N 81  
GLN CG  HG2  sing N N 82  
GLN CG  HG3  sing N N 83  
GLN CD  OE1  doub N N 84  
GLN CD  NE2  sing N N 85  
GLN NE2 HE21 sing N N 86  
GLN NE2 HE22 sing N N 87  
GLN OXT HXT  sing N N 88  
GLU N   CA   sing N N 89  
GLU N   H    sing N N 90  
GLU N   H2   sing N N 91  
GLU CA  C    sing N N 92  
GLU CA  CB   sing N N 93  
GLU CA  HA   sing N N 94  
GLU C   O    doub N N 95  
GLU C   OXT  sing N N 96  
GLU CB  CG   sing N N 97  
GLU CB  HB2  sing N N 98  
GLU CB  HB3  sing N N 99  
GLU CG  CD   sing N N 100 
GLU CG  HG2  sing N N 101 
GLU CG  HG3  sing N N 102 
GLU CD  OE1  doub N N 103 
GLU CD  OE2  sing N N 104 
GLU OE2 HE2  sing N N 105 
GLU OXT HXT  sing N N 106 
GLY N   CA   sing N N 107 
GLY N   H    sing N N 108 
GLY N   H2   sing N N 109 
GLY CA  C    sing N N 110 
GLY CA  HA2  sing N N 111 
GLY CA  HA3  sing N N 112 
GLY C   O    doub N N 113 
GLY C   OXT  sing N N 114 
GLY OXT HXT  sing N N 115 
HIS N   CA   sing N N 116 
HIS N   H    sing N N 117 
HIS N   H2   sing N N 118 
HIS CA  C    sing N N 119 
HIS CA  CB   sing N N 120 
HIS CA  HA   sing N N 121 
HIS C   O    doub N N 122 
HIS C   OXT  sing N N 123 
HIS CB  CG   sing N N 124 
HIS CB  HB2  sing N N 125 
HIS CB  HB3  sing N N 126 
HIS CG  ND1  sing Y N 127 
HIS CG  CD2  doub Y N 128 
HIS ND1 CE1  doub Y N 129 
HIS ND1 HD1  sing N N 130 
HIS CD2 NE2  sing Y N 131 
HIS CD2 HD2  sing N N 132 
HIS CE1 NE2  sing Y N 133 
HIS CE1 HE1  sing N N 134 
HIS NE2 HE2  sing N N 135 
HIS OXT HXT  sing N N 136 
HOH O   H1   sing N N 137 
HOH O   H2   sing N N 138 
ILE N   CA   sing N N 139 
ILE N   H    sing N N 140 
ILE N   H2   sing N N 141 
ILE CA  C    sing N N 142 
ILE CA  CB   sing N N 143 
ILE CA  HA   sing N N 144 
ILE C   O    doub N N 145 
ILE C   OXT  sing N N 146 
ILE CB  CG1  sing N N 147 
ILE CB  CG2  sing N N 148 
ILE CB  HB   sing N N 149 
ILE CG1 CD1  sing N N 150 
ILE CG1 HG12 sing N N 151 
ILE CG1 HG13 sing N N 152 
ILE CG2 HG21 sing N N 153 
ILE CG2 HG22 sing N N 154 
ILE CG2 HG23 sing N N 155 
ILE CD1 HD11 sing N N 156 
ILE CD1 HD12 sing N N 157 
ILE CD1 HD13 sing N N 158 
ILE OXT HXT  sing N N 159 
LEU N   CA   sing N N 160 
LEU N   H    sing N N 161 
LEU N   H2   sing N N 162 
LEU CA  C    sing N N 163 
LEU CA  CB   sing N N 164 
LEU CA  HA   sing N N 165 
LEU C   O    doub N N 166 
LEU C   OXT  sing N N 167 
LEU CB  CG   sing N N 168 
LEU CB  HB2  sing N N 169 
LEU CB  HB3  sing N N 170 
LEU CG  CD1  sing N N 171 
LEU CG  CD2  sing N N 172 
LEU CG  HG   sing N N 173 
LEU CD1 HD11 sing N N 174 
LEU CD1 HD12 sing N N 175 
LEU CD1 HD13 sing N N 176 
LEU CD2 HD21 sing N N 177 
LEU CD2 HD22 sing N N 178 
LEU CD2 HD23 sing N N 179 
LEU OXT HXT  sing N N 180 
LYS N   CA   sing N N 181 
LYS N   H    sing N N 182 
LYS N   H2   sing N N 183 
LYS CA  C    sing N N 184 
LYS CA  CB   sing N N 185 
LYS CA  HA   sing N N 186 
LYS C   O    doub N N 187 
LYS C   OXT  sing N N 188 
LYS CB  CG   sing N N 189 
LYS CB  HB2  sing N N 190 
LYS CB  HB3  sing N N 191 
LYS CG  CD   sing N N 192 
LYS CG  HG2  sing N N 193 
LYS CG  HG3  sing N N 194 
LYS CD  CE   sing N N 195 
LYS CD  HD2  sing N N 196 
LYS CD  HD3  sing N N 197 
LYS CE  NZ   sing N N 198 
LYS CE  HE2  sing N N 199 
LYS CE  HE3  sing N N 200 
LYS NZ  HZ1  sing N N 201 
LYS NZ  HZ2  sing N N 202 
LYS NZ  HZ3  sing N N 203 
LYS OXT HXT  sing N N 204 
MET N   CA   sing N N 205 
MET N   H    sing N N 206 
MET N   H2   sing N N 207 
MET CA  C    sing N N 208 
MET CA  CB   sing N N 209 
MET CA  HA   sing N N 210 
MET C   O    doub N N 211 
MET C   OXT  sing N N 212 
MET CB  CG   sing N N 213 
MET CB  HB2  sing N N 214 
MET CB  HB3  sing N N 215 
MET CG  SD   sing N N 216 
MET CG  HG2  sing N N 217 
MET CG  HG3  sing N N 218 
MET SD  CE   sing N N 219 
MET CE  HE1  sing N N 220 
MET CE  HE2  sing N N 221 
MET CE  HE3  sing N N 222 
MET OXT HXT  sing N N 223 
PHE N   CA   sing N N 224 
PHE N   H    sing N N 225 
PHE N   H2   sing N N 226 
PHE CA  C    sing N N 227 
PHE CA  CB   sing N N 228 
PHE CA  HA   sing N N 229 
PHE C   O    doub N N 230 
PHE C   OXT  sing N N 231 
PHE CB  CG   sing N N 232 
PHE CB  HB2  sing N N 233 
PHE CB  HB3  sing N N 234 
PHE CG  CD1  doub Y N 235 
PHE CG  CD2  sing Y N 236 
PHE CD1 CE1  sing Y N 237 
PHE CD1 HD1  sing N N 238 
PHE CD2 CE2  doub Y N 239 
PHE CD2 HD2  sing N N 240 
PHE CE1 CZ   doub Y N 241 
PHE CE1 HE1  sing N N 242 
PHE CE2 CZ   sing Y N 243 
PHE CE2 HE2  sing N N 244 
PHE CZ  HZ   sing N N 245 
PHE OXT HXT  sing N N 246 
PRO N   CA   sing N N 247 
PRO N   CD   sing N N 248 
PRO N   H    sing N N 249 
PRO CA  C    sing N N 250 
PRO CA  CB   sing N N 251 
PRO CA  HA   sing N N 252 
PRO C   O    doub N N 253 
PRO C   OXT  sing N N 254 
PRO CB  CG   sing N N 255 
PRO CB  HB2  sing N N 256 
PRO CB  HB3  sing N N 257 
PRO CG  CD   sing N N 258 
PRO CG  HG2  sing N N 259 
PRO CG  HG3  sing N N 260 
PRO CD  HD2  sing N N 261 
PRO CD  HD3  sing N N 262 
PRO OXT HXT  sing N N 263 
SER N   CA   sing N N 264 
SER N   H    sing N N 265 
SER N   H2   sing N N 266 
SER CA  C    sing N N 267 
SER CA  CB   sing N N 268 
SER CA  HA   sing N N 269 
SER C   O    doub N N 270 
SER C   OXT  sing N N 271 
SER CB  OG   sing N N 272 
SER CB  HB2  sing N N 273 
SER CB  HB3  sing N N 274 
SER OG  HG   sing N N 275 
SER OXT HXT  sing N N 276 
THR N   CA   sing N N 277 
THR N   H    sing N N 278 
THR N   H2   sing N N 279 
THR CA  C    sing N N 280 
THR CA  CB   sing N N 281 
THR CA  HA   sing N N 282 
THR C   O    doub N N 283 
THR C   OXT  sing N N 284 
THR CB  OG1  sing N N 285 
THR CB  CG2  sing N N 286 
THR CB  HB   sing N N 287 
THR OG1 HG1  sing N N 288 
THR CG2 HG21 sing N N 289 
THR CG2 HG22 sing N N 290 
THR CG2 HG23 sing N N 291 
THR OXT HXT  sing N N 292 
TYR N   CA   sing N N 293 
TYR N   H    sing N N 294 
TYR N   H2   sing N N 295 
TYR CA  C    sing N N 296 
TYR CA  CB   sing N N 297 
TYR CA  HA   sing N N 298 
TYR C   O    doub N N 299 
TYR C   OXT  sing N N 300 
TYR CB  CG   sing N N 301 
TYR CB  HB2  sing N N 302 
TYR CB  HB3  sing N N 303 
TYR CG  CD1  doub Y N 304 
TYR CG  CD2  sing Y N 305 
TYR CD1 CE1  sing Y N 306 
TYR CD1 HD1  sing N N 307 
TYR CD2 CE2  doub Y N 308 
TYR CD2 HD2  sing N N 309 
TYR CE1 CZ   doub Y N 310 
TYR CE1 HE1  sing N N 311 
TYR CE2 CZ   sing Y N 312 
TYR CE2 HE2  sing N N 313 
TYR CZ  OH   sing N N 314 
TYR OH  HH   sing N N 315 
TYR OXT HXT  sing N N 316 
VAL N   CA   sing N N 317 
VAL N   H    sing N N 318 
VAL N   H2   sing N N 319 
VAL CA  C    sing N N 320 
VAL CA  CB   sing N N 321 
VAL CA  HA   sing N N 322 
VAL C   O    doub N N 323 
VAL C   OXT  sing N N 324 
VAL CB  CG1  sing N N 325 
VAL CB  CG2  sing N N 326 
VAL CB  HB   sing N N 327 
VAL CG1 HG11 sing N N 328 
VAL CG1 HG12 sing N N 329 
VAL CG1 HG13 sing N N 330 
VAL CG2 HG21 sing N N 331 
VAL CG2 HG22 sing N N 332 
VAL CG2 HG23 sing N N 333 
VAL OXT HXT  sing N N 334 
# 
_atom_sites.entry_id                    5EO3 
_atom_sites.fract_transf_matrix[1][1]   0.01069778 
_atom_sites.fract_transf_matrix[1][2]   -0.00341210 
_atom_sites.fract_transf_matrix[1][3]   0.00940907 
_atom_sites.fract_transf_matrix[2][1]   0.01388880 
_atom_sites.fract_transf_matrix[2][2]   -0.00062935 
_atom_sites.fract_transf_matrix[2][3]   -0.00461500 
_atom_sites.fract_transf_matrix[3][1]   0.00059041 
_atom_sites.fract_transf_matrix[3][2]   0.00490594 
_atom_sites.fract_transf_matrix[3][3]   0.00110781 
_atom_sites.fract_transf_vector[1]      -0.346911 
_atom_sites.fract_transf_vector[2]      0.137011 
_atom_sites.fract_transf_vector[3]      -0.150941 
# 
loop_
_atom_type.symbol 
C 
N 
O 
S 
# 
loop_
_atom_site.group_PDB 
_atom_site.id 
_atom_site.type_symbol 
_atom_site.label_atom_id 
_atom_site.label_alt_id 
_atom_site.label_comp_id 
_atom_site.label_asym_id 
_atom_site.label_entity_id 
_atom_site.label_seq_id 
_atom_site.pdbx_PDB_ins_code 
_atom_site.Cartn_x 
_atom_site.Cartn_y 
_atom_site.Cartn_z 
_atom_site.occupancy 
_atom_site.B_iso_or_equiv 
_atom_site.pdbx_formal_charge 
_atom_site.auth_seq_id 
_atom_site.auth_comp_id 
_atom_site.auth_asym_id 
_atom_site.auth_atom_id 
_atom_site.pdbx_PDB_model_num 
ATOM   1    N N   . ALA A 1 8   ? -1.102  3.564   -10.893 1.00 58.38  ? 272 ALA A N   1 
ATOM   2    C CA  . ALA A 1 8   ? -0.046  3.077   -11.825 1.00 65.40  ? 272 ALA A CA  1 
ATOM   3    C C   . ALA A 1 8   ? 1.261   3.827   -11.583 1.00 71.67  ? 272 ALA A C   1 
ATOM   4    O O   . ALA A 1 8   ? 2.212   3.252   -11.036 1.00 57.77  ? 272 ALA A O   1 
ATOM   5    C CB  . ALA A 1 8   ? -0.500  3.249   -13.270 1.00 73.01  ? 272 ALA A CB  1 
ATOM   6    N N   . GLY A 1 9   ? 1.310   5.095   -12.053 1.00 77.06  ? 273 GLY A N   1 
ATOM   7    C CA  . GLY A 1 9   ? 2.289   6.115   -11.593 1.00 64.10  ? 273 GLY A CA  1 
ATOM   8    C C   . GLY A 1 9   ? 2.082   6.469   -10.133 1.00 58.80  ? 273 GLY A C   1 
ATOM   9    O O   . GLY A 1 9   ? 3.012   6.743   -9.380  1.00 51.94  ? 273 GLY A O   1 
ATOM   10   N N   . GLU A 1 10  ? 0.820   6.459   -9.754  1.00 56.77  ? 274 GLU A N   1 
ATOM   11   C CA  . GLU A 1 10  ? 0.402   6.709   -8.411  1.00 55.81  ? 274 GLU A CA  1 
ATOM   12   C C   . GLU A 1 10  ? 1.050   5.697   -7.467  1.00 56.71  ? 274 GLU A C   1 
ATOM   13   O O   . GLU A 1 10  ? 1.585   6.075   -6.435  1.00 53.52  ? 274 GLU A O   1 
ATOM   14   C CB  . GLU A 1 10  ? -1.147  6.650   -8.381  1.00 64.78  ? 274 GLU A CB  1 
ATOM   15   C CG  . GLU A 1 10  ? -1.821  6.056   -7.132  1.00 72.67  ? 274 GLU A CG  1 
ATOM   16   C CD  . GLU A 1 10  ? -3.363  6.289   -7.081  1.00 78.58  ? 274 GLU A CD  1 
ATOM   17   O OE1 . GLU A 1 10  ? -4.116  5.428   -6.543  1.00 70.71  ? 274 GLU A OE1 1 
ATOM   18   O OE2 . GLU A 1 10  ? -3.846  7.332   -7.581  1.00 80.64  ? 274 GLU A OE2 1 
ATOM   19   N N   . VAL A 1 11  ? 1.019   4.407   -7.833  1.00 58.88  ? 275 VAL A N   1 
ATOM   20   C CA  . VAL A 1 11  ? 1.481   3.333   -6.919  1.00 48.77  ? 275 VAL A CA  1 
ATOM   21   C C   . VAL A 1 11  ? 3.025   3.269   -6.955  1.00 43.66  ? 275 VAL A C   1 
ATOM   22   O O   . VAL A 1 11  ? 3.678   3.016   -5.926  1.00 37.00  ? 275 VAL A O   1 
ATOM   23   C CB  . VAL A 1 11  ? 0.794   1.938   -7.170  1.00 55.53  ? 275 VAL A CB  1 
ATOM   24   C CG1 . VAL A 1 11  ? 0.003   1.949   -8.463  1.00 62.06  ? 275 VAL A CG1 1 
ATOM   25   C CG2 . VAL A 1 11  ? 1.796   0.755   -7.178  1.00 51.64  ? 275 VAL A CG2 1 
ATOM   26   N N   . LYS A 1 12  ? 3.604   3.567   -8.104  1.00 37.03  ? 276 LYS A N   1 
ATOM   27   C CA  . LYS A 1 12  ? 5.038   3.753   -8.177  1.00 43.46  ? 276 LYS A CA  1 
ATOM   28   C C   . LYS A 1 12  ? 5.511   4.881   -7.237  1.00 44.56  ? 276 LYS A C   1 
ATOM   29   O O   . LYS A 1 12  ? 6.499   4.704   -6.510  1.00 41.59  ? 276 LYS A O   1 
ATOM   30   C CB  . LYS A 1 12  ? 5.458   4.073   -9.596  1.00 47.74  ? 276 LYS A CB  1 
ATOM   31   C CG  . LYS A 1 12  ? 6.790   3.514   -10.075 1.00 55.89  ? 276 LYS A CG  1 
ATOM   32   C CD  . LYS A 1 12  ? 7.831   3.251   -8.976  1.00 61.21  ? 276 LYS A CD  1 
ATOM   33   C CE  . LYS A 1 12  ? 9.309   3.208   -9.431  1.00 58.20  ? 276 LYS A CE  1 
ATOM   34   N NZ  . LYS A 1 12  ? 9.920   4.619   -9.475  1.00 48.08  ? 276 LYS A NZ  1 
ATOM   35   N N   . ALA A 1 13  ? 4.783   5.991   -7.183  1.00 37.98  ? 277 ALA A N   1 
ATOM   36   C CA  . ALA A 1 13  ? 5.219   7.101   -6.358  1.00 41.04  ? 277 ALA A CA  1 
ATOM   37   C C   . ALA A 1 13  ? 5.121   6.778   -4.895  1.00 42.15  ? 277 ALA A C   1 
ATOM   38   O O   . ALA A 1 13  ? 6.002   7.092   -4.109  1.00 42.83  ? 277 ALA A O   1 
ATOM   39   C CB  . ALA A 1 13  ? 4.396   8.330   -6.633  1.00 38.38  ? 277 ALA A CB  1 
ATOM   40   N N   . LEU A 1 14  ? 4.037   6.138   -4.517  1.00 40.99  ? 278 LEU A N   1 
ATOM   41   C CA  . LEU A 1 14  ? 3.821   5.826   -3.112  1.00 39.63  ? 278 LEU A CA  1 
ATOM   42   C C   . LEU A 1 14  ? 4.800   4.730   -2.670  1.00 37.29  ? 278 LEU A C   1 
ATOM   43   O O   . LEU A 1 14  ? 5.252   4.730   -1.531  1.00 38.32  ? 278 LEU A O   1 
ATOM   44   C CB  . LEU A 1 14  ? 2.327   5.498   -2.860  1.00 36.51  ? 278 LEU A CB  1 
ATOM   45   C CG  . LEU A 1 14  ? 2.007   5.180   -1.420  1.00 42.29  ? 278 LEU A CG  1 
ATOM   46   C CD1 . LEU A 1 14  ? 2.320   6.330   -0.493  1.00 44.44  ? 278 LEU A CD1 1 
ATOM   47   C CD2 . LEU A 1 14  ? 0.536   4.855   -1.277  1.00 48.96  ? 278 LEU A CD2 1 
ATOM   48   N N   . ASP A 1 15  ? 5.144   3.806   -3.586  1.00 36.84  ? 279 ASP A N   1 
ATOM   49   C CA  . ASP A 1 15  ? 6.188   2.807   -3.301  1.00 36.55  ? 279 ASP A CA  1 
ATOM   50   C C   . ASP A 1 15  ? 7.469   3.538   -2.986  1.00 33.96  ? 279 ASP A C   1 
ATOM   51   O O   . ASP A 1 15  ? 8.121   3.260   -1.995  1.00 32.81  ? 279 ASP A O   1 
ATOM   52   C CB  . ASP A 1 15  ? 6.448   1.881   -4.491  1.00 38.44  ? 279 ASP A CB  1 
ATOM   53   C CG  . ASP A 1 15  ? 5.312   0.814   -4.736  1.00 39.17  ? 279 ASP A CG  1 
ATOM   54   O OD1 . ASP A 1 15  ? 4.506   0.513   -3.853  1.00 33.38  ? 279 ASP A OD1 1 
ATOM   55   O OD2 . ASP A 1 15  ? 5.267   0.258   -5.842  1.00 42.83  ? 279 ASP A OD2 1 
ATOM   56   N N   . ASP A 1 16  ? 7.802   4.500   -3.837  1.00 35.51  ? 280 ASP A N   1 
ATOM   57   C CA  . ASP A 1 16  ? 9.022   5.269   -3.688  1.00 33.32  ? 280 ASP A CA  1 
ATOM   58   C C   . ASP A 1 16  ? 9.030   6.071   -2.393  1.00 34.94  ? 280 ASP A C   1 
ATOM   59   O O   . ASP A 1 16  ? 10.076  6.281   -1.786  1.00 32.52  ? 280 ASP A O   1 
ATOM   60   C CB  . ASP A 1 16  ? 9.190   6.206   -4.830  1.00 32.92  ? 280 ASP A CB  1 
ATOM   61   C CG  . ASP A 1 16  ? 9.744   5.553   -6.057  1.00 32.20  ? 280 ASP A CG  1 
ATOM   62   O OD1 . ASP A 1 16  ? 10.182  4.384   -5.997  1.00 36.76  ? 280 ASP A OD1 1 
ATOM   63   O OD2 . ASP A 1 16  ? 9.731   6.229   -7.129  1.00 34.55  ? 280 ASP A OD2 1 
ATOM   64   N N   . PHE A 1 17  ? 7.856   6.469   -1.936  1.00 32.82  ? 281 PHE A N   1 
ATOM   65   C CA  . PHE A 1 17  ? 7.769   7.141   -0.629  1.00 33.03  ? 281 PHE A CA  1 
ATOM   66   C C   . PHE A 1 17  ? 8.192   6.215   0.475   1.00 29.39  ? 281 PHE A C   1 
ATOM   67   O O   . PHE A 1 17  ? 8.936   6.609   1.323   1.00 34.89  ? 281 PHE A O   1 
ATOM   68   C CB  . PHE A 1 17  ? 6.344   7.682   -0.366  1.00 29.29  ? 281 PHE A CB  1 
ATOM   69   C CG  . PHE A 1 17  ? 6.191   8.362   0.951   1.00 30.74  ? 281 PHE A CG  1 
ATOM   70   C CD1 . PHE A 1 17  ? 6.601   9.663   1.118   1.00 33.76  ? 281 PHE A CD1 1 
ATOM   71   C CD2 . PHE A 1 17  ? 5.626   7.731   2.006   1.00 32.83  ? 281 PHE A CD2 1 
ATOM   72   C CE1 . PHE A 1 17  ? 6.453   10.315  2.314   1.00 30.55  ? 281 PHE A CE1 1 
ATOM   73   C CE2 . PHE A 1 17  ? 5.479   8.365   3.215   1.00 33.21  ? 281 PHE A CE2 1 
ATOM   74   C CZ  . PHE A 1 17  ? 5.894   9.669   3.376   1.00 31.51  ? 281 PHE A CZ  1 
ATOM   75   N N   . TYR A 1 18  ? 7.641   5.002   0.506   1.00 34.47  ? 282 TYR A N   1 
ATOM   76   C CA  . TYR A 1 18  ? 7.995   4.027   1.546   1.00 33.57  ? 282 TYR A CA  1 
ATOM   77   C C   . TYR A 1 18  ? 9.449   3.617   1.415   1.00 32.56  ? 282 TYR A C   1 
ATOM   78   O O   . TYR A 1 18  ? 10.146  3.443   2.403   1.00 35.57  ? 282 TYR A O   1 
ATOM   79   C CB  . TYR A 1 18  ? 7.164   2.782   1.414   1.00 35.47  ? 282 TYR A CB  1 
ATOM   80   C CG  . TYR A 1 18  ? 5.677   2.989   1.600   1.00 42.94  ? 282 TYR A CG  1 
ATOM   81   C CD1 . TYR A 1 18  ? 5.198   3.787   2.606   1.00 41.86  ? 282 TYR A CD1 1 
ATOM   82   C CD2 . TYR A 1 18  ? 4.761   2.343   0.790   1.00 41.59  ? 282 TYR A CD2 1 
ATOM   83   C CE1 . TYR A 1 18  ? 3.858   3.979   2.780   1.00 41.89  ? 282 TYR A CE1 1 
ATOM   84   C CE2 . TYR A 1 18  ? 3.428   2.506   0.981   1.00 45.09  ? 282 TYR A CE2 1 
ATOM   85   C CZ  . TYR A 1 18  ? 2.985   3.325   1.977   1.00 44.98  ? 282 TYR A CZ  1 
ATOM   86   O OH  . TYR A 1 18  ? 1.637   3.501   2.115   1.00 47.15  ? 282 TYR A OH  1 
ATOM   87   N N   . LYS A 1 19  ? 9.927   3.502   0.192   1.00 31.23  ? 283 LYS A N   1 
ATOM   88   C CA  . LYS A 1 19  ? 11.321  3.257   0.004   1.00 32.67  ? 283 LYS A CA  1 
ATOM   89   C C   . LYS A 1 19  ? 12.184  4.363   0.640   1.00 32.65  ? 283 LYS A C   1 
ATOM   90   O O   . LYS A 1 19  ? 13.218  4.061   1.254   1.00 31.94  ? 283 LYS A O   1 
ATOM   91   C CB  . LYS A 1 19  ? 11.618  3.165   -1.450  1.00 33.06  ? 283 LYS A CB  1 
ATOM   92   C CG  . LYS A 1 19  ? 12.916  2.442   -1.750  1.00 34.30  ? 283 LYS A CG  1 
ATOM   93   C CD  . LYS A 1 19  ? 13.124  2.413   -3.257  1.00 37.97  ? 283 LYS A CD  1 
ATOM   94   C CE  . LYS A 1 19  ? 14.536  2.064   -3.640  1.00 43.41  ? 283 LYS A CE  1 
ATOM   95   N NZ  . LYS A 1 19  ? 14.602  2.067   -5.147  1.00 44.61  ? 283 LYS A NZ  1 
ATOM   96   N N   . MET A 1 20  ? 11.746  5.607   0.497   1.00 28.78  ? 284 MET A N   1 
ATOM   97   C CA  . MET A 1 20  ? 12.521  6.737   0.970   1.00 29.84  ? 284 MET A CA  1 
ATOM   98   C C   . MET A 1 20  ? 12.597  6.766   2.480   1.00 31.55  ? 284 MET A C   1 
ATOM   99   O O   . MET A 1 20  ? 13.650  7.116   3.056   1.00 30.98  ? 284 MET A O   1 
ATOM   100  C CB  . MET A 1 20  ? 11.964  8.042   0.461   1.00 29.27  ? 284 MET A CB  1 
ATOM   101  C CG  . MET A 1 20  ? 12.913  9.204   0.659   1.00 30.17  ? 284 MET A CG  1 
ATOM   102  S SD  . MET A 1 20  ? 14.432  9.099   -0.296  1.00 29.47  ? 284 MET A SD  1 
ATOM   103  C CE  . MET A 1 20  ? 13.798  9.388   -1.975  1.00 26.98  ? 284 MET A CE  1 
ATOM   104  N N   . LEU A 1 21  ? 11.510  6.366   3.121   1.00 33.16  ? 285 LEU A N   1 
ATOM   105  C CA  . LEU A 1 21  ? 11.514  6.177   4.585   1.00 34.08  ? 285 LEU A CA  1 
ATOM   106  C C   . LEU A 1 21  ? 12.613  5.227   5.051   1.00 34.07  ? 285 LEU A C   1 
ATOM   107  O O   . LEU A 1 21  ? 13.144  5.371   6.142   1.00 40.48  ? 285 LEU A O   1 
ATOM   108  C CB  . LEU A 1 21  ? 10.163  5.662   5.072   1.00 34.27  ? 285 LEU A CB  1 
ATOM   109  C CG  . LEU A 1 21  ? 9.068   6.743   5.073   1.00 38.01  ? 285 LEU A CG  1 
ATOM   110  C CD1 . LEU A 1 21  ? 7.700   6.132   5.356   1.00 39.62  ? 285 LEU A CD1 1 
ATOM   111  C CD2 . LEU A 1 21  ? 9.340   7.829   6.126   1.00 35.77  ? 285 LEU A CD2 1 
ATOM   112  N N   . GLN A 1 22  ? 12.978  4.280   4.217   1.00 33.47  ? 286 GLN A N   1 
ATOM   113  C CA  . GLN A 1 22  ? 14.058  3.395   4.545   1.00 37.26  ? 286 GLN A CA  1 
ATOM   114  C C   . GLN A 1 22  ? 15.371  4.021   4.133   1.00 33.76  ? 286 GLN A C   1 
ATOM   115  O O   . GLN A 1 22  ? 16.295  4.082   4.942   1.00 35.18  ? 286 GLN A O   1 
ATOM   116  C CB  . GLN A 1 22  ? 13.918  2.074   3.789   1.00 43.09  ? 286 GLN A CB  1 
ATOM   117  C CG  . GLN A 1 22  ? 14.490  0.898   4.535   1.00 56.60  ? 286 GLN A CG  1 
ATOM   118  C CD  . GLN A 1 22  ? 13.487  0.208   5.463   1.00 70.02  ? 286 GLN A CD  1 
ATOM   119  O OE1 . GLN A 1 22  ? 12.662  0.860   6.144   1.00 66.67  ? 286 GLN A OE1 1 
ATOM   120  N NE2 . GLN A 1 22  ? 13.540  -1.129  5.478   1.00 76.08  ? 286 GLN A NE2 1 
ATOM   121  N N   . HIS A 1 23  ? 15.450  4.455   2.864   1.00 28.13  ? 287 HIS A N   1 
ATOM   122  C CA  . HIS A 1 23  ? 16.660  5.004   2.299   1.00 30.22  ? 287 HIS A CA  1 
ATOM   123  C C   . HIS A 1 23  ? 17.175  6.341   2.915   1.00 31.48  ? 287 HIS A C   1 
ATOM   124  O O   . HIS A 1 23  ? 18.334  6.467   3.213   1.00 29.13  ? 287 HIS A O   1 
ATOM   125  C CB  . HIS A 1 23  ? 16.527  5.227   0.785   1.00 29.53  ? 287 HIS A CB  1 
ATOM   126  C CG  . HIS A 1 23  ? 17.778  5.788   0.161   1.00 30.95  ? 287 HIS A CG  1 
ATOM   127  N ND1 . HIS A 1 23  ? 18.901  5.024   -0.046  1.00 30.63  ? 287 HIS A ND1 1 
ATOM   128  C CD2 . HIS A 1 23  ? 18.118  7.050   -0.215  1.00 34.10  ? 287 HIS A CD2 1 
ATOM   129  C CE1 . HIS A 1 23  ? 19.848  5.769   -0.603  1.00 31.68  ? 287 HIS A CE1 1 
ATOM   130  N NE2 . HIS A 1 23  ? 19.398  7.001   -0.718  1.00 30.60  ? 287 HIS A NE2 1 
ATOM   131  N N   . GLU A 1 24  ? 16.312  7.334   3.031   1.00 30.57  ? 288 GLU A N   1 
ATOM   132  C CA  . GLU A 1 24  ? 16.702  8.565   3.641   1.00 29.02  ? 288 GLU A CA  1 
ATOM   133  C C   . GLU A 1 24  ? 15.477  9.164   4.317   1.00 28.36  ? 288 GLU A C   1 
ATOM   134  O O   . GLU A 1 24  ? 14.725  9.919   3.719   1.00 25.79  ? 288 GLU A O   1 
ATOM   135  C CB  . GLU A 1 24  ? 17.284  9.562   2.628   1.00 27.81  ? 288 GLU A CB  1 
ATOM   136  C CG  . GLU A 1 24  ? 17.924  10.718  3.369   1.00 29.21  ? 288 GLU A CG  1 
ATOM   137  C CD  . GLU A 1 24  ? 18.545  11.802  2.533   1.00 28.86  ? 288 GLU A CD  1 
ATOM   138  O OE1 . GLU A 1 24  ? 18.905  11.523  1.355   1.00 28.35  ? 288 GLU A OE1 1 
ATOM   139  O OE2 . GLU A 1 24  ? 18.684  12.937  3.043   1.00 29.98  ? 288 GLU A OE2 1 
ATOM   140  N N   . PRO A 1 25  ? 15.293  8.847   5.590   1.00 30.30  ? 289 PRO A N   1 
ATOM   141  C CA  . PRO A 1 25  ? 14.043  9.252   6.204   1.00 30.18  ? 289 PRO A CA  1 
ATOM   142  C C   . PRO A 1 25  ? 13.841  10.772  6.180   1.00 28.28  ? 289 PRO A C   1 
ATOM   143  O O   . PRO A 1 25  ? 12.727  11.194  6.099   1.00 27.40  ? 289 PRO A O   1 
ATOM   144  C CB  . PRO A 1 25  ? 14.152  8.729   7.635   1.00 31.85  ? 289 PRO A CB  1 
ATOM   145  C CG  . PRO A 1 25  ? 15.269  7.770   7.646   1.00 32.87  ? 289 PRO A CG  1 
ATOM   146  C CD  . PRO A 1 25  ? 16.007  7.820   6.344   1.00 32.95  ? 289 PRO A CD  1 
ATOM   147  N N   . ASP A 1 26  ? 14.904  11.574  6.268   1.00 29.09  ? 290 ASP A N   1 
ATOM   148  C CA  . ASP A 1 26  ? 14.765  13.035  6.209   1.00 29.09  ? 290 ASP A CA  1 
ATOM   149  C C   . ASP A 1 26  ? 14.318  13.564  4.836   1.00 29.92  ? 290 ASP A C   1 
ATOM   150  O O   . ASP A 1 26  ? 14.181  14.756  4.671   1.00 28.13  ? 290 ASP A O   1 
ATOM   151  C CB  . ASP A 1 26  ? 16.034  13.767  6.707   1.00 29.29  ? 290 ASP A CB  1 
ATOM   152  C CG  . ASP A 1 26  ? 17.245  13.588  5.806   1.00 31.48  ? 290 ASP A CG  1 
ATOM   153  O OD1 . ASP A 1 26  ? 17.068  13.489  4.567   1.00 31.23  ? 290 ASP A OD1 1 
ATOM   154  O OD2 . ASP A 1 26  ? 18.377  13.572  6.337   1.00 29.11  ? 290 ASP A OD2 1 
ATOM   155  N N   . ARG A 1 27  ? 14.073  12.676  3.857   1.00 29.55  ? 291 ARG A N   1 
ATOM   156  C CA  . ARG A 1 27  ? 13.484  13.111  2.625   1.00 29.05  ? 291 ARG A CA  1 
ATOM   157  C C   . ARG A 1 27  ? 12.118  12.497  2.390   1.00 32.76  ? 291 ARG A C   1 
ATOM   158  O O   . ARG A 1 27  ? 11.647  12.450  1.266   1.00 37.18  ? 291 ARG A O   1 
ATOM   159  C CB  . ARG A 1 27  ? 14.382  12.790  1.465   1.00 27.46  ? 291 ARG A CB  1 
ATOM   160  C CG  . ARG A 1 27  ? 15.618  13.670  1.270   1.00 26.98  ? 291 ARG A CG  1 
ATOM   161  C CD  . ARG A 1 27  ? 16.614  12.953  0.379   1.00 31.16  ? 291 ARG A CD  1 
ATOM   162  N NE  . ARG A 1 27  ? 16.045  12.817  -0.924  1.00 39.94  ? 291 ARG A NE  1 
ATOM   163  C CZ  . ARG A 1 27  ? 16.278  11.894  -1.831  1.00 35.81  ? 291 ARG A CZ  1 
ATOM   164  N NH1 . ARG A 1 27  ? 17.143  10.918  -1.654  1.00 29.79  ? 291 ARG A NH1 1 
ATOM   165  N NH2 . ARG A 1 27  ? 15.615  12.028  -2.978  1.00 41.26  ? 291 ARG A NH2 1 
ATOM   166  N N   . ALA A 1 28  ? 11.455  12.059  3.439   1.00 33.43  ? 292 ALA A N   1 
ATOM   167  C CA  . ALA A 1 28  ? 10.077  11.595  3.312   1.00 33.73  ? 292 ALA A CA  1 
ATOM   168  C C   . ALA A 1 28  ? 9.248   12.119  4.461   1.00 32.51  ? 292 ALA A C   1 
ATOM   169  O O   . ALA A 1 28  ? 9.503   11.806  5.584   1.00 31.67  ? 292 ALA A O   1 
ATOM   170  C CB  . ALA A 1 28  ? 10.052  10.111  3.342   1.00 35.82  ? 292 ALA A CB  1 
ATOM   171  N N   . PHE A 1 29  ? 8.305   12.982  4.173   1.00 34.96  ? 293 PHE A N   1 
ATOM   172  C CA  . PHE A 1 29  ? 7.560   13.662  5.196   1.00 36.67  ? 293 PHE A CA  1 
ATOM   173  C C   . PHE A 1 29  ? 6.075   13.390  4.931   1.00 34.32  ? 293 PHE A C   1 
ATOM   174  O O   . PHE A 1 29  ? 5.663   13.203  3.783   1.00 29.34  ? 293 PHE A O   1 
ATOM   175  C CB  . PHE A 1 29  ? 7.783   15.154  5.004   1.00 44.13  ? 293 PHE A CB  1 
ATOM   176  C CG  . PHE A 1 29  ? 9.079   15.695  5.513   1.00 46.19  ? 293 PHE A CG  1 
ATOM   177  C CD1 . PHE A 1 29  ? 10.143  14.915  5.826   1.00 50.81  ? 293 PHE A CD1 1 
ATOM   178  C CD2 . PHE A 1 29  ? 9.217   17.087  5.652   1.00 64.36  ? 293 PHE A CD2 1 
ATOM   179  C CE1 . PHE A 1 29  ? 11.328  15.457  6.308   1.00 50.28  ? 293 PHE A CE1 1 
ATOM   180  C CE2 . PHE A 1 29  ? 10.403  17.654  6.125   1.00 65.51  ? 293 PHE A CE2 1 
ATOM   181  C CZ  . PHE A 1 29  ? 11.469  16.812  6.438   1.00 63.26  ? 293 PHE A CZ  1 
ATOM   182  N N   . TYR A 1 30  ? 5.267   13.398  5.974   1.00 35.57  ? 294 TYR A N   1 
ATOM   183  C CA  . TYR A 1 30  ? 3.810   13.452  5.804   1.00 40.05  ? 294 TYR A CA  1 
ATOM   184  C C   . TYR A 1 30  ? 3.169   14.286  6.874   1.00 39.73  ? 294 TYR A C   1 
ATOM   185  O O   . TYR A 1 30  ? 3.756   14.553  7.897   1.00 37.14  ? 294 TYR A O   1 
ATOM   186  C CB  . TYR A 1 30  ? 3.183   12.074  5.811   1.00 42.02  ? 294 TYR A CB  1 
ATOM   187  C CG  . TYR A 1 30  ? 3.338   11.378  7.127   1.00 45.45  ? 294 TYR A CG  1 
ATOM   188  C CD1 . TYR A 1 30  ? 4.482   10.639  7.401   1.00 47.78  ? 294 TYR A CD1 1 
ATOM   189  C CD2 . TYR A 1 30  ? 2.338   11.425  8.083   1.00 53.52  ? 294 TYR A CD2 1 
ATOM   190  C CE1 . TYR A 1 30  ? 4.654   9.982   8.592   1.00 52.26  ? 294 TYR A CE1 1 
ATOM   191  C CE2 . TYR A 1 30  ? 2.512   10.788  9.313   1.00 57.85  ? 294 TYR A CE2 1 
ATOM   192  C CZ  . TYR A 1 30  ? 3.672   10.072  9.551   1.00 60.15  ? 294 TYR A CZ  1 
ATOM   193  O OH  . TYR A 1 30  ? 3.849   9.437   10.741  1.00 65.20  ? 294 TYR A OH  1 
ATOM   194  N N   . GLY A 1 31  ? 1.947   14.718  6.626   1.00 42.78  ? 295 GLY A N   1 
ATOM   195  C CA  . GLY A 1 31  ? 1.376   15.792  7.444   1.00 43.23  ? 295 GLY A CA  1 
ATOM   196  C C   . GLY A 1 31  ? 1.531   17.105  6.749   1.00 44.01  ? 295 GLY A C   1 
ATOM   197  O O   . GLY A 1 31  ? 2.568   17.350  6.112   1.00 47.62  ? 295 GLY A O   1 
ATOM   198  N N   . LEU A 1 32  ? 0.489   17.932  6.801   1.00 45.51  ? 296 LEU A N   1 
ATOM   199  C CA  . LEU A 1 32  ? 0.483   19.208  6.056   1.00 48.49  ? 296 LEU A CA  1 
ATOM   200  C C   . LEU A 1 32  ? 1.533   20.221  6.550   1.00 48.16  ? 296 LEU A C   1 
ATOM   201  O O   . LEU A 1 32  ? 2.116   20.938  5.759   1.00 56.14  ? 296 LEU A O   1 
ATOM   202  C CB  . LEU A 1 32  ? -0.899  19.852  6.131   1.00 45.80  ? 296 LEU A CB  1 
ATOM   203  C CG  . LEU A 1 32  ? -1.045  21.209  5.417   1.00 47.46  ? 296 LEU A CG  1 
ATOM   204  C CD1 . LEU A 1 32  ? -0.896  21.083  3.896   1.00 41.25  ? 296 LEU A CD1 1 
ATOM   205  C CD2 . LEU A 1 32  ? -2.382  21.866  5.761   1.00 53.61  ? 296 LEU A CD2 1 
ATOM   206  N N   . LYS A 1 33  ? 1.753   20.303  7.847   1.00 49.36  ? 297 LYS A N   1 
ATOM   207  C CA  . LYS A 1 33  ? 2.751   21.230  8.386   1.00 53.31  ? 297 LYS A CA  1 
ATOM   208  C C   . LYS A 1 33  ? 4.153   20.869  7.954   1.00 50.32  ? 297 LYS A C   1 
ATOM   209  O O   . LYS A 1 33  ? 4.920   21.768  7.654   1.00 44.30  ? 297 LYS A O   1 
ATOM   210  C CB  . LYS A 1 33  ? 2.702   21.283  9.923   1.00 58.37  ? 297 LYS A CB  1 
ATOM   211  C CG  . LYS A 1 33  ? 1.664   22.275  10.461  1.00 79.69  ? 297 LYS A CG  1 
ATOM   212  C CD  . LYS A 1 33  ? 0.385   22.360  9.594   1.00 91.09  ? 297 LYS A CD  1 
ATOM   213  C CE  . LYS A 1 33  ? -0.825  23.045  10.259  1.00 97.73  ? 297 LYS A CE  1 
ATOM   214  N NZ  . LYS A 1 33  ? -0.496  24.025  11.348  1.00 97.92  ? 297 LYS A NZ  1 
ATOM   215  N N   . GLN A 1 34  ? 4.496   19.574  7.965   1.00 46.48  ? 298 GLN A N   1 
ATOM   216  C CA  . GLN A 1 34  ? 5.808   19.129  7.529   1.00 46.42  ? 298 GLN A CA  1 
ATOM   217  C C   . GLN A 1 34  ? 5.984   19.368  6.058   1.00 40.66  ? 298 GLN A C   1 
ATOM   218  O O   . GLN A 1 34  ? 7.011   19.868  5.603   1.00 45.25  ? 298 GLN A O   1 
ATOM   219  C CB  . GLN A 1 34  ? 6.017   17.657  7.848   1.00 56.82  ? 298 GLN A CB  1 
ATOM   220  C CG  . GLN A 1 34  ? 6.224   17.414  9.334   1.00 68.18  ? 298 GLN A CG  1 
ATOM   221  C CD  . GLN A 1 34  ? 7.669   17.548  9.858   1.00 85.59  ? 298 GLN A CD  1 
ATOM   222  O OE1 . GLN A 1 34  ? 8.441   18.416  9.437   1.00 81.74  ? 298 GLN A OE1 1 
ATOM   223  N NE2 . GLN A 1 34  ? 8.007   16.713  10.859  1.00 92.99  ? 298 GLN A NE2 1 
ATOM   224  N N   . VAL A 1 35  ? 4.958   19.056  5.308   1.00 35.80  ? 299 VAL A N   1 
ATOM   225  C CA  . VAL A 1 35  ? 5.043   19.174  3.873   1.00 36.90  ? 299 VAL A CA  1 
ATOM   226  C C   . VAL A 1 35  ? 5.082   20.639  3.460   1.00 39.47  ? 299 VAL A C   1 
ATOM   227  O O   . VAL A 1 35  ? 5.675   21.006  2.441   1.00 39.80  ? 299 VAL A O   1 
ATOM   228  C CB  . VAL A 1 35  ? 3.874   18.442  3.210   1.00 39.64  ? 299 VAL A CB  1 
ATOM   229  C CG1 . VAL A 1 35  ? 3.796   18.681  1.707   1.00 38.78  ? 299 VAL A CG1 1 
ATOM   230  C CG2 . VAL A 1 35  ? 4.008   16.956  3.442   1.00 42.87  ? 299 VAL A CG2 1 
ATOM   231  N N   . GLU A 1 36  ? 4.457   21.490  4.245   1.00 45.01  ? 300 GLU A N   1 
ATOM   232  C CA  . GLU A 1 36  ? 4.491   22.914  3.922   1.00 44.18  ? 300 GLU A CA  1 
ATOM   233  C C   . GLU A 1 36  ? 5.822   23.505  4.226   1.00 35.67  ? 300 GLU A C   1 
ATOM   234  O O   . GLU A 1 36  ? 6.360   24.273  3.471   1.00 37.24  ? 300 GLU A O   1 
ATOM   235  C CB  . GLU A 1 36  ? 3.353   23.681  4.594   1.00 44.49  ? 300 GLU A CB  1 
ATOM   236  C CG  . GLU A 1 36  ? 2.475   24.289  3.509   1.00 48.67  ? 300 GLU A CG  1 
ATOM   237  C CD  . GLU A 1 36  ? 1.048   24.461  3.923   1.00 55.44  ? 300 GLU A CD  1 
ATOM   238  O OE1 . GLU A 1 36  ? 0.234   24.733  2.994   1.00 57.93  ? 300 GLU A OE1 1 
ATOM   239  O OE2 . GLU A 1 36  ? 0.763   24.364  5.158   1.00 59.29  ? 300 GLU A OE2 1 
ATOM   240  N N   . LYS A 1 37  ? 6.410   23.088  5.315   1.00 35.28  ? 301 LYS A N   1 
ATOM   241  C CA  . LYS A 1 37  ? 7.764   23.499  5.600   1.00 42.16  ? 301 LYS A CA  1 
ATOM   242  C C   . LYS A 1 37  ? 8.771   23.068  4.508   1.00 44.24  ? 301 LYS A C   1 
ATOM   243  O O   . LYS A 1 37  ? 9.679   23.807  4.172   1.00 47.32  ? 301 LYS A O   1 
ATOM   244  C CB  . LYS A 1 37  ? 8.209   22.891  6.916   1.00 48.98  ? 301 LYS A CB  1 
ATOM   245  C CG  . LYS A 1 37  ? 9.266   23.741  7.601   1.00 68.63  ? 301 LYS A CG  1 
ATOM   246  C CD  . LYS A 1 37  ? 8.622   24.904  8.382   1.00 83.66  ? 301 LYS A CD  1 
ATOM   247  C CE  . LYS A 1 37  ? 9.289   26.274  8.165   1.00 87.84  ? 301 LYS A CE  1 
ATOM   248  N NZ  . LYS A 1 37  ? 10.174  26.670  9.293   1.00 87.81  ? 301 LYS A NZ  1 
ATOM   249  N N   . ALA A 1 38  ? 8.626   21.846  3.993   1.00 38.59  ? 302 ALA A N   1 
ATOM   250  C CA  . ALA A 1 38  ? 9.465   21.377  2.942   1.00 35.18  ? 302 ALA A CA  1 
ATOM   251  C C   . ALA A 1 38  ? 9.265   22.180  1.644   1.00 34.92  ? 302 ALA A C   1 
ATOM   252  O O   . ALA A 1 38  ? 10.232  22.450  0.926   1.00 34.40  ? 302 ALA A O   1 
ATOM   253  C CB  . ALA A 1 38  ? 9.192   19.912  2.690   1.00 38.23  ? 302 ALA A CB  1 
ATOM   254  N N   . ASN A 1 39  ? 8.036   22.544  1.330   1.00 31.00  ? 303 ASN A N   1 
ATOM   255  C CA  . ASN A 1 39  ? 7.824   23.370  0.164   1.00 39.30  ? 303 ASN A CA  1 
ATOM   256  C C   . ASN A 1 39  ? 8.381   24.825  0.305   1.00 41.54  ? 303 ASN A C   1 
ATOM   257  O O   . ASN A 1 39  ? 8.855   25.411  -0.657  1.00 41.20  ? 303 ASN A O   1 
ATOM   258  C CB  . ASN A 1 39  ? 6.364   23.414  -0.224  1.00 38.49  ? 303 ASN A CB  1 
ATOM   259  C CG  . ASN A 1 39  ? 6.161   24.179  -1.484  1.00 42.34  ? 303 ASN A CG  1 
ATOM   260  O OD1 . ASN A 1 39  ? 6.677   23.792  -2.528  1.00 43.25  ? 303 ASN A OD1 1 
ATOM   261  N ND2 . ASN A 1 39  ? 5.457   25.304  -1.398  1.00 41.01  ? 303 ASN A ND2 1 
ATOM   262  N N   . GLU A 1 40  ? 8.326   25.376  1.498   1.00 43.82  ? 304 GLU A N   1 
ATOM   263  C CA  . GLU A 1 40  ? 8.940   26.671  1.766   1.00 46.21  ? 304 GLU A CA  1 
ATOM   264  C C   . GLU A 1 40  ? 10.408  26.622  1.444   1.00 36.80  ? 304 GLU A C   1 
ATOM   265  O O   . GLU A 1 40  ? 10.960  27.549  0.881   1.00 34.66  ? 304 GLU A O   1 
ATOM   266  C CB  . GLU A 1 40  ? 8.722   27.110  3.239   1.00 53.10  ? 304 GLU A CB  1 
ATOM   267  C CG  . GLU A 1 40  ? 7.734   28.280  3.370   1.00 65.67  ? 304 GLU A CG  1 
ATOM   268  C CD  . GLU A 1 40  ? 6.263   27.840  3.518   1.00 75.09  ? 304 GLU A CD  1 
ATOM   269  O OE1 . GLU A 1 40  ? 5.852   27.358  4.624   1.00 78.73  ? 304 GLU A OE1 1 
ATOM   270  O OE2 . GLU A 1 40  ? 5.497   28.030  2.542   1.00 73.18  ? 304 GLU A OE2 1 
ATOM   271  N N   . ALA A 1 41  ? 11.047  25.500  1.723   1.00 34.07  ? 305 ALA A N   1 
ATOM   272  C CA  . ALA A 1 41  ? 12.447  25.346  1.332   1.00 34.40  ? 305 ALA A CA  1 
ATOM   273  C C   . ALA A 1 41  ? 12.613  24.966  -0.141  1.00 34.64  ? 305 ALA A C   1 
ATOM   274  O O   . ALA A 1 41  ? 13.736  24.712  -0.568  1.00 33.77  ? 305 ALA A O   1 
ATOM   275  C CB  . ALA A 1 41  ? 13.128  24.317  2.198   1.00 31.49  ? 305 ALA A CB  1 
ATOM   276  N N   . MET A 1 42  ? 11.506  24.876  -0.882  1.00 34.57  ? 306 MET A N   1 
ATOM   277  C CA  . MET A 1 42  ? 11.557  24.430  -2.247  1.00 38.54  ? 306 MET A CA  1 
ATOM   278  C C   . MET A 1 42  ? 12.208  23.022  -2.396  1.00 32.98  ? 306 MET A C   1 
ATOM   279  O O   . MET A 1 42  ? 12.822  22.723  -3.390  1.00 30.70  ? 306 MET A O   1 
ATOM   280  C CB  . MET A 1 42  ? 12.316  25.484  -3.037  1.00 40.97  ? 306 MET A CB  1 
ATOM   281  C CG  . MET A 1 42  ? 11.555  26.826  -3.077  1.00 45.54  ? 306 MET A CG  1 
ATOM   282  S SD  . MET A 1 42  ? 12.273  27.983  -4.268  1.00 47.95  ? 306 MET A SD  1 
ATOM   283  C CE  . MET A 1 42  ? 13.754  28.410  -3.352  1.00 48.13  ? 306 MET A CE  1 
ATOM   284  N N   . ALA A 1 43  ? 12.053  22.168  -1.398  1.00 30.54  ? 307 ALA A N   1 
ATOM   285  C CA  . ALA A 1 43  ? 12.791  20.913  -1.353  1.00 32.49  ? 307 ALA A CA  1 
ATOM   286  C C   . ALA A 1 43  ? 12.062  19.693  -1.977  1.00 31.03  ? 307 ALA A C   1 
ATOM   287  O O   . ALA A 1 43  ? 12.629  18.613  -2.046  1.00 39.00  ? 307 ALA A O   1 
ATOM   288  C CB  . ALA A 1 43  ? 13.157  20.602  0.089   1.00 31.65  ? 307 ALA A CB  1 
ATOM   289  N N   . ILE A 1 44  ? 10.850  19.885  -2.447  1.00 30.43  ? 308 ILE A N   1 
ATOM   290  C CA  . ILE A 1 44  ? 9.963   18.793  -2.812  1.00 31.29  ? 308 ILE A CA  1 
ATOM   291  C C   . ILE A 1 44  ? 10.227  18.177  -4.178  1.00 29.90  ? 308 ILE A C   1 
ATOM   292  O O   . ILE A 1 44  ? 10.333  18.853  -5.160  1.00 30.19  ? 308 ILE A O   1 
ATOM   293  C CB  . ILE A 1 44  ? 8.470   19.243  -2.705  1.00 29.95  ? 308 ILE A CB  1 
ATOM   294  C CG1 . ILE A 1 44  ? 8.099   19.336  -1.230  1.00 30.09  ? 308 ILE A CG1 1 
ATOM   295  C CG2 . ILE A 1 44  ? 7.563   18.212  -3.333  1.00 32.27  ? 308 ILE A CG2 1 
ATOM   296  C CD1 . ILE A 1 44  ? 6.645   19.583  -0.951  1.00 28.68  ? 308 ILE A CD1 1 
ATOM   297  N N   . ASP A 1 45  ? 10.277  16.861  -4.211  1.00 31.72  ? 309 ASP A N   1 
ATOM   298  C CA  . ASP A 1 45  ? 10.385  16.099  -5.456  1.00 31.05  ? 309 ASP A CA  1 
ATOM   299  C C   . ASP A 1 45  ? 8.978   15.788  -5.936  1.00 30.60  ? 309 ASP A C   1 
ATOM   300  O O   . ASP A 1 45  ? 8.561   16.247  -6.980  1.00 31.65  ? 309 ASP A O   1 
ATOM   301  C CB  . ASP A 1 45  ? 11.226  14.857  -5.161  1.00 33.90  ? 309 ASP A CB  1 
ATOM   302  C CG  . ASP A 1 45  ? 11.073  13.728  -6.173  1.00 33.30  ? 309 ASP A CG  1 
ATOM   303  O OD1 . ASP A 1 45  ? 10.106  13.696  -6.974  1.00 32.07  ? 309 ASP A OD1 1 
ATOM   304  O OD2 . ASP A 1 45  ? 11.891  12.799  -6.046  1.00 28.74  ? 309 ASP A OD2 1 
ATOM   305  N N   . THR A 1 46  ? 8.212   15.100  -5.107  1.00 32.44  ? 310 THR A N   1 
ATOM   306  C CA  . THR A 1 46  ? 6.819   14.823  -5.402  1.00 32.02  ? 310 THR A CA  1 
ATOM   307  C C   . THR A 1 46  ? 5.906   15.049  -4.234  1.00 31.41  ? 310 THR A C   1 
ATOM   308  O O   . THR A 1 46  ? 6.179   14.609  -3.123  1.00 32.18  ? 310 THR A O   1 
ATOM   309  C CB  . THR A 1 46  ? 6.697   13.383  -5.840  1.00 32.68  ? 310 THR A CB  1 
ATOM   310  O OG1 . THR A 1 46  ? 7.569   13.230  -6.957  1.00 34.93  ? 310 THR A OG1 1 
ATOM   311  C CG2 . THR A 1 46  ? 5.293   13.039  -6.271  1.00 35.51  ? 310 THR A CG2 1 
ATOM   312  N N   . LEU A 1 47  ? 4.787   15.690  -4.516  1.00 31.68  ? 311 LEU A N   1 
ATOM   313  C CA  . LEU A 1 47  ? 3.755   15.855  -3.540  1.00 35.61  ? 311 LEU A CA  1 
ATOM   314  C C   . LEU A 1 47  ? 2.704   14.816  -3.790  1.00 35.52  ? 311 LEU A C   1 
ATOM   315  O O   . LEU A 1 47  ? 2.339   14.562  -4.942  1.00 35.51  ? 311 LEU A O   1 
ATOM   316  C CB  . LEU A 1 47  ? 3.147   17.243  -3.643  1.00 36.16  ? 311 LEU A CB  1 
ATOM   317  C CG  . LEU A 1 47  ? 1.939   17.497  -2.738  1.00 32.40  ? 311 LEU A CG  1 
ATOM   318  C CD1 . LEU A 1 47  ? 2.348   17.695  -1.309  1.00 31.13  ? 311 LEU A CD1 1 
ATOM   319  C CD2 . LEU A 1 47  ? 1.252   18.724  -3.237  1.00 31.96  ? 311 LEU A CD2 1 
ATOM   320  N N   . LEU A 1 48  ? 2.255   14.192  -2.715  1.00 36.89  ? 312 LEU A N   1 
ATOM   321  C CA  . LEU A 1 48  ? 1.318   13.108  -2.825  1.00 37.39  ? 312 LEU A CA  1 
ATOM   322  C C   . LEU A 1 48  ? 0.134   13.534  -2.036  1.00 38.83  ? 312 LEU A C   1 
ATOM   323  O O   . LEU A 1 48  ? 0.232   13.704  -0.824  1.00 36.92  ? 312 LEU A O   1 
ATOM   324  C CB  . LEU A 1 48  ? 1.870   11.839  -2.233  1.00 38.49  ? 312 LEU A CB  1 
ATOM   325  C CG  . LEU A 1 48  ? 2.927   11.003  -2.981  1.00 37.63  ? 312 LEU A CG  1 
ATOM   326  C CD1 . LEU A 1 48  ? 4.328   11.526  -2.700  1.00 41.89  ? 312 LEU A CD1 1 
ATOM   327  C CD2 . LEU A 1 48  ? 2.888   9.576   -2.507  1.00 36.26  ? 312 LEU A CD2 1 
ATOM   328  N N   . ILE A 1 49  ? -0.982  13.745  -2.721  1.00 40.35  ? 313 ILE A N   1 
ATOM   329  C CA  . ILE A 1 49  ? -2.149  14.278  -2.058  1.00 45.56  ? 313 ILE A CA  1 
ATOM   330  C C   . ILE A 1 49  ? -3.426  13.525  -2.410  1.00 43.92  ? 313 ILE A C   1 
ATOM   331  O O   . ILE A 1 49  ? -3.669  13.190  -3.579  1.00 41.27  ? 313 ILE A O   1 
ATOM   332  C CB  . ILE A 1 49  ? -2.219  15.815  -2.352  1.00 48.71  ? 313 ILE A CB  1 
ATOM   333  C CG1 . ILE A 1 49  ? -3.071  16.540  -1.336  1.00 52.37  ? 313 ILE A CG1 1 
ATOM   334  C CG2 . ILE A 1 49  ? -2.662  16.108  -3.763  1.00 52.45  ? 313 ILE A CG2 1 
ATOM   335  C CD1 . ILE A 1 49  ? -2.933  18.039  -1.458  1.00 53.23  ? 313 ILE A CD1 1 
ATOM   336  N N   . SER A 1 50  ? -4.237  13.216  -1.398  1.00 45.48  ? 314 SER A N   1 
ATOM   337  C CA  . SER A 1 50  ? -5.528  12.521  -1.603  1.00 47.66  ? 314 SER A CA  1 
ATOM   338  C C   . SER A 1 50  ? -6.546  13.505  -2.119  1.00 47.90  ? 314 SER A C   1 
ATOM   339  O O   . SER A 1 50  ? -6.590  14.613  -1.604  1.00 47.14  ? 314 SER A O   1 
ATOM   340  C CB  . SER A 1 50  ? -6.025  11.922  -0.302  1.00 52.41  ? 314 SER A CB  1 
ATOM   341  O OG  . SER A 1 50  ? -6.925  10.843  -0.576  1.00 81.67  ? 314 SER A OG  1 
ATOM   342  N N   . ASP A 1 51  ? -7.346  13.150  -3.137  1.00 54.97  ? 315 ASP A N   1 
ATOM   343  C CA  . ASP A 1 51  ? -8.427  14.073  -3.597  1.00 57.87  ? 315 ASP A CA  1 
ATOM   344  C C   . ASP A 1 51  ? -9.550  14.249  -2.614  1.00 57.55  ? 315 ASP A C   1 
ATOM   345  O O   . ASP A 1 51  ? -10.294 15.189  -2.772  1.00 61.91  ? 315 ASP A O   1 
ATOM   346  C CB  . ASP A 1 51  ? -9.022  13.789  -4.995  1.00 63.25  ? 315 ASP A CB  1 
ATOM   347  C CG  . ASP A 1 51  ? -9.677  12.447  -5.105  1.00 64.56  ? 315 ASP A CG  1 
ATOM   348  O OD1 . ASP A 1 51  ? -10.036 11.847  -4.062  1.00 69.32  ? 315 ASP A OD1 1 
ATOM   349  O OD2 . ASP A 1 51  ? -9.798  11.961  -6.256  1.00 69.31  ? 315 ASP A OD2 1 
ATOM   350  N N   . GLU A 1 52  ? -9.645  13.395  -1.587  1.00 59.79  ? 316 GLU A N   1 
ATOM   351  C CA  . GLU A 1 52  ? -10.544 13.645  -0.438  1.00 65.12  ? 316 GLU A CA  1 
ATOM   352  C C   . GLU A 1 52  ? -10.308 15.044  0.172   1.00 68.15  ? 316 GLU A C   1 
ATOM   353  O O   . GLU A 1 52  ? -11.238 15.706  0.603   1.00 72.41  ? 316 GLU A O   1 
ATOM   354  C CB  . GLU A 1 52  ? -10.443 12.531  0.633   1.00 70.99  ? 316 GLU A CB  1 
ATOM   355  C CG  . GLU A 1 52  ? -10.947 12.901  2.024   1.00 87.49  ? 316 GLU A CG  1 
ATOM   356  C CD  . GLU A 1 52  ? -9.851  12.999  3.110   1.00 106.44 ? 316 GLU A CD  1 
ATOM   357  O OE1 . GLU A 1 52  ? -8.705  12.456  2.954   1.00 112.48 ? 316 GLU A OE1 1 
ATOM   358  O OE2 . GLU A 1 52  ? -10.147 13.629  4.161   1.00 97.87  ? 316 GLU A OE2 1 
ATOM   359  N N   . LEU A 1 53  ? -9.066  15.507  0.186   1.00 73.16  ? 317 LEU A N   1 
ATOM   360  C CA  . LEU A 1 53  ? -8.761  16.743  0.885   1.00 75.02  ? 317 LEU A CA  1 
ATOM   361  C C   . LEU A 1 53  ? -9.342  17.957  0.163   1.00 72.42  ? 317 LEU A C   1 
ATOM   362  O O   . LEU A 1 53  ? -9.421  19.029  0.739   1.00 75.46  ? 317 LEU A O   1 
ATOM   363  C CB  . LEU A 1 53  ? -7.250  16.905  1.074   1.00 74.20  ? 317 LEU A CB  1 
ATOM   364  C CG  . LEU A 1 53  ? -6.578  15.924  2.028   1.00 70.68  ? 317 LEU A CG  1 
ATOM   365  C CD1 . LEU A 1 53  ? -5.094  16.226  2.067   1.00 71.44  ? 317 LEU A CD1 1 
ATOM   366  C CD2 . LEU A 1 53  ? -7.161  15.968  3.436   1.00 64.94  ? 317 LEU A CD2 1 
ATOM   367  N N   . PHE A 1 54  ? -9.740  17.797  -1.092  1.00 74.12  ? 318 PHE A N   1 
ATOM   368  C CA  . PHE A 1 54  ? -10.424 18.872  -1.806  1.00 82.07  ? 318 PHE A CA  1 
ATOM   369  C C   . PHE A 1 54  ? -11.950 18.747  -1.773  1.00 88.39  ? 318 PHE A C   1 
ATOM   370  O O   . PHE A 1 54  ? -12.655 19.572  -2.360  1.00 87.14  ? 318 PHE A O   1 
ATOM   371  C CB  . PHE A 1 54  ? -10.006 18.886  -3.276  1.00 77.51  ? 318 PHE A CB  1 
ATOM   372  C CG  . PHE A 1 54  ? -8.545  18.945  -3.471  1.00 75.73  ? 318 PHE A CG  1 
ATOM   373  C CD1 . PHE A 1 54  ? -7.809  17.780  -3.491  1.00 74.94  ? 318 PHE A CD1 1 
ATOM   374  C CD2 . PHE A 1 54  ? -7.898  20.166  -3.600  1.00 76.86  ? 318 PHE A CD2 1 
ATOM   375  C CE1 . PHE A 1 54  ? -6.455  17.819  -3.658  1.00 71.00  ? 318 PHE A CE1 1 
ATOM   376  C CE2 . PHE A 1 54  ? -6.536  20.220  -3.760  1.00 72.22  ? 318 PHE A CE2 1 
ATOM   377  C CZ  . PHE A 1 54  ? -5.817  19.041  -3.796  1.00 72.60  ? 318 PHE A CZ  1 
ATOM   378  N N   . ARG A 1 55  ? -12.471 17.726  -1.110  1.00 95.32  ? 319 ARG A N   1 
ATOM   379  C CA  . ARG A 1 55  ? -13.857 17.362  -1.377  1.00 100.82 ? 319 ARG A CA  1 
ATOM   380  C C   . ARG A 1 55  ? -14.834 18.243  -0.637  1.00 106.64 ? 319 ARG A C   1 
ATOM   381  O O   . ARG A 1 55  ? -15.702 18.856  -1.262  1.00 119.75 ? 319 ARG A O   1 
ATOM   382  C CB  . ARG A 1 55  ? -14.178 15.885  -1.106  1.00 100.73 ? 319 ARG A CB  1 
ATOM   383  C CG  . ARG A 1 55  ? -14.369 15.122  -2.396  1.00 105.43 ? 319 ARG A CG  1 
ATOM   384  C CD  . ARG A 1 55  ? -14.232 13.625  -2.162  1.00 120.71 ? 319 ARG A CD  1 
ATOM   385  N NE  . ARG A 1 55  ? -13.219 13.043  -3.051  1.00 128.03 ? 319 ARG A NE  1 
ATOM   386  C CZ  . ARG A 1 55  ? -12.548 11.924  -2.784  1.00 137.97 ? 319 ARG A CZ  1 
ATOM   387  N NH1 . ARG A 1 55  ? -12.775 11.261  -1.656  1.00 134.21 ? 319 ARG A NH1 1 
ATOM   388  N NH2 . ARG A 1 55  ? -11.652 11.472  -3.653  1.00 144.81 ? 319 ARG A NH2 1 
ATOM   389  N N   . HIS A 1 56  ? -14.711 18.302  0.684   1.00 104.45 ? 320 HIS A N   1 
ATOM   390  C CA  . HIS A 1 56  ? -15.688 19.040  1.475   1.00 108.76 ? 320 HIS A CA  1 
ATOM   391  C C   . HIS A 1 56  ? -15.051 19.607  2.711   1.00 93.01  ? 320 HIS A C   1 
ATOM   392  O O   . HIS A 1 56  ? -15.678 19.635  3.748   1.00 87.41  ? 320 HIS A O   1 
ATOM   393  C CB  . HIS A 1 56  ? -16.892 18.134  1.831   1.00 120.18 ? 320 HIS A CB  1 
ATOM   394  C CG  . HIS A 1 56  ? -17.665 17.649  0.632   1.00 130.73 ? 320 HIS A CG  1 
ATOM   395  N ND1 . HIS A 1 56  ? -18.139 18.504  -0.344  1.00 132.06 ? 320 HIS A ND1 1 
ATOM   396  C CD2 . HIS A 1 56  ? -18.038 16.401  0.249   1.00 122.43 ? 320 HIS A CD2 1 
ATOM   397  C CE1 . HIS A 1 56  ? -18.764 17.808  -1.278  1.00 129.55 ? 320 HIS A CE1 1 
ATOM   398  N NE2 . HIS A 1 56  ? -18.718 16.529  -0.942  1.00 130.20 ? 320 HIS A NE2 1 
ATOM   399  N N   . ASP A 1 58  ? -14.603 23.241  3.120   1.00 82.41  ? 322 ASP A N   1 
ATOM   400  C CA  . ASP A 1 58  ? -14.112 24.334  3.943   1.00 87.65  ? 322 ASP A CA  1 
ATOM   401  C C   . ASP A 1 58  ? -13.129 25.178  3.134   1.00 89.34  ? 322 ASP A C   1 
ATOM   402  O O   . ASP A 1 58  ? -12.049 24.717  2.779   1.00 103.75 ? 322 ASP A O   1 
ATOM   403  C CB  . ASP A 1 58  ? -13.462 23.814  5.221   1.00 84.62  ? 322 ASP A CB  1 
ATOM   404  C CG  . ASP A 1 58  ? -12.846 24.934  6.043   1.00 84.73  ? 322 ASP A CG  1 
ATOM   405  O OD1 . ASP A 1 58  ? -12.958 26.111  5.643   1.00 73.99  ? 322 ASP A OD1 1 
ATOM   406  O OD2 . ASP A 1 58  ? -12.223 24.637  7.075   1.00 87.43  ? 322 ASP A OD2 1 
ATOM   407  N N   . VAL A 1 59  ? -13.512 26.419  2.876   1.00 80.31  ? 323 VAL A N   1 
ATOM   408  C CA  . VAL A 1 59  ? -12.830 27.219  1.889   1.00 80.33  ? 323 VAL A CA  1 
ATOM   409  C C   . VAL A 1 59  ? -11.369 27.483  2.243   1.00 81.23  ? 323 VAL A C   1 
ATOM   410  O O   . VAL A 1 59  ? -10.488 27.315  1.402   1.00 83.03  ? 323 VAL A O   1 
ATOM   411  C CB  . VAL A 1 59  ? -13.505 28.587  1.698   1.00 84.88  ? 323 VAL A CB  1 
ATOM   412  C CG1 . VAL A 1 59  ? -12.937 29.250  0.453   1.00 83.97  ? 323 VAL A CG1 1 
ATOM   413  C CG2 . VAL A 1 59  ? -15.023 28.464  1.607   1.00 89.29  ? 323 VAL A CG2 1 
ATOM   414  N N   . ALA A 1 60  ? -11.114 27.891  3.481   1.00 73.76  ? 324 ALA A N   1 
ATOM   415  C CA  . ALA A 1 60  ? -9.751  28.226  3.902   1.00 73.11  ? 324 ALA A CA  1 
ATOM   416  C C   . ALA A 1 60  ? -8.802  27.053  3.733   1.00 71.72  ? 324 ALA A C   1 
ATOM   417  O O   . ALA A 1 60  ? -7.727  27.170  3.148   1.00 67.57  ? 324 ALA A O   1 
ATOM   418  C CB  . ALA A 1 60  ? -9.732  28.677  5.352   1.00 70.72  ? 324 ALA A CB  1 
ATOM   419  N N   . THR A 1 61  ? -9.222  25.921  4.272   1.00 73.06  ? 325 THR A N   1 
ATOM   420  C CA  . THR A 1 61  ? -8.397  24.734  4.234   1.00 77.86  ? 325 THR A CA  1 
ATOM   421  C C   . THR A 1 61  ? -8.190  24.245  2.768   1.00 70.41  ? 325 THR A C   1 
ATOM   422  O O   . THR A 1 61  ? -7.075  23.862  2.374   1.00 76.01  ? 325 THR A O   1 
ATOM   423  C CB  . THR A 1 61  ? -8.968  23.644  5.146   1.00 75.22  ? 325 THR A CB  1 
ATOM   424  O OG1 . THR A 1 61  ? -8.345  22.413  4.779   1.00 75.79  ? 325 THR A OG1 1 
ATOM   425  C CG2 . THR A 1 61  ? -10.489 23.530  4.977   1.00 76.95  ? 325 THR A CG2 1 
ATOM   426  N N   . ARG A 1 62  ? -9.243  24.316  1.965   1.00 60.00  ? 326 ARG A N   1 
ATOM   427  C CA  . ARG A 1 62  ? -9.147  23.895  0.587   1.00 60.27  ? 326 ARG A CA  1 
ATOM   428  C C   . ARG A 1 62  ? -8.189  24.817  -0.181  1.00 66.20  ? 326 ARG A C   1 
ATOM   429  O O   . ARG A 1 62  ? -7.429  24.388  -1.059  1.00 75.66  ? 326 ARG A O   1 
ATOM   430  C CB  . ARG A 1 62  ? -10.522 23.908  -0.055  1.00 63.73  ? 326 ARG A CB  1 
ATOM   431  C CG  . ARG A 1 62  ? -10.709 22.917  -1.186  1.00 72.92  ? 326 ARG A CG  1 
ATOM   432  C CD  . ARG A 1 62  ? -11.776 23.377  -2.170  1.00 78.75  ? 326 ARG A CD  1 
ATOM   433  N NE  . ARG A 1 62  ? -11.276 23.357  -3.546  1.00 85.04  ? 326 ARG A NE  1 
ATOM   434  C CZ  . ARG A 1 62  ? -11.539 22.415  -4.457  1.00 88.85  ? 326 ARG A CZ  1 
ATOM   435  N NH1 . ARG A 1 62  ? -12.350 21.393  -4.191  1.00 89.73  ? 326 ARG A NH1 1 
ATOM   436  N NH2 . ARG A 1 62  ? -11.013 22.517  -5.675  1.00 86.16  ? 326 ARG A NH2 1 
ATOM   437  N N   . SER A 1 63  ? -8.219  26.092  0.157   1.00 63.90  ? 327 SER A N   1 
ATOM   438  C CA  . SER A 1 63  ? -7.363  27.066  -0.484  1.00 57.65  ? 327 SER A CA  1 
ATOM   439  C C   . SER A 1 63  ? -5.908  26.778  -0.146  1.00 48.71  ? 327 SER A C   1 
ATOM   440  O O   . SER A 1 63  ? -5.019  26.963  -0.985  1.00 49.94  ? 327 SER A O   1 
ATOM   441  C CB  . SER A 1 63  ? -7.729  28.485  -0.003  1.00 60.62  ? 327 SER A CB  1 
ATOM   442  O OG  . SER A 1 63  ? -8.673  29.038  -0.859  1.00 64.39  ? 327 SER A OG  1 
ATOM   443  N N   . ARG A 1 64  ? -5.682  26.375  1.099   1.00 43.38  ? 328 ARG A N   1 
ATOM   444  C CA  . ARG A 1 64  ? -4.333  26.057  1.569   1.00 52.20  ? 328 ARG A CA  1 
ATOM   445  C C   . ARG A 1 64  ? -3.808  24.905  0.723   1.00 55.50  ? 328 ARG A C   1 
ATOM   446  O O   . ARG A 1 64  ? -2.674  24.948  0.299   1.00 53.13  ? 328 ARG A O   1 
ATOM   447  C CB  . ARG A 1 64  ? -4.306  25.611  3.030   1.00 50.57  ? 328 ARG A CB  1 
ATOM   448  C CG  . ARG A 1 64  ? -3.271  26.306  3.872   1.00 57.44  ? 328 ARG A CG  1 
ATOM   449  C CD  . ARG A 1 64  ? -3.333  25.838  5.332   1.00 63.60  ? 328 ARG A CD  1 
ATOM   450  N NE  . ARG A 1 64  ? -2.001  25.582  5.894   1.00 69.34  ? 328 ARG A NE  1 
ATOM   451  C CZ  . ARG A 1 64  ? -1.774  25.037  7.090   1.00 74.13  ? 328 ARG A CZ  1 
ATOM   452  N NH1 . ARG A 1 64  ? -2.791  24.675  7.882   1.00 77.85  ? 328 ARG A NH1 1 
ATOM   453  N NH2 . ARG A 1 64  ? -0.525  24.846  7.483   1.00 76.29  ? 328 ARG A NH2 1 
ATOM   454  N N   . TYR A 1 65  ? -4.658  23.897  0.476   1.00 53.73  ? 329 TYR A N   1 
ATOM   455  C CA  . TYR A 1 65  ? -4.276  22.777  -0.337  1.00 52.95  ? 329 TYR A CA  1 
ATOM   456  C C   . TYR A 1 65  ? -4.005  23.169  -1.786  1.00 55.55  ? 329 TYR A C   1 
ATOM   457  O O   . TYR A 1 65  ? -3.048  22.656  -2.392  1.00 49.56  ? 329 TYR A O   1 
ATOM   458  C CB  . TYR A 1 65  ? -5.297  21.621  -0.238  1.00 50.62  ? 329 TYR A CB  1 
ATOM   459  C CG  . TYR A 1 65  ? -5.260  20.920  1.097   1.00 45.58  ? 329 TYR A CG  1 
ATOM   460  C CD1 . TYR A 1 65  ? -4.084  20.428  1.574   1.00 47.50  ? 329 TYR A CD1 1 
ATOM   461  C CD2 . TYR A 1 65  ? -6.411  20.712  1.869   1.00 50.82  ? 329 TYR A CD2 1 
ATOM   462  C CE1 . TYR A 1 65  ? -4.008  19.772  2.797   1.00 51.38  ? 329 TYR A CE1 1 
ATOM   463  C CE2 . TYR A 1 65  ? -6.349  20.041  3.104   1.00 48.52  ? 329 TYR A CE2 1 
ATOM   464  C CZ  . TYR A 1 65  ? -5.132  19.589  3.560   1.00 52.71  ? 329 TYR A CZ  1 
ATOM   465  O OH  . TYR A 1 65  ? -4.984  18.936  4.761   1.00 62.87  ? 329 TYR A OH  1 
ATOM   466  N N   . VAL A 1 66  ? -4.792  24.082  -2.350  1.00 50.72  ? 330 VAL A N   1 
ATOM   467  C CA  . VAL A 1 66  ? -4.596  24.489  -3.751  1.00 46.73  ? 330 VAL A CA  1 
ATOM   468  C C   . VAL A 1 66  ? -3.359  25.358  -3.925  1.00 50.86  ? 330 VAL A C   1 
ATOM   469  O O   . VAL A 1 66  ? -2.671  25.295  -4.948  1.00 63.00  ? 330 VAL A O   1 
ATOM   470  C CB  . VAL A 1 66  ? -5.846  25.233  -4.278  1.00 48.84  ? 330 VAL A CB  1 
ATOM   471  C CG1 . VAL A 1 66  ? -5.621  25.820  -5.676  1.00 45.49  ? 330 VAL A CG1 1 
ATOM   472  C CG2 . VAL A 1 66  ? -7.043  24.295  -4.313  1.00 49.17  ? 330 VAL A CG2 1 
ATOM   473  N N   . ARG A 1 67  ? -3.063  26.181  -2.938  1.00 50.58  ? 331 ARG A N   1 
ATOM   474  C CA  . ARG A 1 67  ? -1.841  26.988  -2.980  1.00 54.78  ? 331 ARG A CA  1 
ATOM   475  C C   . ARG A 1 67  ? -0.620  26.094  -2.990  1.00 51.57  ? 331 ARG A C   1 
ATOM   476  O O   . ARG A 1 67  ? 0.304   26.295  -3.786  1.00 50.31  ? 331 ARG A O   1 
ATOM   477  C CB  . ARG A 1 67  ? -1.758  27.924  -1.778  1.00 59.47  ? 331 ARG A CB  1 
ATOM   478  C CG  . ARG A 1 67  ? -2.538  29.220  -1.981  1.00 62.76  ? 331 ARG A CG  1 
ATOM   479  C CD  . ARG A 1 67  ? -2.120  30.292  -0.976  1.00 65.33  ? 331 ARG A CD  1 
ATOM   480  N NE  . ARG A 1 67  ? -2.434  29.916  0.397   1.00 63.65  ? 331 ARG A NE  1 
ATOM   481  C CZ  . ARG A 1 67  ? -3.672  29.878  0.884   1.00 67.07  ? 331 ARG A CZ  1 
ATOM   482  N NH1 . ARG A 1 67  ? -4.711  30.186  0.109   1.00 63.11  ? 331 ARG A NH1 1 
ATOM   483  N NH2 . ARG A 1 67  ? -3.879  29.541  2.153   1.00 66.47  ? 331 ARG A NH2 1 
ATOM   484  N N   . LEU A 1 68  ? -0.649  25.093  -2.108  1.00 44.45  ? 332 LEU A N   1 
ATOM   485  C CA  . LEU A 1 68  ? 0.405   24.109  -2.005  1.00 44.69  ? 332 LEU A CA  1 
ATOM   486  C C   . LEU A 1 68  ? 0.632   23.387  -3.347  1.00 46.74  ? 332 LEU A C   1 
ATOM   487  O O   . LEU A 1 68  ? 1.764   23.285  -3.824  1.00 42.14  ? 332 LEU A O   1 
ATOM   488  C CB  . LEU A 1 68  ? 0.078   23.111  -0.901  1.00 45.13  ? 332 LEU A CB  1 
ATOM   489  C CG  . LEU A 1 68  ? 1.145   22.067  -0.598  1.00 49.85  ? 332 LEU A CG  1 
ATOM   490  C CD1 . LEU A 1 68  ? 2.452   22.739  -0.204  1.00 53.36  ? 332 LEU A CD1 1 
ATOM   491  C CD2 . LEU A 1 68  ? 0.702   21.140  0.512   1.00 50.50  ? 332 LEU A CD2 1 
ATOM   492  N N   . VAL A 1 69  ? -0.449  22.954  -3.985  1.00 44.21  ? 333 VAL A N   1 
ATOM   493  C CA  . VAL A 1 69  ? -0.324  22.270  -5.267  1.00 45.13  ? 333 VAL A CA  1 
ATOM   494  C C   . VAL A 1 69  ? 0.330   23.147  -6.313  1.00 48.85  ? 333 VAL A C   1 
ATOM   495  O O   . VAL A 1 69  ? 1.239   22.699  -7.036  1.00 53.42  ? 333 VAL A O   1 
ATOM   496  C CB  . VAL A 1 69  ? -1.715  21.808  -5.751  1.00 50.09  ? 333 VAL A CB  1 
ATOM   497  C CG1 . VAL A 1 69  ? -1.734  21.446  -7.232  1.00 46.21  ? 333 VAL A CG1 1 
ATOM   498  C CG2 . VAL A 1 69  ? -2.184  20.634  -4.902  1.00 49.40  ? 333 VAL A CG2 1 
ATOM   499  N N   . ASP A 1 70  ? -0.128  24.392  -6.419  1.00 49.84  ? 334 ASP A N   1 
ATOM   500  C CA  . ASP A 1 70  ? 0.441   25.316  -7.429  1.00 50.33  ? 334 ASP A CA  1 
ATOM   501  C C   . ASP A 1 70  ? 1.863   25.672  -7.096  1.00 41.35  ? 334 ASP A C   1 
ATOM   502  O O   . ASP A 1 70  ? 2.699   25.773  -7.976  1.00 40.29  ? 334 ASP A O   1 
ATOM   503  C CB  . ASP A 1 70  ? -0.393  26.592  -7.574  1.00 55.07  ? 334 ASP A CB  1 
ATOM   504  C CG  . ASP A 1 70  ? -1.785  26.304  -8.100  1.00 63.84  ? 334 ASP A CG  1 
ATOM   505  O OD1 . ASP A 1 70  ? -1.936  25.339  -8.891  1.00 57.69  ? 334 ASP A OD1 1 
ATOM   506  O OD2 . ASP A 1 70  ? -2.728  27.000  -7.669  1.00 65.17  ? 334 ASP A OD2 1 
ATOM   507  N N   . SER A 1 71  ? 2.131   25.878  -5.819  1.00 41.17  ? 335 SER A N   1 
ATOM   508  C CA  . SER A 1 71  ? 3.446   26.299  -5.391  1.00 43.77  ? 335 SER A CA  1 
ATOM   509  C C   . SER A 1 71  ? 4.492   25.196  -5.648  1.00 45.70  ? 335 SER A C   1 
ATOM   510  O O   . SER A 1 71  ? 5.590   25.469  -6.138  1.00 40.31  ? 335 SER A O   1 
ATOM   511  C CB  . SER A 1 71  ? 3.418   26.659  -3.920  1.00 43.45  ? 335 SER A CB  1 
ATOM   512  O OG  . SER A 1 71  ? 4.725   26.996  -3.525  1.00 51.06  ? 335 SER A OG  1 
ATOM   513  N N   . VAL A 1 72  ? 4.117   23.953  -5.373  1.00 40.80  ? 336 VAL A N   1 
ATOM   514  C CA  . VAL A 1 72  ? 4.992   22.831  -5.659  1.00 39.42  ? 336 VAL A CA  1 
ATOM   515  C C   . VAL A 1 72  ? 5.345   22.754  -7.133  1.00 40.69  ? 336 VAL A C   1 
ATOM   516  O O   . VAL A 1 72  ? 6.456   22.385  -7.472  1.00 47.63  ? 336 VAL A O   1 
ATOM   517  C CB  . VAL A 1 72  ? 4.361   21.502  -5.170  1.00 38.04  ? 336 VAL A CB  1 
ATOM   518  C CG1 . VAL A 1 72  ? 5.071   20.298  -5.759  1.00 39.71  ? 336 VAL A CG1 1 
ATOM   519  C CG2 . VAL A 1 72  ? 4.403   21.433  -3.654  1.00 35.53  ? 336 VAL A CG2 1 
ATOM   520  N N   . LYS A 1 73  ? 4.411   23.058  -8.024  1.00 47.91  ? 337 LYS A N   1 
ATOM   521  C CA  . LYS A 1 73  ? 4.737   23.040  -9.452  1.00 49.86  ? 337 LYS A CA  1 
ATOM   522  C C   . LYS A 1 73  ? 5.660   24.180  -9.822  1.00 49.33  ? 337 LYS A C   1 
ATOM   523  O O   . LYS A 1 73  ? 6.552   24.021  -10.643 1.00 53.58  ? 337 LYS A O   1 
ATOM   524  C CB  . LYS A 1 73  ? 3.488   23.106  -10.280 1.00 51.18  ? 337 LYS A CB  1 
ATOM   525  C CG  . LYS A 1 73  ? 2.759   21.802  -10.242 1.00 58.44  ? 337 LYS A CG  1 
ATOM   526  C CD  . LYS A 1 73  ? 1.423   21.906  -10.948 1.00 61.93  ? 337 LYS A CD  1 
ATOM   527  C CE  . LYS A 1 73  ? 0.308   21.329  -10.092 1.00 67.46  ? 337 LYS A CE  1 
ATOM   528  N NZ  . LYS A 1 73  ? -0.553  20.391  -10.870 1.00 68.79  ? 337 LYS A NZ  1 
ATOM   529  N N   . GLU A 1 74  ? 5.452   25.323  -9.179  1.00 54.05  ? 338 GLU A N   1 
ATOM   530  C CA  . GLU A 1 74  ? 6.282   26.504  -9.385  1.00 56.54  ? 338 GLU A CA  1 
ATOM   531  C C   . GLU A 1 74  ? 7.716   26.222  -8.936  1.00 50.90  ? 338 GLU A C   1 
ATOM   532  O O   . GLU A 1 74  ? 8.641   26.788  -9.469  1.00 54.00  ? 338 GLU A O   1 
ATOM   533  C CB  . GLU A 1 74  ? 5.711   27.686  -8.592  1.00 62.08  ? 338 GLU A CB  1 
ATOM   534  C CG  . GLU A 1 74  ? 5.037   28.762  -9.416  1.00 76.58  ? 338 GLU A CG  1 
ATOM   535  C CD  . GLU A 1 74  ? 3.717   29.243  -8.793  1.00 96.71  ? 338 GLU A CD  1 
ATOM   536  O OE1 . GLU A 1 74  ? 3.715   29.626  -7.598  1.00 97.30  ? 338 GLU A OE1 1 
ATOM   537  O OE2 . GLU A 1 74  ? 2.675   29.239  -9.495  1.00 88.78  ? 338 GLU A OE2 1 
ATOM   538  N N   . ASN A 1 75  ? 7.865   25.377  -7.915  1.00 46.16  ? 339 ASN A N   1 
ATOM   539  C CA  . ASN A 1 75  ? 9.169   24.936  -7.403  1.00 44.68  ? 339 ASN A CA  1 
ATOM   540  C C   . ASN A 1 75  ? 9.819   23.672  -8.051  1.00 43.92  ? 339 ASN A C   1 
ATOM   541  O O   . ASN A 1 75  ? 10.661  23.011  -7.444  1.00 42.04  ? 339 ASN A O   1 
ATOM   542  C CB  . ASN A 1 75  ? 9.030   24.699  -5.893  1.00 42.00  ? 339 ASN A CB  1 
ATOM   543  C CG  . ASN A 1 75  ? 8.662   25.967  -5.110  1.00 46.19  ? 339 ASN A CG  1 
ATOM   544  O OD1 . ASN A 1 75  ? 8.069   25.882  -4.037  1.00 51.82  ? 339 ASN A OD1 1 
ATOM   545  N ND2 . ASN A 1 75  ? 9.044   27.131  -5.612  1.00 43.61  ? 339 ASN A ND2 1 
ATOM   546  N N   . ALA A 1 76  ? 9.403   23.352  -9.269  1.00 42.55  ? 340 ALA A N   1 
ATOM   547  C CA  . ALA A 1 76  ? 9.900   22.221  -10.067 1.00 40.79  ? 340 ALA A CA  1 
ATOM   548  C C   . ALA A 1 76  ? 9.660   20.867  -9.373  1.00 40.49  ? 340 ALA A C   1 
ATOM   549  O O   . ALA A 1 76  ? 10.549  20.035  -9.293  1.00 32.71  ? 340 ALA A O   1 
ATOM   550  C CB  . ALA A 1 76  ? 11.357  22.389  -10.439 1.00 41.54  ? 340 ALA A CB  1 
ATOM   551  N N   . GLY A 1 77  ? 8.465   20.747  -8.800  1.00 37.11  ? 341 GLY A N   1 
ATOM   552  C CA  . GLY A 1 77  ? 8.020   19.567  -8.179  1.00 35.54  ? 341 GLY A CA  1 
ATOM   553  C C   . GLY A 1 77  ? 6.885   19.010  -8.997  1.00 40.75  ? 341 GLY A C   1 
ATOM   554  O O   . GLY A 1 77  ? 6.392   19.645  -9.923  1.00 45.94  ? 341 GLY A O   1 
ATOM   555  N N   . THR A 1 78  ? 6.489   17.802  -8.659  1.00 39.65  ? 342 THR A N   1 
ATOM   556  C CA  . THR A 1 78  ? 5.413   17.152  -9.332  1.00 38.63  ? 342 THR A CA  1 
ATOM   557  C C   . THR A 1 78  ? 4.366   16.857  -8.297  1.00 36.90  ? 342 THR A C   1 
ATOM   558  O O   . THR A 1 78  ? 4.695   16.530  -7.164  1.00 33.01  ? 342 THR A O   1 
ATOM   559  C CB  . THR A 1 78  ? 5.893   15.842  -9.934  1.00 42.56  ? 342 THR A CB  1 
ATOM   560  O OG1 . THR A 1 78  ? 6.813   16.134  -10.973 1.00 44.99  ? 342 THR A OG1 1 
ATOM   561  C CG2 . THR A 1 78  ? 4.738   15.057  -10.494 1.00 43.76  ? 342 THR A CG2 1 
ATOM   562  N N   . VAL A 1 79  ? 3.107   16.982  -8.693  1.00 38.95  ? 343 VAL A N   1 
ATOM   563  C CA  . VAL A 1 79  ? 1.988   16.673  -7.802  1.00 41.07  ? 343 VAL A CA  1 
ATOM   564  C C   . VAL A 1 79  ? 1.208   15.507  -8.343  1.00 41.52  ? 343 VAL A C   1 
ATOM   565  O O   . VAL A 1 79  ? 0.953   15.437  -9.531  1.00 44.43  ? 343 VAL A O   1 
ATOM   566  C CB  . VAL A 1 79  ? 1.038   17.838  -7.691  1.00 42.58  ? 343 VAL A CB  1 
ATOM   567  C CG1 . VAL A 1 79  ? -0.032  17.519  -6.661  1.00 45.03  ? 343 VAL A CG1 1 
ATOM   568  C CG2 . VAL A 1 79  ? 1.818   19.085  -7.304  1.00 44.26  ? 343 VAL A CG2 1 
ATOM   569  N N   . ARG A 1 80  ? 0.889   14.569  -7.474  1.00 39.02  ? 344 ARG A N   1 
ATOM   570  C CA  . ARG A 1 80  ? 0.098   13.420  -7.839  1.00 41.47  ? 344 ARG A CA  1 
ATOM   571  C C   . ARG A 1 80  ? -1.114  13.346  -6.917  1.00 46.88  ? 344 ARG A C   1 
ATOM   572  O O   . ARG A 1 80  ? -0.978  13.336  -5.661  1.00 41.89  ? 344 ARG A O   1 
ATOM   573  C CB  . ARG A 1 80  ? 0.911   12.149  -7.714  1.00 44.68  ? 344 ARG A CB  1 
ATOM   574  C CG  . ARG A 1 80  ? 1.875   12.068  -8.854  1.00 48.10  ? 344 ARG A CG  1 
ATOM   575  C CD  . ARG A 1 80  ? 2.912   11.016  -8.629  1.00 51.62  ? 344 ARG A CD  1 
ATOM   576  N NE  . ARG A 1 80  ? 4.021   11.285  -9.535  1.00 58.27  ? 344 ARG A NE  1 
ATOM   577  C CZ  . ARG A 1 80  ? 4.002   11.046  -10.847 1.00 55.90  ? 344 ARG A CZ  1 
ATOM   578  N NH1 . ARG A 1 80  ? 2.944   10.472  -11.420 1.00 58.59  ? 344 ARG A NH1 1 
ATOM   579  N NH2 . ARG A 1 80  ? 5.078   11.331  -11.584 1.00 58.66  ? 344 ARG A NH2 1 
ATOM   580  N N   . ILE A 1 81  ? -2.283  13.349  -7.559  1.00 49.50  ? 345 ILE A N   1 
ATOM   581  C CA  . ILE A 1 81  ? -3.551  13.412  -6.861  1.00 52.14  ? 345 ILE A CA  1 
ATOM   582  C C   . ILE A 1 81  ? -4.166  12.037  -6.889  1.00 50.55  ? 345 ILE A C   1 
ATOM   583  O O   . ILE A 1 81  ? -4.328  11.408  -7.942  1.00 62.43  ? 345 ILE A O   1 
ATOM   584  C CB  . ILE A 1 81  ? -4.465  14.483  -7.450  1.00 54.68  ? 345 ILE A CB  1 
ATOM   585  C CG1 . ILE A 1 81  ? -3.788  15.860  -7.332  1.00 56.20  ? 345 ILE A CG1 1 
ATOM   586  C CG2 . ILE A 1 81  ? -5.760  14.543  -6.669  1.00 58.91  ? 345 ILE A CG2 1 
ATOM   587  C CD1 . ILE A 1 81  ? -4.282  16.883  -8.334  1.00 54.24  ? 345 ILE A CD1 1 
ATOM   588  N N   . PHE A 1 82  ? -4.467  11.546  -5.713  1.00 46.73  ? 346 PHE A N   1 
ATOM   589  C CA  . PHE A 1 82  ? -4.821  10.152  -5.571  1.00 53.61  ? 346 PHE A CA  1 
ATOM   590  C C   . PHE A 1 82  ? -6.323  10.056  -5.367  1.00 53.29  ? 346 PHE A C   1 
ATOM   591  O O   . PHE A 1 82  ? -6.891  10.754  -4.527  1.00 52.59  ? 346 PHE A O   1 
ATOM   592  C CB  . PHE A 1 82  ? -4.173  9.528   -4.319  1.00 56.78  ? 346 PHE A CB  1 
ATOM   593  C CG  . PHE A 1 82  ? -2.719  9.211   -4.460  1.00 57.48  ? 346 PHE A CG  1 
ATOM   594  C CD1 . PHE A 1 82  ? -1.785  10.206  -4.615  1.00 55.77  ? 346 PHE A CD1 1 
ATOM   595  C CD2 . PHE A 1 82  ? -2.285  7.899   -4.400  1.00 59.53  ? 346 PHE A CD2 1 
ATOM   596  C CE1 . PHE A 1 82  ? -0.453  9.897   -4.765  1.00 51.84  ? 346 PHE A CE1 1 
ATOM   597  C CE2 . PHE A 1 82  ? -0.950  7.585   -4.514  1.00 56.15  ? 346 PHE A CE2 1 
ATOM   598  C CZ  . PHE A 1 82  ? -0.030  8.588   -4.706  1.00 50.25  ? 346 PHE A CZ  1 
ATOM   599  N N   . SER A 1 83  ? -6.945  9.176   -6.121  1.00 58.52  ? 347 SER A N   1 
ATOM   600  C CA  . SER A 1 83  ? -8.300  8.734   -5.817  1.00 64.00  ? 347 SER A CA  1 
ATOM   601  C C   . SER A 1 83  ? -8.208  7.989   -4.480  1.00 61.52  ? 347 SER A C   1 
ATOM   602  O O   . SER A 1 83  ? -7.131  7.591   -4.063  1.00 64.83  ? 347 SER A O   1 
ATOM   603  C CB  . SER A 1 83  ? -8.857  7.824   -6.948  1.00 58.62  ? 347 SER A CB  1 
ATOM   604  O OG  . SER A 1 83  ? -9.578  6.761   -6.359  1.00 60.96  ? 347 SER A OG  1 
ATOM   605  N N   . SER A 1 84  ? -9.333  7.758   -3.831  1.00 66.50  ? 348 SER A N   1 
ATOM   606  C CA  . SER A 1 84  ? -9.332  6.974   -2.614  1.00 75.42  ? 348 SER A CA  1 
ATOM   607  C C   . SER A 1 84  ? -10.109 5.684   -2.830  1.00 71.79  ? 348 SER A C   1 
ATOM   608  O O   . SER A 1 84  ? -10.521 5.081   -1.877  1.00 65.10  ? 348 SER A O   1 
ATOM   609  C CB  . SER A 1 84  ? -9.886  7.794   -1.462  1.00 79.31  ? 348 SER A CB  1 
ATOM   610  O OG  . SER A 1 84  ? -10.911 8.607   -1.963  1.00 94.07  ? 348 SER A OG  1 
ATOM   611  N N   . LEU A 1 85  ? -10.205 5.196   -4.064  1.00 69.83  ? 349 LEU A N   1 
ATOM   612  C CA  . LEU A 1 85  ? -10.943 3.970   -4.319  1.00 84.55  ? 349 LEU A CA  1 
ATOM   613  C C   . LEU A 1 85  ? -10.012 2.758   -4.555  1.00 87.05  ? 349 LEU A C   1 
ATOM   614  O O   . LEU A 1 85  ? -10.447 1.730   -5.083  1.00 82.99  ? 349 LEU A O   1 
ATOM   615  C CB  . LEU A 1 85  ? -11.987 4.239   -5.454  1.00 92.33  ? 349 LEU A CB  1 
ATOM   616  C CG  . LEU A 1 85  ? -11.852 3.880   -6.948  1.00 95.75  ? 349 LEU A CG  1 
ATOM   617  C CD1 . LEU A 1 85  ? -12.884 2.827   -7.409  1.00 101.39 ? 349 LEU A CD1 1 
ATOM   618  C CD2 . LEU A 1 85  ? -11.968 5.150   -7.789  1.00 84.27  ? 349 LEU A CD2 1 
ATOM   619  N N   . HIS A 1 86  ? -8.735  2.893   -4.190  1.00 81.58  ? 350 HIS A N   1 
ATOM   620  C CA  . HIS A 1 86  ? -7.824  1.751   -4.092  1.00 73.24  ? 350 HIS A CA  1 
ATOM   621  C C   . HIS A 1 86  ? -7.076  1.721   -2.764  1.00 64.03  ? 350 HIS A C   1 
ATOM   622  O O   . HIS A 1 86  ? -7.170  2.664   -1.954  1.00 60.90  ? 350 HIS A O   1 
ATOM   623  C CB  . HIS A 1 86  ? -6.777  1.840   -5.172  1.00 72.76  ? 350 HIS A CB  1 
ATOM   624  C CG  . HIS A 1 86  ? -7.333  1.890   -6.546  1.00 80.79  ? 350 HIS A CG  1 
ATOM   625  N ND1 . HIS A 1 86  ? -8.682  1.818   -6.812  1.00 88.21  ? 350 HIS A ND1 1 
ATOM   626  C CD2 . HIS A 1 86  ? -6.711  1.967   -7.745  1.00 80.66  ? 350 HIS A CD2 1 
ATOM   627  C CE1 . HIS A 1 86  ? -8.868  1.861   -8.117  1.00 87.65  ? 350 HIS A CE1 1 
ATOM   628  N NE2 . HIS A 1 86  ? -7.688  1.946   -8.706  1.00 83.99  ? 350 HIS A NE2 1 
ATOM   629  N N   . VAL A 1 87  ? -6.319  0.643   -2.550  1.00 51.97  ? 351 VAL A N   1 
ATOM   630  C CA  . VAL A 1 87  ? -5.504  0.529   -1.348  1.00 50.47  ? 351 VAL A CA  1 
ATOM   631  C C   . VAL A 1 87  ? -4.457  1.671   -1.284  1.00 42.20  ? 351 VAL A C   1 
ATOM   632  O O   . VAL A 1 87  ? -4.179  2.178   -0.182  1.00 38.92  ? 351 VAL A O   1 
ATOM   633  C CB  . VAL A 1 87  ? -4.851  -0.881  -1.146  1.00 52.19  ? 351 VAL A CB  1 
ATOM   634  C CG1 . VAL A 1 87  ? -5.880  -2.017  -1.133  1.00 58.72  ? 351 VAL A CG1 1 
ATOM   635  C CG2 . VAL A 1 87  ? -3.836  -1.161  -2.212  1.00 57.43  ? 351 VAL A CG2 1 
ATOM   636  N N   . SER A 1 88  ? -3.930  2.079   -2.442  1.00 39.40  ? 352 SER A N   1 
ATOM   637  C CA  . SER A 1 88  ? -2.918  3.137   -2.528  1.00 45.47  ? 352 SER A CA  1 
ATOM   638  C C   . SER A 1 88  ? -3.421  4.425   -1.922  1.00 44.32  ? 352 SER A C   1 
ATOM   639  O O   . SER A 1 88  ? -2.839  4.958   -0.987  1.00 45.35  ? 352 SER A O   1 
ATOM   640  C CB  . SER A 1 88  ? -2.438  3.380   -3.978  1.00 44.66  ? 352 SER A CB  1 
ATOM   641  O OG  . SER A 1 88  ? -3.294  2.787   -4.927  1.00 53.27  ? 352 SER A OG  1 
ATOM   642  N N   . GLY A 1 89  ? -4.539  4.903   -2.428  1.00 50.33  ? 353 GLY A N   1 
ATOM   643  C CA  . GLY A 1 89  ? -5.162  6.102   -1.856  1.00 50.75  ? 353 GLY A CA  1 
ATOM   644  C C   . GLY A 1 89  ? -5.644  5.954   -0.421  1.00 46.96  ? 353 GLY A C   1 
ATOM   645  O O   . GLY A 1 89  ? -5.584  6.888   0.391   1.00 51.57  ? 353 GLY A O   1 
ATOM   646  N N   . GLU A 1 90  ? -6.120  4.777   -0.085  1.00 45.30  ? 354 GLU A N   1 
ATOM   647  C CA  . GLU A 1 90  ? -6.533  4.553   1.282   1.00 52.35  ? 354 GLU A CA  1 
ATOM   648  C C   . GLU A 1 90  ? -5.360  4.713   2.223   1.00 46.58  ? 354 GLU A C   1 
ATOM   649  O O   . GLU A 1 90  ? -5.495  5.204   3.334   1.00 50.15  ? 354 GLU A O   1 
ATOM   650  C CB  . GLU A 1 90  ? -7.077  3.124   1.434   1.00 59.46  ? 354 GLU A CB  1 
ATOM   651  C CG  . GLU A 1 90  ? -8.472  3.050   1.991   1.00 72.69  ? 354 GLU A CG  1 
ATOM   652  C CD  . GLU A 1 90  ? -8.527  3.567   3.424   1.00 84.83  ? 354 GLU A CD  1 
ATOM   653  O OE1 . GLU A 1 90  ? -7.975  2.873   4.325   1.00 84.13  ? 354 GLU A OE1 1 
ATOM   654  O OE2 . GLU A 1 90  ? -9.101  4.673   3.639   1.00 81.21  ? 354 GLU A OE2 1 
ATOM   655  N N   . GLN A 1 91  ? -4.208  4.212   1.794   1.00 44.55  ? 355 GLN A N   1 
ATOM   656  C CA  . GLN A 1 91  ? -2.977  4.290   2.606   1.00 42.53  ? 355 GLN A CA  1 
ATOM   657  C C   . GLN A 1 91  ? -2.458  5.719   2.766   1.00 41.54  ? 355 GLN A C   1 
ATOM   658  O O   . GLN A 1 91  ? -2.117  6.142   3.865   1.00 38.27  ? 355 GLN A O   1 
ATOM   659  C CB  . GLN A 1 91  ? -1.871  3.412   2.017   1.00 43.84  ? 355 GLN A CB  1 
ATOM   660  C CG  . GLN A 1 91  ? -1.776  2.029   2.634   1.00 38.64  ? 355 GLN A CG  1 
ATOM   661  C CD  . GLN A 1 91  ? -0.942  1.076   1.805   1.00 42.05  ? 355 GLN A CD  1 
ATOM   662  O OE1 . GLN A 1 91  ? -1.130  -0.133  1.877   1.00 47.91  ? 355 GLN A OE1 1 
ATOM   663  N NE2 . GLN A 1 91  ? 0.020   1.603   1.048   1.00 40.88  ? 355 GLN A NE2 1 
ATOM   664  N N   . LEU A 1 92  ? -2.451  6.472   1.679   1.00 38.45  ? 356 LEU A N   1 
ATOM   665  C CA  . LEU A 1 92  ? -2.090  7.874   1.756   1.00 40.98  ? 356 LEU A CA  1 
ATOM   666  C C   . LEU A 1 92  ? -3.003  8.539   2.739   1.00 48.05  ? 356 LEU A C   1 
ATOM   667  O O   . LEU A 1 92  ? -2.562  9.412   3.503   1.00 45.79  ? 356 LEU A O   1 
ATOM   668  C CB  . LEU A 1 92  ? -2.295  8.575   0.426   1.00 41.99  ? 356 LEU A CB  1 
ATOM   669  C CG  . LEU A 1 92  ? -1.885  10.034  0.373   1.00 40.08  ? 356 LEU A CG  1 
ATOM   670  C CD1 . LEU A 1 92  ? -0.544  10.274  1.052   1.00 44.99  ? 356 LEU A CD1 1 
ATOM   671  C CD2 . LEU A 1 92  ? -1.841  10.349  -1.107  1.00 41.99  ? 356 LEU A CD2 1 
ATOM   672  N N   . SER A 1 93  ? -4.287  8.149   2.705   1.00 47.97  ? 357 SER A N   1 
ATOM   673  C CA  . SER A 1 93  ? -5.263  8.742   3.635   1.00 51.50  ? 357 SER A CA  1 
ATOM   674  C C   . SER A 1 93  ? -5.006  8.450   5.060   1.00 46.85  ? 357 SER A C   1 
ATOM   675  O O   . SER A 1 93  ? -5.405  9.205   5.903   1.00 52.55  ? 357 SER A O   1 
ATOM   676  C CB  . SER A 1 93  ? -6.667  8.311   3.312   1.00 54.14  ? 357 SER A CB  1 
ATOM   677  O OG  . SER A 1 93  ? -7.157  9.131   2.273   1.00 60.66  ? 357 SER A OG  1 
ATOM   678  N N   . GLN A 1 94  ? -4.326  7.357   5.328   1.00 54.01  ? 358 GLN A N   1 
ATOM   679  C CA  . GLN A 1 94  ? -3.945  7.024   6.685   1.00 59.63  ? 358 GLN A CA  1 
ATOM   680  C C   . GLN A 1 94  ? -2.757  7.854   7.086   1.00 53.25  ? 358 GLN A C   1 
ATOM   681  O O   . GLN A 1 94  ? -2.430  7.891   8.253   1.00 53.47  ? 358 GLN A O   1 
ATOM   682  C CB  . GLN A 1 94  ? -3.567  5.534   6.780   1.00 70.66  ? 358 GLN A CB  1 
ATOM   683  C CG  . GLN A 1 94  ? -4.343  4.810   7.847   1.00 87.00  ? 358 GLN A CG  1 
ATOM   684  C CD  . GLN A 1 94  ? -5.800  4.964   7.560   1.00 107.64 ? 358 GLN A CD  1 
ATOM   685  O OE1 . GLN A 1 94  ? -6.185  5.199   6.412   1.00 117.65 ? 358 GLN A OE1 1 
ATOM   686  N NE2 . GLN A 1 94  ? -6.621  4.886   8.598   1.00 114.23 ? 358 GLN A NE2 1 
ATOM   687  N N   . LEU A 1 95  ? -2.073  8.489   6.128   1.00 49.80  ? 359 LEU A N   1 
ATOM   688  C CA  . LEU A 1 95  ? -0.935  9.329   6.478   1.00 53.45  ? 359 LEU A CA  1 
ATOM   689  C C   . LEU A 1 95  ? -1.347  10.793  6.488   1.00 45.35  ? 359 LEU A C   1 
ATOM   690  O O   . LEU A 1 95  ? -0.530  11.677  6.247   1.00 50.09  ? 359 LEU A O   1 
ATOM   691  C CB  . LEU A 1 95  ? 0.219   9.127   5.491   1.00 55.61  ? 359 LEU A CB  1 
ATOM   692  C CG  . LEU A 1 95  ? 0.683   7.682   5.340   1.00 52.51  ? 359 LEU A CG  1 
ATOM   693  C CD1 . LEU A 1 95  ? 1.524   7.544   4.092   1.00 57.04  ? 359 LEU A CD1 1 
ATOM   694  C CD2 . LEU A 1 95  ? 1.471   7.207   6.536   1.00 52.36  ? 359 LEU A CD2 1 
ATOM   695  N N   . THR A 1 96  ? -2.633  11.016  6.715   1.00 39.27  ? 360 THR A N   1 
ATOM   696  C CA  . THR A 1 96  ? -3.261  12.330  6.809   1.00 38.26  ? 360 THR A CA  1 
ATOM   697  C C   . THR A 1 96  ? -3.603  12.898  5.440   1.00 37.72  ? 360 THR A C   1 
ATOM   698  O O   . THR A 1 96  ? -4.022  14.021  5.338   1.00 40.48  ? 360 THR A O   1 
ATOM   699  C CB  . THR A 1 96  ? -2.424  13.376  7.593   1.00 38.13  ? 360 THR A CB  1 
ATOM   700  O OG1 . THR A 1 96  ? -1.440  13.973  6.733   1.00 43.69  ? 360 THR A OG1 1 
ATOM   701  C CG2 . THR A 1 96  ? -1.711  12.747  8.755   1.00 40.05  ? 360 THR A CG2 1 
ATOM   702  N N   . GLY A 1 97  ? -3.424  12.138  4.379   1.00 38.02  ? 361 GLY A N   1 
ATOM   703  C CA  . GLY A 1 97  ? -3.865  12.620  3.064   1.00 36.51  ? 361 GLY A CA  1 
ATOM   704  C C   . GLY A 1 97  ? -2.806  13.401  2.334   1.00 38.16  ? 361 GLY A C   1 
ATOM   705  O O   . GLY A 1 97  ? -2.993  13.688  1.162   1.00 42.81  ? 361 GLY A O   1 
ATOM   706  N N   . VAL A 1 98  ? -1.707  13.764  3.005   1.00 37.55  ? 362 VAL A N   1 
ATOM   707  C CA  . VAL A 1 98  ? -0.634  14.501  2.344   1.00 39.25  ? 362 VAL A CA  1 
ATOM   708  C C   . VAL A 1 98  ? 0.699   13.966  2.732   1.00 30.06  ? 362 VAL A C   1 
ATOM   709  O O   . VAL A 1 98  ? 1.018   13.848  3.924   1.00 28.69  ? 362 VAL A O   1 
ATOM   710  C CB  . VAL A 1 98  ? -0.514  16.009  2.738   1.00 45.64  ? 362 VAL A CB  1 
ATOM   711  C CG1 . VAL A 1 98  ? -0.281  16.840  1.496   1.00 51.22  ? 362 VAL A CG1 1 
ATOM   712  C CG2 . VAL A 1 98  ? -1.691  16.495  3.507   1.00 50.62  ? 362 VAL A CG2 1 
ATOM   713  N N   . ALA A 1 99  ? 1.526   13.776  1.737   1.00 29.43  ? 363 ALA A N   1 
ATOM   714  C CA  . ALA A 1 99  ? 2.921   13.366  1.979   1.00 33.30  ? 363 ALA A CA  1 
ATOM   715  C C   . ALA A 1 99  ? 3.812   13.903  0.882   1.00 29.73  ? 363 ALA A C   1 
ATOM   716  O O   . ALA A 1 99  ? 3.307   14.308  -0.175  1.00 35.00  ? 363 ALA A O   1 
ATOM   717  C CB  . ALA A 1 99  ? 2.986   11.861  2.012   1.00 36.80  ? 363 ALA A CB  1 
ATOM   718  N N   . ALA A 1 100 ? 5.105   13.879  1.095   1.00 25.15  ? 364 ALA A N   1 
ATOM   719  C CA  . ALA A 1 100 ? 6.007   14.317  0.049   1.00 27.24  ? 364 ALA A CA  1 
ATOM   720  C C   . ALA A 1 100 ? 7.296   13.552  0.086   1.00 30.48  ? 364 ALA A C   1 
ATOM   721  O O   . ALA A 1 100 ? 7.780   13.170  1.153   1.00 31.92  ? 364 ALA A O   1 
ATOM   722  C CB  . ALA A 1 100 ? 6.328   15.770  0.212   1.00 30.92  ? 364 ALA A CB  1 
ATOM   723  N N   . ILE A 1 101 ? 7.801   13.276  -1.096  1.00 30.29  ? 365 ILE A N   1 
ATOM   724  C CA  . ILE A 1 101 ? 9.133   12.832  -1.252  1.00 32.99  ? 365 ILE A CA  1 
ATOM   725  C C   . ILE A 1 101 ? 9.967   14.082  -1.526  1.00 31.78  ? 365 ILE A C   1 
ATOM   726  O O   . ILE A 1 101 ? 9.656   14.876  -2.423  1.00 27.22  ? 365 ILE A O   1 
ATOM   727  C CB  . ILE A 1 101 ? 9.272   11.927  -2.461  1.00 33.75  ? 365 ILE A CB  1 
ATOM   728  C CG1 . ILE A 1 101 ? 8.346   10.742  -2.313  1.00 33.14  ? 365 ILE A CG1 1 
ATOM   729  C CG2 . ILE A 1 101 ? 10.713  11.487  -2.620  1.00 33.48  ? 365 ILE A CG2 1 
ATOM   730  C CD1 . ILE A 1 101 ? 8.381   9.838   -3.529  1.00 31.44  ? 365 ILE A CD1 1 
ATOM   731  N N   . LEU A 1 102 ? 11.047  14.233  -0.780  1.00 33.55  ? 366 LEU A N   1 
ATOM   732  C CA  . LEU A 1 102 ? 11.874  15.417  -0.938  1.00 32.96  ? 366 LEU A CA  1 
ATOM   733  C C   . LEU A 1 102 ? 13.038  15.182  -1.870  1.00 28.80  ? 366 LEU A C   1 
ATOM   734  O O   . LEU A 1 102 ? 13.639  14.110  -1.900  1.00 30.72  ? 366 LEU A O   1 
ATOM   735  C CB  . LEU A 1 102 ? 12.387  15.910  0.394   1.00 33.64  ? 366 LEU A CB  1 
ATOM   736  C CG  . LEU A 1 102 ? 11.434  16.173  1.579   1.00 35.39  ? 366 LEU A CG  1 
ATOM   737  C CD1 . LEU A 1 102 ? 11.988  17.263  2.474   1.00 32.80  ? 366 LEU A CD1 1 
ATOM   738  C CD2 . LEU A 1 102 ? 10.042  16.533  1.169   1.00 35.46  ? 366 LEU A CD2 1 
ATOM   739  N N   . ARG A 1 103 ? 13.337  16.182  -2.667  1.00 29.11  ? 367 ARG A N   1 
ATOM   740  C CA  . ARG A 1 103 ? 14.541  16.135  -3.498  1.00 29.90  ? 367 ARG A CA  1 
ATOM   741  C C   . ARG A 1 103 ? 15.763  16.343  -2.619  1.00 30.59  ? 367 ARG A C   1 
ATOM   742  O O   . ARG A 1 103 ? 16.802  15.764  -2.886  1.00 34.14  ? 367 ARG A O   1 
ATOM   743  C CB  . ARG A 1 103 ? 14.460  17.198  -4.560  1.00 27.43  ? 367 ARG A CB  1 
ATOM   744  C CG  . ARG A 1 103 ? 15.596  17.167  -5.547  1.00 29.18  ? 367 ARG A CG  1 
ATOM   745  C CD  . ARG A 1 103 ? 15.293  18.110  -6.739  1.00 30.01  ? 367 ARG A CD  1 
ATOM   746  N NE  . ARG A 1 103 ? 14.154  17.598  -7.484  1.00 31.87  ? 367 ARG A NE  1 
ATOM   747  C CZ  . ARG A 1 103 ? 13.165  18.303  -8.023  1.00 34.09  ? 367 ARG A CZ  1 
ATOM   748  N NH1 . ARG A 1 103 ? 13.129  19.607  -7.926  1.00 35.61  ? 367 ARG A NH1 1 
ATOM   749  N NH2 . ARG A 1 103 ? 12.182  17.666  -8.654  1.00 34.83  ? 367 ARG A NH2 1 
ATOM   750  N N   . PHE A 1 104 ? 15.637  17.209  -1.613  1.00 29.67  ? 368 PHE A N   1 
ATOM   751  C CA  . PHE A 1 104 ? 16.763  17.600  -0.746  1.00 29.23  ? 368 PHE A CA  1 
ATOM   752  C C   . PHE A 1 104 ? 16.216  17.592  0.676   1.00 31.42  ? 368 PHE A C   1 
ATOM   753  O O   . PHE A 1 104 ? 15.003  17.751  0.891   1.00 29.92  ? 368 PHE A O   1 
ATOM   754  C CB  . PHE A 1 104 ? 17.278  19.007  -1.004  1.00 29.53  ? 368 PHE A CB  1 
ATOM   755  C CG  . PHE A 1 104 ? 17.778  19.230  -2.401  1.00 31.61  ? 368 PHE A CG  1 
ATOM   756  C CD1 . PHE A 1 104 ? 19.008  18.749  -2.802  1.00 33.96  ? 368 PHE A CD1 1 
ATOM   757  C CD2 . PHE A 1 104 ? 17.003  19.917  -3.323  1.00 32.88  ? 368 PHE A CD2 1 
ATOM   758  C CE1 . PHE A 1 104 ? 19.494  18.953  -4.082  1.00 30.59  ? 368 PHE A CE1 1 
ATOM   759  C CE2 . PHE A 1 104 ? 17.458  20.118  -4.611  1.00 31.14  ? 368 PHE A CE2 1 
ATOM   760  C CZ  . PHE A 1 104 ? 18.712  19.631  -4.984  1.00 32.57  ? 368 PHE A CZ  1 
ATOM   761  N N   . PRO A 1 105 ? 17.092  17.351  1.653   1.00 29.83  ? 369 PRO A N   1 
ATOM   762  C CA  . PRO A 1 105 ? 16.669  17.430  3.003   1.00 31.32  ? 369 PRO A CA  1 
ATOM   763  C C   . PRO A 1 105 ? 16.411  18.865  3.360   1.00 32.66  ? 369 PRO A C   1 
ATOM   764  O O   . PRO A 1 105 ? 16.981  19.759  2.740   1.00 35.86  ? 369 PRO A O   1 
ATOM   765  C CB  . PRO A 1 105 ? 17.884  16.922  3.780   1.00 33.82  ? 369 PRO A CB  1 
ATOM   766  C CG  . PRO A 1 105 ? 19.047  17.085  2.870   1.00 31.61  ? 369 PRO A CG  1 
ATOM   767  C CD  . PRO A 1 105 ? 18.472  16.853  1.528   1.00 29.79  ? 369 PRO A CD  1 
ATOM   768  N N   . VAL A 1 106 ? 15.586  19.079  4.365   1.00 35.64  ? 370 VAL A N   1 
ATOM   769  C CA  . VAL A 1 106 ? 15.419  20.415  4.928   1.00 39.90  ? 370 VAL A CA  1 
ATOM   770  C C   . VAL A 1 106 ? 16.097  20.487  6.298   1.00 37.45  ? 370 VAL A C   1 
ATOM   771  O O   . VAL A 1 106 ? 15.516  20.037  7.283   1.00 41.44  ? 370 VAL A O   1 
ATOM   772  C CB  . VAL A 1 106 ? 13.937  20.820  5.021   1.00 37.14  ? 370 VAL A CB  1 
ATOM   773  C CG1 . VAL A 1 106 ? 13.800  22.277  5.380   1.00 38.83  ? 370 VAL A CG1 1 
ATOM   774  C CG2 . VAL A 1 106 ? 13.339  20.644  3.665   1.00 38.25  ? 370 VAL A CG2 1 
ATOM   775  N N   . PRO A 1 107 ? 17.318  21.061  6.363   1.00 43.55  ? 371 PRO A N   1 
ATOM   776  C CA  . PRO A 1 107 ? 17.994  21.037  7.670   1.00 45.56  ? 371 PRO A CA  1 
ATOM   777  C C   . PRO A 1 107 ? 17.191  21.449  8.885   1.00 54.00  ? 371 PRO A C   1 
ATOM   778  O O   . PRO A 1 107 ? 17.508  21.006  9.979   1.00 65.73  ? 371 PRO A O   1 
ATOM   779  C CB  . PRO A 1 107 ? 19.116  22.010  7.500   1.00 43.86  ? 371 PRO A CB  1 
ATOM   780  C CG  . PRO A 1 107 ? 19.413  22.043  6.028   1.00 43.95  ? 371 PRO A CG  1 
ATOM   781  C CD  . PRO A 1 107 ? 18.139  21.745  5.331   1.00 41.46  ? 371 PRO A CD  1 
ATOM   782  N N   . GLU A 1 108 ? 16.173  22.282  8.700   1.00 76.55  ? 372 GLU A N   1 
ATOM   783  C CA  . GLU A 1 108 ? 15.334  22.786  9.807   1.00 88.23  ? 372 GLU A CA  1 
ATOM   784  C C   . GLU A 1 108 ? 14.105  21.904  10.052  1.00 99.25  ? 372 GLU A C   1 
ATOM   785  O O   . GLU A 1 108 ? 13.304  22.200  10.935  1.00 93.44  ? 372 GLU A O   1 
ATOM   786  C CB  . GLU A 1 108 ? 14.901  24.247  9.538   1.00 94.03  ? 372 GLU A CB  1 
ATOM   787  C CG  . GLU A 1 108 ? 15.779  25.326  10.197  1.00 101.58 ? 372 GLU A CG  1 
ATOM   788  C CD  . GLU A 1 108 ? 17.273  25.247  9.815   1.00 109.98 ? 372 GLU A CD  1 
ATOM   789  O OE1 . GLU A 1 108 ? 18.067  24.635  10.596  1.00 93.84  ? 372 GLU A OE1 1 
ATOM   790  O OE2 . GLU A 1 108 ? 17.662  25.792  8.738   1.00 96.95  ? 372 GLU A OE2 1 
ATOM   791  N N   . LEU A 1 109 ? 13.974  20.828  9.264   1.00 110.06 ? 373 LEU A N   1 
ATOM   792  C CA  . LEU A 1 109 ? 12.940  19.797  9.417   1.00 96.24  ? 373 LEU A CA  1 
ATOM   793  C C   . LEU A 1 109 ? 11.548  20.388  9.295   1.00 83.49  ? 373 LEU A C   1 
ATOM   794  O O   . LEU A 1 109 ? 10.735  19.902  8.515   1.00 79.84  ? 373 LEU A O   1 
ATOM   795  C CB  . LEU A 1 109 ? 13.117  19.006  10.734  1.00 98.97  ? 373 LEU A CB  1 
ATOM   796  C CG  . LEU A 1 109 ? 14.504  18.332  10.853  1.00 100.41 ? 373 LEU A CG  1 
ATOM   797  C CD1 . LEU A 1 109 ? 15.625  19.361  10.956  1.00 97.97  ? 373 LEU A CD1 1 
ATOM   798  C CD2 . LEU A 1 109 ? 14.609  17.314  11.991  1.00 92.81  ? 373 LEU A CD2 1 
ATOM   799  N N   . ALA B 1 7   ? 4.186   -2.307  -8.677  1.00 87.21  ? 271 ALA B N   1 
ATOM   800  C CA  . ALA B 1 7   ? 3.379   -2.557  -9.913  1.00 86.77  ? 271 ALA B CA  1 
ATOM   801  C C   . ALA B 1 7   ? 1.905   -2.429  -9.513  1.00 86.75  ? 271 ALA B C   1 
ATOM   802  O O   . ALA B 1 7   ? 1.523   -2.683  -8.349  1.00 73.48  ? 271 ALA B O   1 
ATOM   803  C CB  . ALA B 1 7   ? 3.690   -3.941  -10.563 1.00 76.03  ? 271 ALA B CB  1 
ATOM   804  N N   . ALA B 1 8   ? 1.110   -1.967  -10.477 1.00 88.83  ? 272 ALA B N   1 
ATOM   805  C CA  . ALA B 1 8   ? -0.342  -2.021  -10.435 1.00 94.61  ? 272 ALA B CA  1 
ATOM   806  C C   . ALA B 1 8   ? -0.843  -3.447  -10.126 1.00 86.59  ? 272 ALA B C   1 
ATOM   807  O O   . ALA B 1 8   ? -1.738  -3.615  -9.295  1.00 81.71  ? 272 ALA B O   1 
ATOM   808  C CB  . ALA B 1 8   ? -0.915  -1.519  -11.772 1.00 101.29 ? 272 ALA B CB  1 
ATOM   809  N N   . GLY B 1 9   ? -0.208  -4.460  -10.745 1.00 82.21  ? 273 GLY B N   1 
ATOM   810  C CA  . GLY B 1 9   ? -0.695  -5.847  -10.707 1.00 71.46  ? 273 GLY B CA  1 
ATOM   811  C C   . GLY B 1 9   ? -0.795  -6.342  -9.279  1.00 66.64  ? 273 GLY B C   1 
ATOM   812  O O   . GLY B 1 9   ? -1.742  -7.023  -8.908  1.00 59.39  ? 273 GLY B O   1 
ATOM   813  N N   . GLU B 1 10  ? 0.207   -5.990  -8.484  1.00 61.32  ? 274 GLU B N   1 
ATOM   814  C CA  . GLU B 1 10  ? 0.213   -6.314  -7.079  1.00 66.10  ? 274 GLU B CA  1 
ATOM   815  C C   . GLU B 1 10  ? -0.959  -5.620  -6.366  1.00 73.14  ? 274 GLU B C   1 
ATOM   816  O O   . GLU B 1 10  ? -1.586  -6.197  -5.462  1.00 66.19  ? 274 GLU B O   1 
ATOM   817  C CB  . GLU B 1 10  ? 1.505   -5.834  -6.379  1.00 75.93  ? 274 GLU B CB  1 
ATOM   818  C CG  . GLU B 1 10  ? 2.857   -6.050  -7.066  1.00 71.45  ? 274 GLU B CG  1 
ATOM   819  C CD  . GLU B 1 10  ? 4.006   -5.637  -6.138  1.00 68.69  ? 274 GLU B CD  1 
ATOM   820  O OE1 . GLU B 1 10  ? 3.811   -4.740  -5.289  1.00 64.87  ? 274 GLU B OE1 1 
ATOM   821  O OE2 . GLU B 1 10  ? 5.105   -6.216  -6.213  1.00 69.14  ? 274 GLU B OE2 1 
ATOM   822  N N   . VAL B 1 11  ? -1.217  -4.362  -6.725  1.00 60.60  ? 275 VAL B N   1 
ATOM   823  C CA  . VAL B 1 11  ? -2.217  -3.614  -5.981  1.00 57.19  ? 275 VAL B CA  1 
ATOM   824  C C   . VAL B 1 11  ? -3.577  -4.057  -6.421  1.00 49.53  ? 275 VAL B C   1 
ATOM   825  O O   . VAL B 1 11  ? -4.515  -4.074  -5.618  1.00 51.60  ? 275 VAL B O   1 
ATOM   826  C CB  . VAL B 1 11  ? -2.133  -2.073  -6.114  1.00 60.21  ? 275 VAL B CB  1 
ATOM   827  C CG1 . VAL B 1 11  ? -1.059  -1.560  -5.220  1.00 49.05  ? 275 VAL B CG1 1 
ATOM   828  C CG2 . VAL B 1 11  ? -1.938  -1.587  -7.559  1.00 64.91  ? 275 VAL B CG2 1 
ATOM   829  N N   . LYS B 1 12  ? -3.689  -4.374  -7.694  1.00 40.37  ? 276 LYS B N   1 
ATOM   830  C CA  . LYS B 1 12  ? -4.901  -4.878  -8.206  1.00 45.52  ? 276 LYS B CA  1 
ATOM   831  C C   . LYS B 1 12  ? -5.328  -6.124  -7.422  1.00 44.47  ? 276 LYS B C   1 
ATOM   832  O O   . LYS B 1 12  ? -6.499  -6.302  -7.124  1.00 39.02  ? 276 LYS B O   1 
ATOM   833  C CB  . LYS B 1 12  ? -4.781  -5.216  -9.669  1.00 56.21  ? 276 LYS B CB  1 
ATOM   834  C CG  . LYS B 1 12  ? -6.149  -5.146  -10.324 1.00 70.41  ? 276 LYS B CG  1 
ATOM   835  C CD  . LYS B 1 12  ? -6.062  -4.798  -11.791 1.00 83.61  ? 276 LYS B CD  1 
ATOM   836  C CE  . LYS B 1 12  ? -5.506  -3.385  -12.014 1.00 82.14  ? 276 LYS B CE  1 
ATOM   837  N NZ  . LYS B 1 12  ? -4.770  -3.228  -13.321 1.00 78.52  ? 276 LYS B NZ  1 
ATOM   838  N N   . ALA B 1 13  ? -4.377  -6.983  -7.089  1.00 42.50  ? 277 ALA B N   1 
ATOM   839  C CA  . ALA B 1 13  ? -4.711  -8.191  -6.358  1.00 42.08  ? 277 ALA B CA  1 
ATOM   840  C C   . ALA B 1 13  ? -5.254  -7.857  -4.981  1.00 41.81  ? 277 ALA B C   1 
ATOM   841  O O   . ALA B 1 13  ? -6.203  -8.486  -4.519  1.00 45.15  ? 277 ALA B O   1 
ATOM   842  C CB  . ALA B 1 13  ? -3.514  -9.117  -6.241  1.00 41.24  ? 277 ALA B CB  1 
ATOM   843  N N   . LEU B 1 14  ? -4.630  -6.908  -4.304  1.00 43.79  ? 278 LEU B N   1 
ATOM   844  C CA  . LEU B 1 14  ? -5.083  -6.495  -2.960  1.00 39.49  ? 278 LEU B CA  1 
ATOM   845  C C   . LEU B 1 14  ? -6.444  -5.829  -3.043  1.00 38.47  ? 278 LEU B C   1 
ATOM   846  O O   . LEU B 1 14  ? -7.302  -5.982  -2.158  1.00 36.26  ? 278 LEU B O   1 
ATOM   847  C CB  . LEU B 1 14  ? -4.084  -5.490  -2.341  1.00 40.63  ? 278 LEU B CB  1 
ATOM   848  C CG  . LEU B 1 14  ? -3.076  -6.035  -1.338  1.00 40.22  ? 278 LEU B CG  1 
ATOM   849  C CD1 . LEU B 1 14  ? -3.723  -6.862  -0.242  1.00 39.79  ? 278 LEU B CD1 1 
ATOM   850  C CD2 . LEU B 1 14  ? -2.108  -6.916  -2.087  1.00 46.50  ? 278 LEU B CD2 1 
ATOM   851  N N   . ASP B 1 15  ? -6.621  -5.058  -4.099  1.00 35.48  ? 279 ASP B N   1 
ATOM   852  C CA  . ASP B 1 15  ? -7.895  -4.406  -4.326  1.00 38.72  ? 279 ASP B CA  1 
ATOM   853  C C   . ASP B 1 15  ? -8.951  -5.463  -4.435  1.00 39.50  ? 279 ASP B C   1 
ATOM   854  O O   . ASP B 1 15  ? -10.039 -5.297  -3.839  1.00 39.10  ? 279 ASP B O   1 
ATOM   855  C CB  . ASP B 1 15  ? -7.893  -3.543  -5.607  1.00 37.39  ? 279 ASP B CB  1 
ATOM   856  C CG  . ASP B 1 15  ? -7.160  -2.196  -5.418  1.00 40.87  ? 279 ASP B CG  1 
ATOM   857  O OD1 . ASP B 1 15  ? -6.988  -1.737  -4.257  1.00 39.77  ? 279 ASP B OD1 1 
ATOM   858  O OD2 . ASP B 1 15  ? -6.783  -1.581  -6.441  1.00 44.42  ? 279 ASP B OD2 1 
ATOM   859  N N   . ASP B 1 16  ? -8.632  -6.527  -5.201  1.00 33.67  ? 280 ASP B N   1 
ATOM   860  C CA  . ASP B 1 16  ? -9.532  -7.634  -5.405  1.00 31.96  ? 280 ASP B CA  1 
ATOM   861  C C   . ASP B 1 16  ? -9.799  -8.358  -4.097  1.00 33.28  ? 280 ASP B C   1 
ATOM   862  O O   . ASP B 1 16  ? -10.918 -8.852  -3.873  1.00 34.28  ? 280 ASP B O   1 
ATOM   863  C CB  . ASP B 1 16  ? -8.995  -8.632  -6.407  1.00 32.24  ? 280 ASP B CB  1 
ATOM   864  C CG  . ASP B 1 16  ? -9.184  -8.194  -7.841  1.00 31.97  ? 280 ASP B CG  1 
ATOM   865  O OD1 . ASP B 1 16  ? -9.925  -7.233  -8.131  1.00 29.09  ? 280 ASP B OD1 1 
ATOM   866  O OD2 . ASP B 1 16  ? -8.561  -8.828  -8.706  1.00 34.66  ? 280 ASP B OD2 1 
ATOM   867  N N   . PHE B 1 17  ? -8.805  -8.424  -3.227  1.00 28.32  ? 281 PHE B N   1 
ATOM   868  C CA  . PHE B 1 17  ? -9.050  -8.997  -1.923  1.00 30.14  ? 281 PHE B CA  1 
ATOM   869  C C   . PHE B 1 17  ? -10.094 -8.190  -1.148  1.00 33.21  ? 281 PHE B C   1 
ATOM   870  O O   . PHE B 1 17  ? -10.993 -8.752  -0.536  1.00 37.03  ? 281 PHE B O   1 
ATOM   871  C CB  . PHE B 1 17  ? -7.767  -9.104  -1.118  1.00 28.79  ? 281 PHE B CB  1 
ATOM   872  C CG  . PHE B 1 17  ? -7.959  -9.689  0.262   1.00 29.71  ? 281 PHE B CG  1 
ATOM   873  C CD1 . PHE B 1 17  ? -8.020  -11.030 0.444   1.00 33.98  ? 281 PHE B CD1 1 
ATOM   874  C CD2 . PHE B 1 17  ? -8.043  -8.902  1.355   1.00 33.79  ? 281 PHE B CD2 1 
ATOM   875  C CE1 . PHE B 1 17  ? -8.193  -11.598 1.683   1.00 35.28  ? 281 PHE B CE1 1 
ATOM   876  C CE2 . PHE B 1 17  ? -8.230  -9.444  2.617   1.00 37.23  ? 281 PHE B CE2 1 
ATOM   877  C CZ  . PHE B 1 17  ? -8.299  -10.805 2.779   1.00 40.02  ? 281 PHE B CZ  1 
ATOM   878  N N   . TYR B 1 18  ? -9.952  -6.879  -1.116  1.00 34.52  ? 282 TYR B N   1 
ATOM   879  C CA  . TYR B 1 18  ? -10.912 -6.034  -0.388  1.00 34.56  ? 282 TYR B CA  1 
ATOM   880  C C   . TYR B 1 18  ? -12.267 -6.025  -1.081  1.00 30.77  ? 282 TYR B C   1 
ATOM   881  O O   . TYR B 1 18  ? -13.288 -5.983  -0.432  1.00 27.37  ? 282 TYR B O   1 
ATOM   882  C CB  . TYR B 1 18  ? -10.372 -4.623  -0.157  1.00 33.27  ? 282 TYR B CB  1 
ATOM   883  C CG  . TYR B 1 18  ? -9.375  -4.659  0.969   1.00 32.49  ? 282 TYR B CG  1 
ATOM   884  C CD1 . TYR B 1 18  ? -9.772  -4.524  2.280   1.00 32.58  ? 282 TYR B CD1 1 
ATOM   885  C CD2 . TYR B 1 18  ? -8.068  -4.919  0.716   1.00 31.19  ? 282 TYR B CD2 1 
ATOM   886  C CE1 . TYR B 1 18  ? -8.863  -4.613  3.318   1.00 32.09  ? 282 TYR B CE1 1 
ATOM   887  C CE2 . TYR B 1 18  ? -7.155  -5.028  1.738   1.00 31.35  ? 282 TYR B CE2 1 
ATOM   888  C CZ  . TYR B 1 18  ? -7.544  -4.861  3.024   1.00 34.09  ? 282 TYR B CZ  1 
ATOM   889  O OH  . TYR B 1 18  ? -6.592  -4.944  4.016   1.00 38.30  ? 282 TYR B OH  1 
ATOM   890  N N   . LYS B 1 19  ? -12.267 -6.125  -2.394  1.00 32.43  ? 283 LYS B N   1 
ATOM   891  C CA  . LYS B 1 19  ? -13.520 -6.227  -3.116  1.00 34.61  ? 283 LYS B CA  1 
ATOM   892  C C   . LYS B 1 19  ? -14.280 -7.481  -2.704  1.00 35.28  ? 283 LYS B C   1 
ATOM   893  O O   . LYS B 1 19  ? -15.469 -7.441  -2.490  1.00 40.93  ? 283 LYS B O   1 
ATOM   894  C CB  . LYS B 1 19  ? -13.226 -6.285  -4.567  1.00 35.49  ? 283 LYS B CB  1 
ATOM   895  C CG  . LYS B 1 19  ? -14.411 -5.956  -5.410  1.00 40.96  ? 283 LYS B CG  1 
ATOM   896  C CD  . LYS B 1 19  ? -14.068 -6.035  -6.882  1.00 42.46  ? 283 LYS B CD  1 
ATOM   897  C CE  . LYS B 1 19  ? -15.337 -6.058  -7.743  1.00 53.12  ? 283 LYS B CE  1 
ATOM   898  N NZ  . LYS B 1 19  ? -14.875 -6.134  -9.183  1.00 62.61  ? 283 LYS B NZ  1 
ATOM   899  N N   . MET B 1 20  ? -13.538 -8.558  -2.479  1.00 34.94  ? 284 MET B N   1 
ATOM   900  C CA  . MET B 1 20  ? -14.090 -9.830  -2.143  1.00 33.97  ? 284 MET B CA  1 
ATOM   901  C C   . MET B 1 20  ? -14.703 -9.796  -0.763  1.00 32.29  ? 284 MET B C   1 
ATOM   902  O O   . MET B 1 20  ? -15.716 -10.473 -0.511  1.00 30.67  ? 284 MET B O   1 
ATOM   903  C CB  . MET B 1 20  ? -13.031 -10.961 -2.240  1.00 30.97  ? 284 MET B CB  1 
ATOM   904  C CG  . MET B 1 20  ? -13.651 -12.354 -2.231  1.00 32.27  ? 284 MET B CG  1 
ATOM   905  S SD  . MET B 1 20  ? -14.673 -12.793 -3.666  1.00 30.06  ? 284 MET B SD  1 
ATOM   906  C CE  . MET B 1 20  ? -13.403 -12.940 -4.920  1.00 34.30  ? 284 MET B CE  1 
ATOM   907  N N   . LEU B 1 21  ? -14.062 -9.091  0.141   1.00 35.94  ? 285 LEU B N   1 
ATOM   908  C CA  . LEU B 1 21  ? -14.644 -8.894  1.502   1.00 38.21  ? 285 LEU B CA  1 
ATOM   909  C C   . LEU B 1 21  ? -16.038 -8.263  1.442   1.00 35.40  ? 285 LEU B C   1 
ATOM   910  O O   . LEU B 1 21  ? -16.866 -8.511  2.297   1.00 42.51  ? 285 LEU B O   1 
ATOM   911  C CB  . LEU B 1 21  ? -13.734 -8.036  2.349   1.00 35.81  ? 285 LEU B CB  1 
ATOM   912  C CG  . LEU B 1 21  ? -12.512 -8.784  2.903   1.00 37.20  ? 285 LEU B CG  1 
ATOM   913  C CD1 . LEU B 1 21  ? -11.549 -7.808  3.583   1.00 37.52  ? 285 LEU B CD1 1 
ATOM   914  C CD2 . LEU B 1 21  ? -12.866 -9.858  3.925   1.00 32.38  ? 285 LEU B CD2 1 
ATOM   915  N N   . GLN B 1 22  ? -16.308 -7.529  0.387   1.00 31.87  ? 286 GLN B N   1 
ATOM   916  C CA  . GLN B 1 22  ? -17.608 -6.911  0.208   1.00 36.52  ? 286 GLN B CA  1 
ATOM   917  C C   . GLN B 1 22  ? -18.510 -7.856  -0.590  1.00 33.99  ? 286 GLN B C   1 
ATOM   918  O O   . GLN B 1 22  ? -19.631 -8.159  -0.187  1.00 34.63  ? 286 GLN B O   1 
ATOM   919  C CB  . GLN B 1 22  ? -17.425 -5.567  -0.509  1.00 42.91  ? 286 GLN B CB  1 
ATOM   920  C CG  . GLN B 1 22  ? -18.157 -4.402  0.160   1.00 53.62  ? 286 GLN B CG  1 
ATOM   921  C CD  . GLN B 1 22  ? -17.661 -4.063  1.606   1.00 53.50  ? 286 GLN B CD  1 
ATOM   922  O OE1 . GLN B 1 22  ? -16.541 -4.424  2.062   1.00 45.19  ? 286 GLN B OE1 1 
ATOM   923  N NE2 . GLN B 1 22  ? -18.540 -3.398  2.349   1.00 51.20  ? 286 GLN B NE2 1 
ATOM   924  N N   . HIS B 1 23  ? -17.978 -8.399  -1.675  1.00 27.78  ? 287 HIS B N   1 
ATOM   925  C CA  . HIS B 1 23  ? -18.737 -9.286  -2.511  1.00 27.95  ? 287 HIS B CA  1 
ATOM   926  C C   . HIS B 1 23  ? -19.086 -10.653 -1.916  1.00 29.35  ? 287 HIS B C   1 
ATOM   927  O O   . HIS B 1 23  ? -20.192 -11.124 -2.020  1.00 28.15  ? 287 HIS B O   1 
ATOM   928  C CB  . HIS B 1 23  ? -18.014 -9.498  -3.844  1.00 28.57  ? 287 HIS B CB  1 
ATOM   929  C CG  . HIS B 1 23  ? -18.775 -10.396 -4.784  1.00 29.84  ? 287 HIS B CG  1 
ATOM   930  N ND1 . HIS B 1 23  ? -19.859 -9.956  -5.500  1.00 32.53  ? 287 HIS B ND1 1 
ATOM   931  C CD2 . HIS B 1 23  ? -18.637 -11.716 -5.079  1.00 28.52  ? 287 HIS B CD2 1 
ATOM   932  C CE1 . HIS B 1 23  ? -20.320 -10.963 -6.242  1.00 35.21  ? 287 HIS B CE1 1 
ATOM   933  N NE2 . HIS B 1 23  ? -19.593 -12.031 -6.013  1.00 28.07  ? 287 HIS B NE2 1 
ATOM   934  N N   . GLU B 1 24  ? -18.088 -11.365 -1.417  1.00 31.90  ? 288 GLU B N   1 
ATOM   935  C CA  . GLU B 1 24  ? -18.336 -12.656 -0.812  1.00 32.21  ? 288 GLU B CA  1 
ATOM   936  C C   . GLU B 1 24  ? -17.322 -12.871 0.309   1.00 33.36  ? 288 GLU B C   1 
ATOM   937  O O   . GLU B 1 24  ? -16.236 -13.419 0.081   1.00 32.48  ? 288 GLU B O   1 
ATOM   938  C CB  . GLU B 1 24  ? -18.252 -13.821 -1.812  1.00 30.50  ? 288 GLU B CB  1 
ATOM   939  C CG  . GLU B 1 24  ? -18.823 -15.075 -1.145  1.00 31.37  ? 288 GLU B CG  1 
ATOM   940  C CD  . GLU B 1 24  ? -18.820 -16.345 -1.984  1.00 28.97  ? 288 GLU B CD  1 
ATOM   941  O OE1 . GLU B 1 24  ? -18.779 -16.250 -3.201  1.00 24.11  ? 288 GLU B OE1 1 
ATOM   942  O OE2 . GLU B 1 24  ? -18.779 -17.469 -1.413  1.00 31.49  ? 288 GLU B OE2 1 
ATOM   943  N N   . PRO B 1 25  ? -17.679 -12.452 1.527   1.00 31.64  ? 289 PRO B N   1 
ATOM   944  C CA  . PRO B 1 25  ? -16.699 -12.500 2.595   1.00 32.01  ? 289 PRO B CA  1 
ATOM   945  C C   . PRO B 1 25  ? -16.094 -13.879 2.852   1.00 31.67  ? 289 PRO B C   1 
ATOM   946  O O   . PRO B 1 25  ? -14.933 -13.966 3.175   1.00 34.10  ? 289 PRO B O   1 
ATOM   947  C CB  . PRO B 1 25  ? -17.455 -11.983 3.813   1.00 33.03  ? 289 PRO B CB  1 
ATOM   948  C CG  . PRO B 1 25  ? -18.678 -11.344 3.325   1.00 34.13  ? 289 PRO B CG  1 
ATOM   949  C CD  . PRO B 1 25  ? -18.862 -11.647 1.859   1.00 32.72  ? 289 PRO B CD  1 
ATOM   950  N N   . ASP B 1 26  ? -16.851 -14.950 2.659   1.00 32.42  ? 290 ASP B N   1 
ATOM   951  C CA  . ASP B 1 26  ? -16.346 -16.303 2.870   1.00 27.60  ? 290 ASP B CA  1 
ATOM   952  C C   . ASP B 1 26  ? -15.318 -16.746 1.847   1.00 30.98  ? 290 ASP B C   1 
ATOM   953  O O   . ASP B 1 26  ? -14.852 -17.878 1.906   1.00 31.38  ? 290 ASP B O   1 
ATOM   954  C CB  . ASP B 1 26  ? -17.481 -17.326 3.005   1.00 26.63  ? 290 ASP B CB  1 
ATOM   955  C CG  . ASP B 1 26  ? -18.311 -17.508 1.753   1.00 29.69  ? 290 ASP B CG  1 
ATOM   956  O OD1 . ASP B 1 26  ? -17.737 -17.447 0.654   1.00 27.97  ? 290 ASP B OD1 1 
ATOM   957  O OD2 . ASP B 1 26  ? -19.563 -17.774 1.875   1.00 29.29  ? 290 ASP B OD2 1 
ATOM   958  N N   . ARG B 1 27  ? -14.975 -15.892 0.880   1.00 30.40  ? 291 ARG B N   1 
ATOM   959  C CA  . ARG B 1 27  ? -13.897 -16.237 -0.047  1.00 29.89  ? 291 ARG B CA  1 
ATOM   960  C C   . ARG B 1 27  ? -12.724 -15.261 0.114   1.00 30.27  ? 291 ARG B C   1 
ATOM   961  O O   . ARG B 1 27  ? -11.948 -15.087 -0.791  1.00 29.59  ? 291 ARG B O   1 
ATOM   962  C CB  . ARG B 1 27  ? -14.353 -16.216 -1.476  1.00 27.69  ? 291 ARG B CB  1 
ATOM   963  C CG  . ARG B 1 27  ? -15.209 -17.389 -1.936  1.00 30.18  ? 291 ARG B CG  1 
ATOM   964  C CD  . ARG B 1 27  ? -15.987 -17.024 -3.220  1.00 30.41  ? 291 ARG B CD  1 
ATOM   965  N NE  . ARG B 1 27  ? -15.075 -16.829 -4.271  1.00 36.83  ? 291 ARG B NE  1 
ATOM   966  C CZ  . ARG B 1 27  ? -15.178 -16.066 -5.347  1.00 31.42  ? 291 ARG B CZ  1 
ATOM   967  N NH1 . ARG B 1 27  ? -16.200 -15.327 -5.585  1.00 29.63  ? 291 ARG B NH1 1 
ATOM   968  N NH2 . ARG B 1 27  ? -14.102 -16.030 -6.160  1.00 47.47  ? 291 ARG B NH2 1 
ATOM   969  N N   . ALA B 1 28  ? -12.600 -14.646 1.266   1.00 31.31  ? 292 ALA B N   1 
ATOM   970  C CA  . ALA B 1 28  ? -11.455 -13.807 1.545   1.00 35.31  ? 292 ALA B CA  1 
ATOM   971  C C   . ALA B 1 28  ? -10.985 -14.084 2.955   1.00 34.19  ? 292 ALA B C   1 
ATOM   972  O O   . ALA B 1 28  ? -11.652 -13.734 3.896   1.00 33.01  ? 292 ALA B O   1 
ATOM   973  C CB  . ALA B 1 28  ? -11.840 -12.356 1.396   1.00 34.14  ? 292 ALA B CB  1 
ATOM   974  N N   . PHE B 1 29  ? -9.841  -14.725 3.091   1.00 36.19  ? 293 PHE B N   1 
ATOM   975  C CA  . PHE B 1 29  ? -9.327  -15.145 4.388   1.00 39.88  ? 293 PHE B CA  1 
ATOM   976  C C   . PHE B 1 29  ? -7.967  -14.479 4.643   1.00 38.50  ? 293 PHE B C   1 
ATOM   977  O O   . PHE B 1 29  ? -7.252  -14.180 3.693   1.00 35.48  ? 293 PHE B O   1 
ATOM   978  C CB  . PHE B 1 29  ? -9.092  -16.639 4.339   1.00 48.64  ? 293 PHE B CB  1 
ATOM   979  C CG  . PHE B 1 29  ? -10.333 -17.484 4.458   1.00 54.51  ? 293 PHE B CG  1 
ATOM   980  C CD1 . PHE B 1 29  ? -11.600 -16.962 4.302   1.00 59.31  ? 293 PHE B CD1 1 
ATOM   981  C CD2 . PHE B 1 29  ? -10.194 -18.831 4.733   1.00 63.59  ? 293 PHE B CD2 1 
ATOM   982  C CE1 . PHE B 1 29  ? -12.707 -17.758 4.443   1.00 61.34  ? 293 PHE B CE1 1 
ATOM   983  C CE2 . PHE B 1 29  ? -11.299 -19.653 4.876   1.00 63.12  ? 293 PHE B CE2 1 
ATOM   984  C CZ  . PHE B 1 29  ? -12.561 -19.103 4.727   1.00 67.82  ? 293 PHE B CZ  1 
ATOM   985  N N   . TYR B 1 30  ? -7.605  -14.258 5.900   1.00 38.52  ? 294 TYR B N   1 
ATOM   986  C CA  . TYR B 1 30  ? -6.224  -13.935 6.219   1.00 43.76  ? 294 TYR B CA  1 
ATOM   987  C C   . TYR B 1 30  ? -5.806  -14.569 7.504   1.00 45.91  ? 294 TYR B C   1 
ATOM   988  O O   . TYR B 1 30  ? -6.626  -14.949 8.304   1.00 40.75  ? 294 TYR B O   1 
ATOM   989  C CB  . TYR B 1 30  ? -6.015  -12.431 6.288   1.00 47.10  ? 294 TYR B CB  1 
ATOM   990  C CG  . TYR B 1 30  ? -6.797  -11.799 7.387   1.00 51.93  ? 294 TYR B CG  1 
ATOM   991  C CD1 . TYR B 1 30  ? -8.112  -11.389 7.182   1.00 52.11  ? 294 TYR B CD1 1 
ATOM   992  C CD2 . TYR B 1 30  ? -6.229  -11.594 8.642   1.00 61.74  ? 294 TYR B CD2 1 
ATOM   993  C CE1 . TYR B 1 30  ? -8.838  -10.791 8.197   1.00 54.46  ? 294 TYR B CE1 1 
ATOM   994  C CE2 . TYR B 1 30  ? -6.954  -11.002 9.679   1.00 63.01  ? 294 TYR B CE2 1 
ATOM   995  C CZ  . TYR B 1 30  ? -8.252  -10.598 9.439   1.00 59.44  ? 294 TYR B CZ  1 
ATOM   996  O OH  . TYR B 1 30  ? -8.966  -10.033 10.457  1.00 63.74  ? 294 TYR B OH  1 
ATOM   997  N N   . GLY B 1 31  ? -4.501  -14.638 7.724   1.00 47.20  ? 295 GLY B N   1 
ATOM   998  C CA  . GLY B 1 31  ? -3.988  -15.467 8.796   1.00 48.95  ? 295 GLY B CA  1 
ATOM   999  C C   . GLY B 1 31  ? -3.522  -16.767 8.216   1.00 49.35  ? 295 GLY B C   1 
ATOM   1000 O O   . GLY B 1 31  ? -4.127  -17.274 7.314   1.00 47.58  ? 295 GLY B O   1 
ATOM   1001 N N   . LEU B 1 32  ? -2.431  -17.304 8.749   1.00 61.29  ? 296 LEU B N   1 
ATOM   1002 C CA  . LEU B 1 32  ? -1.834  -18.536 8.226   1.00 56.73  ? 296 LEU B CA  1 
ATOM   1003 C C   . LEU B 1 32  ? -2.684  -19.769 8.470   1.00 53.48  ? 296 LEU B C   1 
ATOM   1004 O O   . LEU B 1 32  ? -2.741  -20.649 7.631   1.00 58.56  ? 296 LEU B O   1 
ATOM   1005 C CB  . LEU B 1 32  ? -0.452  -18.740 8.832   1.00 60.88  ? 296 LEU B CB  1 
ATOM   1006 C CG  . LEU B 1 32  ? 0.303   -20.005 8.408   1.00 66.60  ? 296 LEU B CG  1 
ATOM   1007 C CD1 . LEU B 1 32  ? 0.660   -19.976 6.926   1.00 60.31  ? 296 LEU B CD1 1 
ATOM   1008 C CD2 . LEU B 1 32  ? 1.558   -20.195 9.257   1.00 65.83  ? 296 LEU B CD2 1 
ATOM   1009 N N   . LYS B 1 33  ? -3.337  -19.845 9.614   1.00 54.58  ? 297 LYS B N   1 
ATOM   1010 C CA  . LYS B 1 33  ? -4.190  -20.981 9.914   1.00 58.76  ? 297 LYS B CA  1 
ATOM   1011 C C   . LYS B 1 33  ? -5.410  -21.044 9.027   1.00 56.75  ? 297 LYS B C   1 
ATOM   1012 O O   . LYS B 1 33  ? -5.784  -22.136 8.568   1.00 48.71  ? 297 LYS B O   1 
ATOM   1013 C CB  . LYS B 1 33  ? -4.648  -20.980 11.370  1.00 70.62  ? 297 LYS B CB  1 
ATOM   1014 C CG  . LYS B 1 33  ? -3.652  -21.636 12.332  1.00 90.55  ? 297 LYS B CG  1 
ATOM   1015 C CD  . LYS B 1 33  ? -2.176  -21.348 11.986  1.00 95.85  ? 297 LYS B CD  1 
ATOM   1016 C CE  . LYS B 1 33  ? -1.215  -21.656 13.125  1.00 94.94  ? 297 LYS B CE  1 
ATOM   1017 N NZ  . LYS B 1 33  ? -1.584  -22.895 13.871  1.00 100.17 ? 297 LYS B NZ  1 
ATOM   1018 N N   . GLN B 1 34  ? -6.046  -19.888 8.801   1.00 57.66  ? 298 GLN B N   1 
ATOM   1019 C CA  . GLN B 1 34  ? -7.207  -19.825 7.904   1.00 56.21  ? 298 GLN B CA  1 
ATOM   1020 C C   . GLN B 1 34  ? -6.820  -20.172 6.483   1.00 53.74  ? 298 GLN B C   1 
ATOM   1021 O O   . GLN B 1 34  ? -7.503  -20.939 5.788   1.00 55.60  ? 298 GLN B O   1 
ATOM   1022 C CB  . GLN B 1 34  ? -7.830  -18.449 7.937   1.00 65.22  ? 298 GLN B CB  1 
ATOM   1023 C CG  . GLN B 1 34  ? -8.725  -18.189 9.130   1.00 74.30  ? 298 GLN B CG  1 
ATOM   1024 C CD  . GLN B 1 34  ? -10.187 -18.233 8.674   1.00 91.20  ? 298 GLN B CD  1 
ATOM   1025 O OE1 . GLN B 1 34  ? -10.857 -19.271 8.745   1.00 92.90  ? 298 GLN B OE1 1 
ATOM   1026 N NE2 . GLN B 1 34  ? -10.655 -17.114 8.102   1.00 100.15 ? 298 GLN B NE2 1 
ATOM   1027 N N   . VAL B 1 35  ? -5.689  -19.627 6.069   1.00 46.41  ? 299 VAL B N   1 
ATOM   1028 C CA  . VAL B 1 35  ? -5.224  -19.803 4.727   1.00 45.41  ? 299 VAL B CA  1 
ATOM   1029 C C   . VAL B 1 35  ? -4.802  -21.231 4.529   1.00 50.39  ? 299 VAL B C   1 
ATOM   1030 O O   . VAL B 1 35  ? -4.891  -21.798 3.428   1.00 55.45  ? 299 VAL B O   1 
ATOM   1031 C CB  . VAL B 1 35  ? -4.096  -18.814 4.424   1.00 47.88  ? 299 VAL B CB  1 
ATOM   1032 C CG1 . VAL B 1 35  ? -3.463  -19.100 3.084   1.00 51.91  ? 299 VAL B CG1 1 
ATOM   1033 C CG2 . VAL B 1 35  ? -4.662  -17.406 4.397   1.00 47.19  ? 299 VAL B CG2 1 
ATOM   1034 N N   . GLU B 1 36  ? -4.386  -21.862 5.604   1.00 57.59  ? 300 GLU B N   1 
ATOM   1035 C CA  . GLU B 1 36  ? -4.022  -23.267 5.494   1.00 57.58  ? 300 GLU B CA  1 
ATOM   1036 C C   . GLU B 1 36  ? -5.209  -24.160 5.393   1.00 50.67  ? 300 GLU B C   1 
ATOM   1037 O O   . GLU B 1 36  ? -5.207  -25.078 4.605   1.00 46.46  ? 300 GLU B O   1 
ATOM   1038 C CB  . GLU B 1 36  ? -3.199  -23.673 6.679   1.00 60.05  ? 300 GLU B CB  1 
ATOM   1039 C CG  . GLU B 1 36  ? -1.791  -23.970 6.232   1.00 60.60  ? 300 GLU B CG  1 
ATOM   1040 C CD  . GLU B 1 36  ? -0.811  -23.730 7.331   1.00 65.09  ? 300 GLU B CD  1 
ATOM   1041 O OE1 . GLU B 1 36  ? 0.377   -23.661 7.006   1.00 72.45  ? 300 GLU B OE1 1 
ATOM   1042 O OE2 . GLU B 1 36  ? -1.229  -23.626 8.499   1.00 68.94  ? 300 GLU B OE2 1 
ATOM   1043 N N   . LYS B 1 37  ? -6.224  -23.856 6.181   1.00 52.47  ? 301 LYS B N   1 
ATOM   1044 C CA  . LYS B 1 37  ? -7.533  -24.491 6.052   1.00 51.46  ? 301 LYS B CA  1 
ATOM   1045 C C   . LYS B 1 37  ? -7.994  -24.419 4.598   1.00 50.97  ? 301 LYS B C   1 
ATOM   1046 O O   . LYS B 1 37  ? -8.417  -25.410 4.022   1.00 48.59  ? 301 LYS B O   1 
ATOM   1047 C CB  . LYS B 1 37  ? -8.578  -23.780 6.928   1.00 59.43  ? 301 LYS B CB  1 
ATOM   1048 C CG  . LYS B 1 37  ? -9.612  -24.717 7.538   1.00 79.30  ? 301 LYS B CG  1 
ATOM   1049 C CD  . LYS B 1 37  ? -9.034  -25.446 8.777   1.00 90.55  ? 301 LYS B CD  1 
ATOM   1050 C CE  . LYS B 1 37  ? -9.302  -26.962 8.819   1.00 97.87  ? 301 LYS B CE  1 
ATOM   1051 N NZ  . LYS B 1 37  ? -10.405 -27.329 9.750   1.00 102.77 ? 301 LYS B NZ  1 
ATOM   1052 N N   . ALA B 1 38  ? -7.917  -23.231 4.006   1.00 45.47  ? 302 ALA B N   1 
ATOM   1053 C CA  . ALA B 1 38  ? -8.436  -23.046 2.674   1.00 47.73  ? 302 ALA B CA  1 
ATOM   1054 C C   . ALA B 1 38  ? -7.646  -23.823 1.643   1.00 46.36  ? 302 ALA B C   1 
ATOM   1055 O O   . ALA B 1 38  ? -8.225  -24.409 0.711   1.00 41.48  ? 302 ALA B O   1 
ATOM   1056 C CB  . ALA B 1 38  ? -8.451  -21.588 2.323   1.00 48.57  ? 302 ALA B CB  1 
ATOM   1057 N N   . ASN B 1 39  ? -6.332  -23.891 1.812   1.00 44.04  ? 303 ASN B N   1 
ATOM   1058 C CA  . ASN B 1 39  ? -5.562  -24.744 0.881   1.00 46.84  ? 303 ASN B CA  1 
ATOM   1059 C C   . ASN B 1 39  ? -5.791  -26.259 1.029   1.00 45.78  ? 303 ASN B C   1 
ATOM   1060 O O   . ASN B 1 39  ? -5.762  -27.005 0.047   1.00 43.63  ? 303 ASN B O   1 
ATOM   1061 C CB  . ASN B 1 39  ? -4.096  -24.469 1.007   1.00 49.15  ? 303 ASN B CB  1 
ATOM   1062 C CG  . ASN B 1 39  ? -3.317  -25.230 -0.003  1.00 49.62  ? 303 ASN B CG  1 
ATOM   1063 O OD1 . ASN B 1 39  ? -3.501  -25.034 -1.202  1.00 50.22  ? 303 ASN B OD1 1 
ATOM   1064 N ND2 . ASN B 1 39  ? -2.486  -26.155 0.462   1.00 53.29  ? 303 ASN B ND2 1 
ATOM   1065 N N   . GLU B 1 40  ? -6.035  -26.724 2.245   1.00 48.10  ? 304 GLU B N   1 
ATOM   1066 C CA  . GLU B 1 40  ? -6.365  -28.137 2.425   1.00 56.22  ? 304 GLU B CA  1 
ATOM   1067 C C   . GLU B 1 40  ? -7.614  -28.492 1.625   1.00 48.62  ? 304 GLU B C   1 
ATOM   1068 O O   . GLU B 1 40  ? -7.705  -29.561 1.083   1.00 48.05  ? 304 GLU B O   1 
ATOM   1069 C CB  . GLU B 1 40  ? -6.556  -28.515 3.900   1.00 62.79  ? 304 GLU B CB  1 
ATOM   1070 C CG  . GLU B 1 40  ? -6.024  -29.910 4.218   1.00 79.26  ? 304 GLU B CG  1 
ATOM   1071 C CD  . GLU B 1 40  ? -4.527  -30.085 3.906   1.00 88.59  ? 304 GLU B CD  1 
ATOM   1072 O OE1 . GLU B 1 40  ? -3.717  -29.265 4.402   1.00 88.86  ? 304 GLU B OE1 1 
ATOM   1073 O OE2 . GLU B 1 40  ? -4.158  -31.035 3.164   1.00 84.18  ? 304 GLU B OE2 1 
ATOM   1074 N N   . ALA B 1 41  ? -8.564  -27.576 1.535   1.00 43.70  ? 305 ALA B N   1 
ATOM   1075 C CA  . ALA B 1 41  ? -9.762  -27.814 0.743   1.00 38.63  ? 305 ALA B CA  1 
ATOM   1076 C C   . ALA B 1 41  ? -9.479  -27.541 -0.708  1.00 42.91  ? 305 ALA B C   1 
ATOM   1077 O O   . ALA B 1 41  ? -10.415 -27.596 -1.533  1.00 41.32  ? 305 ALA B O   1 
ATOM   1078 C CB  . ALA B 1 41  ? -10.904 -26.924 1.217   1.00 39.78  ? 305 ALA B CB  1 
ATOM   1079 N N   . MET B 1 42  ? -8.224  -27.201 -1.039  1.00 39.70  ? 306 MET B N   1 
ATOM   1080 C CA  . MET B 1 42  ? -7.879  -26.846 -2.393  1.00 42.62  ? 306 MET B CA  1 
ATOM   1081 C C   . MET B 1 42  ? -8.671  -25.663 -2.949  1.00 42.54  ? 306 MET B C   1 
ATOM   1082 O O   . MET B 1 42  ? -8.959  -25.625 -4.159  1.00 38.55  ? 306 MET B O   1 
ATOM   1083 C CB  . MET B 1 42  ? -8.112  -28.040 -3.317  1.00 46.99  ? 306 MET B CB  1 
ATOM   1084 C CG  . MET B 1 42  ? -6.938  -29.016 -3.292  1.00 55.73  ? 306 MET B CG  1 
ATOM   1085 S SD  . MET B 1 42  ? -7.347  -30.646 -3.964  1.00 52.72  ? 306 MET B SD  1 
ATOM   1086 C CE  . MET B 1 42  ? -8.683  -30.931 -2.773  1.00 57.41  ? 306 MET B CE  1 
ATOM   1087 N N   . ALA B 1 43  ? -9.067  -24.736 -2.085  1.00 37.06  ? 307 ALA B N   1 
ATOM   1088 C CA  . ALA B 1 43  ? -10.052 -23.689 -2.465  1.00 39.91  ? 307 ALA B CA  1 
ATOM   1089 C C   . ALA B 1 43  ? -9.470  -22.365 -2.949  1.00 36.08  ? 307 ALA B C   1 
ATOM   1090 O O   . ALA B 1 43  ? -10.206 -21.475 -3.364  1.00 39.91  ? 307 ALA B O   1 
ATOM   1091 C CB  . ALA B 1 43  ? -10.980 -23.412 -1.295  1.00 42.59  ? 307 ALA B CB  1 
ATOM   1092 N N   . ILE B 1 44  ? -8.153  -22.255 -2.956  1.00 35.26  ? 308 ILE B N   1 
ATOM   1093 C CA  . ILE B 1 44  ? -7.470  -20.981 -3.161  1.00 31.19  ? 308 ILE B CA  1 
ATOM   1094 C C   . ILE B 1 44  ? -7.399  -20.521 -4.600  1.00 30.67  ? 308 ILE B C   1 
ATOM   1095 O O   . ILE B 1 44  ? -7.111  -21.288 -5.499  1.00 38.02  ? 308 ILE B O   1 
ATOM   1096 C CB  . ILE B 1 44  ? -6.096  -21.022 -2.518  1.00 32.11  ? 308 ILE B CB  1 
ATOM   1097 C CG1 . ILE B 1 44  ? -6.252  -20.972 -0.998  1.00 32.45  ? 308 ILE B CG1 1 
ATOM   1098 C CG2 . ILE B 1 44  ? -5.258  -19.834 -2.949  1.00 36.39  ? 308 ILE B CG2 1 
ATOM   1099 C CD1 . ILE B 1 44  ? -4.953  -20.819 -0.230  1.00 32.12  ? 308 ILE B CD1 1 
ATOM   1100 N N   . ASP B 1 45  ? -7.683  -19.236 -4.802  1.00 31.92  ? 309 ASP B N   1 
ATOM   1101 C CA  . ASP B 1 45  ? -7.531  -18.557 -6.101  1.00 34.23  ? 309 ASP B CA  1 
ATOM   1102 C C   . ASP B 1 45  ? -6.153  -17.938 -6.120  1.00 38.00  ? 309 ASP B C   1 
ATOM   1103 O O   . ASP B 1 45  ? -5.321  -18.341 -6.922  1.00 38.91  ? 309 ASP B O   1 
ATOM   1104 C CB  . ASP B 1 45  ? -8.661  -17.552 -6.245  1.00 34.42  ? 309 ASP B CB  1 
ATOM   1105 C CG  . ASP B 1 45  ? -8.422  -16.441 -7.259  1.00 34.97  ? 309 ASP B CG  1 
ATOM   1106 O OD1 . ASP B 1 45  ? -7.321  -16.197 -7.727  1.00 35.77  ? 309 ASP B OD1 1 
ATOM   1107 O OD2 . ASP B 1 45  ? -9.422  -15.740 -7.559  1.00 35.64  ? 309 ASP B OD2 1 
ATOM   1108 N N   . THR B 1 46  ? -5.899  -17.015 -5.199  1.00 40.28  ? 310 THR B N   1 
ATOM   1109 C CA  . THR B 1 46  ? -4.600  -16.415 -5.072  1.00 37.45  ? 310 THR B CA  1 
ATOM   1110 C C   . THR B 1 46  ? -4.146  -16.355 -3.657  1.00 37.87  ? 310 THR B C   1 
ATOM   1111 O O   . THR B 1 46  ? -4.868  -15.908 -2.773  1.00 38.29  ? 310 THR B O   1 
ATOM   1112 C CB  . THR B 1 46  ? -4.639  -15.015 -5.617  1.00 39.29  ? 310 THR B CB  1 
ATOM   1113 O OG1 . THR B 1 46  ? -5.086  -15.098 -6.964  1.00 34.74  ? 310 THR B OG1 1 
ATOM   1114 C CG2 . THR B 1 46  ? -3.260  -14.385 -5.608  1.00 41.22  ? 310 THR B CG2 1 
ATOM   1115 N N   . LEU B 1 47  ? -2.908  -16.797 -3.438  1.00 41.91  ? 311 LEU B N   1 
ATOM   1116 C CA  . LEU B 1 47  ? -2.283  -16.666 -2.136  1.00 41.32  ? 311 LEU B CA  1 
ATOM   1117 C C   . LEU B 1 47  ? -1.488  -15.394 -2.181  1.00 42.57  ? 311 LEU B C   1 
ATOM   1118 O O   . LEU B 1 47  ? -0.815  -15.122 -3.173  1.00 46.12  ? 311 LEU B O   1 
ATOM   1119 C CB  . LEU B 1 47  ? -1.395  -17.858 -1.846  1.00 44.94  ? 311 LEU B CB  1 
ATOM   1120 C CG  . LEU B 1 47  ? -0.542  -17.767 -0.578  1.00 44.79  ? 311 LEU B CG  1 
ATOM   1121 C CD1 . LEU B 1 47  ? -1.360  -17.925 0.666   1.00 42.70  ? 311 LEU B CD1 1 
ATOM   1122 C CD2 . LEU B 1 47  ? 0.513   -18.847 -0.648  1.00 48.20  ? 311 LEU B CD2 1 
ATOM   1123 N N   . LEU B 1 48  ? -1.596  -14.590 -1.129  1.00 45.10  ? 312 LEU B N   1 
ATOM   1124 C CA  . LEU B 1 48  ? -0.981  -13.278 -1.110  1.00 44.43  ? 312 LEU B CA  1 
ATOM   1125 C C   . LEU B 1 48  ? -0.021  -13.270 0.049   1.00 51.38  ? 312 LEU B C   1 
ATOM   1126 O O   . LEU B 1 48  ? -0.483  -13.457 1.185   1.00 49.86  ? 312 LEU B O   1 
ATOM   1127 C CB  . LEU B 1 48  ? -2.032  -12.188 -0.880  1.00 43.30  ? 312 LEU B CB  1 
ATOM   1128 C CG  . LEU B 1 48  ? -2.763  -11.538 -2.053  1.00 45.20  ? 312 LEU B CG  1 
ATOM   1129 C CD1 . LEU B 1 48  ? -2.704  -12.352 -3.310  1.00 50.19  ? 312 LEU B CD1 1 
ATOM   1130 C CD2 . LEU B 1 48  ? -4.197  -11.176 -1.774  1.00 44.99  ? 312 LEU B CD2 1 
ATOM   1131 N N   . ILE B 1 49  ? 1.283   -13.063 -0.202  1.00 47.40  ? 313 ILE B N   1 
ATOM   1132 C CA  . ILE B 1 49  ? 2.256   -13.027 0.911   1.00 55.78  ? 313 ILE B CA  1 
ATOM   1133 C C   . ILE B 1 49  ? 3.195   -11.823 0.908   1.00 53.23  ? 313 ILE B C   1 
ATOM   1134 O O   . ILE B 1 49  ? 3.668   -11.412 -0.167  1.00 50.24  ? 313 ILE B O   1 
ATOM   1135 C CB  . ILE B 1 49  ? 3.160   -14.268 0.944   1.00 60.07  ? 313 ILE B CB  1 
ATOM   1136 C CG1 . ILE B 1 49  ? 2.350   -15.481 0.547   1.00 63.54  ? 313 ILE B CG1 1 
ATOM   1137 C CG2 . ILE B 1 49  ? 3.751   -14.434 2.342   1.00 59.26  ? 313 ILE B CG2 1 
ATOM   1138 C CD1 . ILE B 1 49  ? 2.723   -16.757 1.261   1.00 68.03  ? 313 ILE B CD1 1 
ATOM   1139 N N   . SER B 1 50  ? 3.471   -11.301 2.115   1.00 51.10  ? 314 SER B N   1 
ATOM   1140 C CA  . SER B 1 50  ? 4.529   -10.274 2.283   1.00 57.67  ? 314 SER B CA  1 
ATOM   1141 C C   . SER B 1 50  ? 5.876   -10.934 2.459   1.00 60.27  ? 314 SER B C   1 
ATOM   1142 O O   . SER B 1 50  ? 5.998   -11.837 3.286   1.00 65.88  ? 314 SER B O   1 
ATOM   1143 C CB  . SER B 1 50  ? 4.294   -9.461  3.526   1.00 60.07  ? 314 SER B CB  1 
ATOM   1144 O OG  . SER B 1 50  ? 5.140   -8.337  3.509   1.00 56.27  ? 314 SER B OG  1 
ATOM   1145 N N   . ASP B 1 51  ? 6.896   -10.536 1.700   1.00 62.86  ? 315 ASP B N   1 
ATOM   1146 C CA  . ASP B 1 51  ? 8.234   -11.167 1.911   1.00 62.27  ? 315 ASP B CA  1 
ATOM   1147 C C   . ASP B 1 51  ? 8.853   -10.832 3.277   1.00 58.98  ? 315 ASP B C   1 
ATOM   1148 O O   . ASP B 1 51  ? 9.811   -11.466 3.682   1.00 71.62  ? 315 ASP B O   1 
ATOM   1149 C CB  . ASP B 1 51  ? 9.211   -10.941 0.744   1.00 56.57  ? 315 ASP B CB  1 
ATOM   1150 C CG  . ASP B 1 51  ? 9.504   -9.495  0.491   1.00 58.01  ? 315 ASP B CG  1 
ATOM   1151 O OD1 . ASP B 1 51  ? 9.342   -8.705  1.457   1.00 55.87  ? 315 ASP B OD1 1 
ATOM   1152 O OD2 . ASP B 1 51  ? 9.884   -9.170  -0.673  1.00 50.23  ? 315 ASP B OD2 1 
ATOM   1153 N N   . GLU B 1 52  ? 8.278   -9.872  3.989   1.00 64.61  ? 316 GLU B N   1 
ATOM   1154 C CA  . GLU B 1 52  ? 8.595   -9.646  5.398   1.00 72.05  ? 316 GLU B CA  1 
ATOM   1155 C C   . GLU B 1 52  ? 8.506   -10.906 6.238   1.00 72.49  ? 316 GLU B C   1 
ATOM   1156 O O   . GLU B 1 52  ? 9.245   -11.068 7.181   1.00 82.58  ? 316 GLU B O   1 
ATOM   1157 C CB  . GLU B 1 52  ? 7.687   -8.529  5.967   1.00 84.26  ? 316 GLU B CB  1 
ATOM   1158 C CG  . GLU B 1 52  ? 7.139   -8.676  7.399   1.00 87.56  ? 316 GLU B CG  1 
ATOM   1159 C CD  . GLU B 1 52  ? 7.741   -7.697  8.383   1.00 89.93  ? 316 GLU B CD  1 
ATOM   1160 O OE1 . GLU B 1 52  ? 7.575   -6.479  8.168   1.00 83.40  ? 316 GLU B OE1 1 
ATOM   1161 O OE2 . GLU B 1 52  ? 8.345   -8.133  9.387   1.00 93.17  ? 316 GLU B OE2 1 
ATOM   1162 N N   . LEU B 1 53  ? 7.612   -11.812 5.891   1.00 87.11  ? 317 LEU B N   1 
ATOM   1163 C CA  . LEU B 1 53  ? 7.431   -13.039 6.671   1.00 87.03  ? 317 LEU B CA  1 
ATOM   1164 C C   . LEU B 1 53  ? 8.584   -13.995 6.570   1.00 92.21  ? 317 LEU B C   1 
ATOM   1165 O O   . LEU B 1 53  ? 8.754   -14.844 7.433   1.00 93.77  ? 317 LEU B O   1 
ATOM   1166 C CB  . LEU B 1 53  ? 6.149   -13.776 6.259   1.00 84.85  ? 317 LEU B CB  1 
ATOM   1167 C CG  . LEU B 1 53  ? 4.847   -13.114 6.701   1.00 78.12  ? 317 LEU B CG  1 
ATOM   1168 C CD1 . LEU B 1 53  ? 3.686   -13.912 6.159   1.00 74.57  ? 317 LEU B CD1 1 
ATOM   1169 C CD2 . LEU B 1 53  ? 4.763   -12.979 8.219   1.00 74.57  ? 317 LEU B CD2 1 
ATOM   1170 N N   . PHE B 1 54  ? 9.383   -13.881 5.526   1.00 98.37  ? 318 PHE B N   1 
ATOM   1171 C CA  . PHE B 1 54  ? 10.479  -14.819 5.376   1.00 99.81  ? 318 PHE B CA  1 
ATOM   1172 C C   . PHE B 1 54  ? 11.746  -14.367 6.103   1.00 105.96 ? 318 PHE B C   1 
ATOM   1173 O O   . PHE B 1 54  ? 12.777  -15.007 5.953   1.00 102.30 ? 318 PHE B O   1 
ATOM   1174 C CB  . PHE B 1 54  ? 10.740  -15.092 3.903   1.00 91.61  ? 318 PHE B CB  1 
ATOM   1175 C CG  . PHE B 1 54  ? 9.526   -15.562 3.171   1.00 89.04  ? 318 PHE B CG  1 
ATOM   1176 C CD1 . PHE B 1 54  ? 8.798   -16.638 3.646   1.00 88.38  ? 318 PHE B CD1 1 
ATOM   1177 C CD2 . PHE B 1 54  ? 9.109   -14.933 2.002   1.00 85.00  ? 318 PHE B CD2 1 
ATOM   1178 C CE1 . PHE B 1 54  ? 7.677   -17.077 2.973   1.00 86.81  ? 318 PHE B CE1 1 
ATOM   1179 C CE2 . PHE B 1 54  ? 7.988   -15.366 1.327   1.00 78.18  ? 318 PHE B CE2 1 
ATOM   1180 C CZ  . PHE B 1 54  ? 7.271   -16.436 1.813   1.00 78.75  ? 318 PHE B CZ  1 
ATOM   1181 N N   . ARG B 1 55  ? 11.674  -13.275 6.876   1.00 106.46 ? 319 ARG B N   1 
ATOM   1182 C CA  . ARG B 1 55  ? 12.743  -12.870 7.800   1.00 100.94 ? 319 ARG B CA  1 
ATOM   1183 C C   . ARG B 1 55  ? 12.367  -13.166 9.252   1.00 94.42  ? 319 ARG B C   1 
ATOM   1184 O O   . ARG B 1 55  ? 13.231  -13.427 10.083  1.00 87.34  ? 319 ARG B O   1 
ATOM   1185 C CB  . ARG B 1 55  ? 13.006  -11.379 7.661   1.00 108.45 ? 319 ARG B CB  1 
ATOM   1186 C CG  . ARG B 1 55  ? 13.066  -10.883 6.225   1.00 111.16 ? 319 ARG B CG  1 
ATOM   1187 C CD  . ARG B 1 55  ? 13.279  -9.384  6.183   1.00 115.97 ? 319 ARG B CD  1 
ATOM   1188 N NE  . ARG B 1 55  ? 12.909  -8.841  4.875   1.00 123.17 ? 319 ARG B NE  1 
ATOM   1189 C CZ  . ARG B 1 55  ? 11.975  -7.910  4.655   1.00 118.89 ? 319 ARG B CZ  1 
ATOM   1190 N NH1 . ARG B 1 55  ? 11.270  -7.364  5.651   1.00 110.68 ? 319 ARG B NH1 1 
ATOM   1191 N NH2 . ARG B 1 55  ? 11.746  -7.510  3.405   1.00 111.37 ? 319 ARG B NH2 1 
ATOM   1192 N N   . ASP B 1 58  ? 12.395  -18.244 11.568  1.00 95.45  ? 322 ASP B N   1 
ATOM   1193 C CA  . ASP B 1 58  ? 12.168  -19.525 12.226  1.00 106.73 ? 322 ASP B CA  1 
ATOM   1194 C C   . ASP B 1 58  ? 12.172  -20.639 11.180  1.00 112.20 ? 322 ASP B C   1 
ATOM   1195 O O   . ASP B 1 58  ? 11.417  -20.591 10.222  1.00 129.17 ? 322 ASP B O   1 
ATOM   1196 C CB  . ASP B 1 58  ? 10.843  -19.470 12.997  1.00 106.60 ? 322 ASP B CB  1 
ATOM   1197 C CG  . ASP B 1 58  ? 10.537  -20.751 13.765  1.00 106.91 ? 322 ASP B CG  1 
ATOM   1198 O OD1 . ASP B 1 58  ? 11.346  -21.700 13.695  1.00 96.59  ? 322 ASP B OD1 1 
ATOM   1199 O OD2 . ASP B 1 58  ? 9.496   -20.782 14.470  1.00 96.96  ? 322 ASP B OD2 1 
ATOM   1200 N N   . VAL B 1 59  ? 13.034  -21.632 11.367  1.00 112.69 ? 323 VAL B N   1 
ATOM   1201 C CA  . VAL B 1 59  ? 13.192  -22.726 10.388  1.00 119.11 ? 323 VAL B CA  1 
ATOM   1202 C C   . VAL B 1 59  ? 11.863  -23.484 10.184  1.00 110.68 ? 323 VAL B C   1 
ATOM   1203 O O   . VAL B 1 59  ? 11.442  -23.751 9.048   1.00 97.51  ? 323 VAL B O   1 
ATOM   1204 C CB  . VAL B 1 59  ? 14.291  -23.738 10.819  1.00 124.98 ? 323 VAL B CB  1 
ATOM   1205 C CG1 . VAL B 1 59  ? 14.814  -24.562 9.630   1.00 118.73 ? 323 VAL B CG1 1 
ATOM   1206 C CG2 . VAL B 1 59  ? 15.451  -23.011 11.490  1.00 125.25 ? 323 VAL B CG2 1 
ATOM   1207 N N   . ALA B 1 60  ? 11.214  -23.831 11.292  1.00 99.30  ? 324 ALA B N   1 
ATOM   1208 C CA  . ALA B 1 60  ? 9.965   -24.583 11.239  1.00 106.63 ? 324 ALA B CA  1 
ATOM   1209 C C   . ALA B 1 60  ? 8.898   -23.815 10.457  1.00 105.00 ? 324 ALA B C   1 
ATOM   1210 O O   . ALA B 1 60  ? 8.233   -24.358 9.565   1.00 87.75  ? 324 ALA B O   1 
ATOM   1211 C CB  . ALA B 1 60  ? 9.460   -24.867 12.643  1.00 101.96 ? 324 ALA B CB  1 
ATOM   1212 N N   . THR B 1 61  ? 8.760   -22.542 10.812  1.00 98.17  ? 325 THR B N   1 
ATOM   1213 C CA  . THR B 1 61  ? 7.782   -21.684 10.200  1.00 94.92  ? 325 THR B CA  1 
ATOM   1214 C C   . THR B 1 61  ? 8.068   -21.492 8.715   1.00 93.23  ? 325 THR B C   1 
ATOM   1215 O O   . THR B 1 61  ? 7.155   -21.497 7.906   1.00 94.28  ? 325 THR B O   1 
ATOM   1216 C CB  . THR B 1 61  ? 7.703   -20.316 10.901  1.00 95.53  ? 325 THR B CB  1 
ATOM   1217 O OG1 . THR B 1 61  ? 6.469   -19.687 10.553  1.00 90.88  ? 325 THR B OG1 1 
ATOM   1218 C CG2 . THR B 1 61  ? 8.865   -19.406 10.504  1.00 100.34 ? 325 THR B CG2 1 
ATOM   1219 N N   . ARG B 1 62  ? 9.329   -21.345 8.355   1.00 83.98  ? 326 ARG B N   1 
ATOM   1220 C CA  . ARG B 1 62  ? 9.679   -21.151 6.974   1.00 89.23  ? 326 ARG B CA  1 
ATOM   1221 C C   . ARG B 1 62  ? 9.321   -22.387 6.166   1.00 96.47  ? 326 ARG B C   1 
ATOM   1222 O O   . ARG B 1 62  ? 8.870   -22.293 5.028   1.00 102.50 ? 326 ARG B O   1 
ATOM   1223 C CB  . ARG B 1 62  ? 11.171  -20.846 6.839   1.00 95.94  ? 326 ARG B CB  1 
ATOM   1224 C CG  . ARG B 1 62  ? 11.526  -20.125 5.550   1.00 98.39  ? 326 ARG B CG  1 
ATOM   1225 C CD  . ARG B 1 62  ? 12.970  -20.380 5.141   1.00 97.81  ? 326 ARG B CD  1 
ATOM   1226 N NE  . ARG B 1 62  ? 13.056  -20.916 3.778   1.00 96.96  ? 326 ARG B NE  1 
ATOM   1227 C CZ  . ARG B 1 62  ? 13.393  -20.228 2.688   1.00 94.31  ? 326 ARG B CZ  1 
ATOM   1228 N NH1 . ARG B 1 62  ? 13.682  -18.932 2.754   1.00 93.03  ? 326 ARG B NH1 1 
ATOM   1229 N NH2 . ARG B 1 62  ? 13.435  -20.849 1.512   1.00 92.73  ? 326 ARG B NH2 1 
ATOM   1230 N N   . SER B 1 63  ? 9.541   -23.553 6.748   1.00 100.09 ? 327 SER B N   1 
ATOM   1231 C CA  . SER B 1 63  ? 9.246   -24.790 6.036   1.00 91.62  ? 327 SER B CA  1 
ATOM   1232 C C   . SER B 1 63  ? 7.764   -24.872 5.757   1.00 79.92  ? 327 SER B C   1 
ATOM   1233 O O   . SER B 1 63  ? 7.350   -25.412 4.739   1.00 77.51  ? 327 SER B O   1 
ATOM   1234 C CB  . SER B 1 63  ? 9.684   -25.997 6.860   1.00 94.64  ? 327 SER B CB  1 
ATOM   1235 O OG  . SER B 1 63  ? 10.959  -26.416 6.430   1.00 103.34 ? 327 SER B OG  1 
ATOM   1236 N N   . ARG B 1 64  ? 6.971   -24.346 6.689   1.00 72.50  ? 328 ARG B N   1 
ATOM   1237 C CA  . ARG B 1 64  ? 5.523   -24.275 6.518   1.00 72.78  ? 328 ARG B CA  1 
ATOM   1238 C C   . ARG B 1 64  ? 5.175   -23.428 5.301   1.00 68.73  ? 328 ARG B C   1 
ATOM   1239 O O   . ARG B 1 64  ? 4.388   -23.835 4.462   1.00 68.26  ? 328 ARG B O   1 
ATOM   1240 C CB  . ARG B 1 64  ? 4.876   -23.674 7.763   1.00 78.03  ? 328 ARG B CB  1 
ATOM   1241 C CG  . ARG B 1 64  ? 3.965   -24.598 8.535   1.00 82.73  ? 328 ARG B CG  1 
ATOM   1242 C CD  . ARG B 1 64  ? 3.488   -23.910 9.811   1.00 85.24  ? 328 ARG B CD  1 
ATOM   1243 N NE  . ARG B 1 64  ? 2.039   -23.981 9.953   1.00 86.98  ? 328 ARG B NE  1 
ATOM   1244 C CZ  . ARG B 1 64  ? 1.334   -23.367 10.909  1.00 88.94  ? 328 ARG B CZ  1 
ATOM   1245 N NH1 . ARG B 1 64  ? 1.937   -22.647 11.855  1.00 86.53  ? 328 ARG B NH1 1 
ATOM   1246 N NH2 . ARG B 1 64  ? 0.014   -23.479 10.899  1.00 88.73  ? 328 ARG B NH2 1 
ATOM   1247 N N   . TYR B 1 65  ? 5.789   -22.255 5.227   1.00 66.53  ? 329 TYR B N   1 
ATOM   1248 C CA  . TYR B 1 65  ? 5.521   -21.330 4.166   1.00 65.53  ? 329 TYR B CA  1 
ATOM   1249 C C   . TYR B 1 65  ? 5.873   -21.879 2.783   1.00 63.58  ? 329 TYR B C   1 
ATOM   1250 O O   . TYR B 1 65  ? 5.088   -21.670 1.862   1.00 71.90  ? 329 TYR B O   1 
ATOM   1251 C CB  . TYR B 1 65  ? 6.164   -19.963 4.425   1.00 68.52  ? 329 TYR B CB  1 
ATOM   1252 C CG  . TYR B 1 65  ? 5.466   -19.184 5.508   1.00 72.86  ? 329 TYR B CG  1 
ATOM   1253 C CD1 . TYR B 1 65  ? 4.171   -18.740 5.350   1.00 82.56  ? 329 TYR B CD1 1 
ATOM   1254 C CD2 . TYR B 1 65  ? 6.095   -18.900 6.693   1.00 87.44  ? 329 TYR B CD2 1 
ATOM   1255 C CE1 . TYR B 1 65  ? 3.523   -18.030 6.351   1.00 80.00  ? 329 TYR B CE1 1 
ATOM   1256 C CE2 . TYR B 1 65  ? 5.460   -18.195 7.705   1.00 87.84  ? 329 TYR B CE2 1 
ATOM   1257 C CZ  . TYR B 1 65  ? 4.164   -17.777 7.527   1.00 87.72  ? 329 TYR B CZ  1 
ATOM   1258 O OH  . TYR B 1 65  ? 3.516   -17.058 8.511   1.00 94.53  ? 329 TYR B OH  1 
ATOM   1259 N N   . VAL B 1 66  ? 7.001   -22.571 2.625   1.00 66.09  ? 330 VAL B N   1 
ATOM   1260 C CA  . VAL B 1 66  ? 7.377   -23.133 1.296   1.00 65.95  ? 330 VAL B CA  1 
ATOM   1261 C C   . VAL B 1 66  ? 6.424   -24.283 0.923   1.00 63.85  ? 330 VAL B C   1 
ATOM   1262 O O   . VAL B 1 66  ? 6.116   -24.474 -0.243  1.00 65.98  ? 330 VAL B O   1 
ATOM   1263 C CB  . VAL B 1 66  ? 8.885   -23.593 1.198   1.00 72.22  ? 330 VAL B CB  1 
ATOM   1264 C CG1 . VAL B 1 66  ? 9.047   -25.117 1.307   1.00 72.64  ? 330 VAL B CG1 1 
ATOM   1265 C CG2 . VAL B 1 66  ? 9.532   -23.123 -0.104  1.00 74.96  ? 330 VAL B CG2 1 
ATOM   1266 N N   . ARG B 1 67  ? 5.969   -25.041 1.914   1.00 59.39  ? 331 ARG B N   1 
ATOM   1267 C CA  . ARG B 1 67  ? 5.034   -26.113 1.648   1.00 69.20  ? 331 ARG B CA  1 
ATOM   1268 C C   . ARG B 1 67  ? 3.748   -25.537 1.106   1.00 69.65  ? 331 ARG B C   1 
ATOM   1269 O O   . ARG B 1 67  ? 3.206   -26.024 0.097   1.00 69.10  ? 331 ARG B O   1 
ATOM   1270 C CB  . ARG B 1 67  ? 4.743   -26.948 2.900   1.00 72.83  ? 331 ARG B CB  1 
ATOM   1271 C CG  . ARG B 1 67  ? 5.781   -28.043 3.155   1.00 82.34  ? 331 ARG B CG  1 
ATOM   1272 C CD  . ARG B 1 67  ? 5.260   -29.117 4.112   1.00 84.19  ? 331 ARG B CD  1 
ATOM   1273 N NE  . ARG B 1 67  ? 4.994   -28.583 5.442   1.00 83.21  ? 331 ARG B NE  1 
ATOM   1274 C CZ  . ARG B 1 67  ? 5.943   -28.230 6.308   1.00 90.25  ? 331 ARG B CZ  1 
ATOM   1275 N NH1 . ARG B 1 67  ? 7.233   -28.345 5.986   1.00 80.60  ? 331 ARG B NH1 1 
ATOM   1276 N NH2 . ARG B 1 67  ? 5.604   -27.752 7.510   1.00 90.11  ? 331 ARG B NH2 1 
ATOM   1277 N N   . LEU B 1 68  ? 3.274   -24.502 1.793   1.00 63.73  ? 332 LEU B N   1 
ATOM   1278 C CA  . LEU B 1 68  ? 2.057   -23.810 1.417   1.00 56.00  ? 332 LEU B CA  1 
ATOM   1279 C C   . LEU B 1 68  ? 2.157   -23.252 -0.004  1.00 51.98  ? 332 LEU B C   1 
ATOM   1280 O O   . LEU B 1 68  ? 1.272   -23.452 -0.840  1.00 50.30  ? 332 LEU B O   1 
ATOM   1281 C CB  . LEU B 1 68  ? 1.775   -22.702 2.426   1.00 57.81  ? 332 LEU B CB  1 
ATOM   1282 C CG  . LEU B 1 68  ? 0.457   -21.951 2.256   1.00 55.73  ? 332 LEU B CG  1 
ATOM   1283 C CD1 . LEU B 1 68  ? -0.715  -22.908 2.295   1.00 51.25  ? 332 LEU B CD1 1 
ATOM   1284 C CD2 . LEU B 1 68  ? 0.285   -20.876 3.313   1.00 53.45  ? 332 LEU B CD2 1 
ATOM   1285 N N   . VAL B 1 69  ? 3.255   -22.589 -0.299  1.00 49.44  ? 333 VAL B N   1 
ATOM   1286 C CA  . VAL B 1 69  ? 3.449   -22.026 -1.633  1.00 50.57  ? 333 VAL B CA  1 
ATOM   1287 C C   . VAL B 1 69  ? 3.405   -23.099 -2.723  1.00 52.37  ? 333 VAL B C   1 
ATOM   1288 O O   . VAL B 1 69  ? 2.755   -22.907 -3.745  1.00 57.65  ? 333 VAL B O   1 
ATOM   1289 C CB  . VAL B 1 69  ? 4.790   -21.253 -1.690  1.00 52.08  ? 333 VAL B CB  1 
ATOM   1290 C CG1 . VAL B 1 69  ? 5.239   -20.962 -3.120  1.00 52.61  ? 333 VAL B CG1 1 
ATOM   1291 C CG2 . VAL B 1 69  ? 4.682   -19.961 -0.883  1.00 52.61  ? 333 VAL B CG2 1 
ATOM   1292 N N   . ASP B 1 70  ? 4.102   -24.218 -2.504  1.00 61.36  ? 334 ASP B N   1 
ATOM   1293 C CA  . ASP B 1 70  ? 4.172   -25.300 -3.512  1.00 61.14  ? 334 ASP B CA  1 
ATOM   1294 C C   . ASP B 1 70  ? 2.863   -26.009 -3.621  1.00 52.94  ? 334 ASP B C   1 
ATOM   1295 O O   . ASP B 1 70  ? 2.409   -26.324 -4.716  1.00 48.89  ? 334 ASP B O   1 
ATOM   1296 C CB  . ASP B 1 70  ? 5.241   -26.328 -3.168  1.00 68.93  ? 334 ASP B CB  1 
ATOM   1297 C CG  . ASP B 1 70  ? 6.623   -25.740 -3.200  1.00 70.93  ? 334 ASP B CG  1 
ATOM   1298 O OD1 . ASP B 1 70  ? 6.871   -24.828 -4.032  1.00 65.61  ? 334 ASP B OD1 1 
ATOM   1299 O OD2 . ASP B 1 70  ? 7.455   -26.192 -2.391  1.00 79.76  ? 334 ASP B OD2 1 
ATOM   1300 N N   . SER B 1 71  ? 2.222   -26.221 -2.482  1.00 44.06  ? 335 SER B N   1 
ATOM   1301 C CA  . SER B 1 71  ? 0.945   -26.899 -2.481  1.00 42.07  ? 335 SER B CA  1 
ATOM   1302 C C   . SER B 1 71  ? -0.110  -26.072 -3.228  1.00 45.78  ? 335 SER B C   1 
ATOM   1303 O O   . SER B 1 71  ? -0.877  -26.615 -4.016  1.00 47.64  ? 335 SER B O   1 
ATOM   1304 C CB  . SER B 1 71  ? 0.491   -27.126 -1.046  1.00 44.03  ? 335 SER B CB  1 
ATOM   1305 O OG  . SER B 1 71  ? -0.762  -27.761 -1.089  1.00 47.66  ? 335 SER B OG  1 
ATOM   1306 N N   . VAL B 1 72  ? -0.151  -24.758 -2.977  1.00 41.41  ? 336 VAL B N   1 
ATOM   1307 C CA  . VAL B 1 72  ? -1.107  -23.881 -3.661  1.00 44.84  ? 336 VAL B CA  1 
ATOM   1308 C C   . VAL B 1 72  ? -0.921  -23.960 -5.165  1.00 45.23  ? 336 VAL B C   1 
ATOM   1309 O O   . VAL B 1 72  ? -1.887  -23.884 -5.900  1.00 47.57  ? 336 VAL B O   1 
ATOM   1310 C CB  . VAL B 1 72  ? -1.005  -22.398 -3.170  1.00 40.61  ? 336 VAL B CB  1 
ATOM   1311 C CG1 . VAL B 1 72  ? -1.704  -21.433 -4.101  1.00 42.98  ? 336 VAL B CG1 1 
ATOM   1312 C CG2 . VAL B 1 72  ? -1.579  -22.260 -1.783  1.00 41.20  ? 336 VAL B CG2 1 
ATOM   1313 N N   . LYS B 1 73  ? 0.304   -24.068 -5.643  1.00 49.07  ? 337 LYS B N   1 
ATOM   1314 C CA  . LYS B 1 73  ? 0.502   -24.149 -7.097  1.00 57.45  ? 337 LYS B CA  1 
ATOM   1315 C C   . LYS B 1 73  ? 0.044   -25.489 -7.626  1.00 64.09  ? 337 LYS B C   1 
ATOM   1316 O O   . LYS B 1 73  ? -0.445  -25.565 -8.750  1.00 62.11  ? 337 LYS B O   1 
ATOM   1317 C CB  . LYS B 1 73  ? 1.950   -23.925 -7.447  1.00 58.78  ? 337 LYS B CB  1 
ATOM   1318 C CG  . LYS B 1 73  ? 2.330   -22.487 -7.289  1.00 61.03  ? 337 LYS B CG  1 
ATOM   1319 C CD  . LYS B 1 73  ? 3.831   -22.329 -7.368  1.00 72.63  ? 337 LYS B CD  1 
ATOM   1320 C CE  . LYS B 1 73  ? 4.375   -21.694 -6.100  1.00 82.04  ? 337 LYS B CE  1 
ATOM   1321 N NZ  . LYS B 1 73  ? 5.468   -20.708 -6.380  1.00 84.20  ? 337 LYS B NZ  1 
ATOM   1322 N N   . GLU B 1 74  ? 0.200   -26.529 -6.799  1.00 64.68  ? 338 GLU B N   1 
ATOM   1323 C CA  . GLU B 1 74  ? -0.245  -27.887 -7.134  1.00 64.74  ? 338 GLU B CA  1 
ATOM   1324 C C   . GLU B 1 74  ? -1.737  -27.974 -7.240  1.00 62.64  ? 338 GLU B C   1 
ATOM   1325 O O   . GLU B 1 74  ? -2.263  -28.664 -8.109  1.00 51.59  ? 338 GLU B O   1 
ATOM   1326 C CB  . GLU B 1 74  ? 0.173   -28.900 -6.062  1.00 76.77  ? 338 GLU B CB  1 
ATOM   1327 C CG  . GLU B 1 74  ? 1.132   -29.976 -6.557  1.00 83.01  ? 338 GLU B CG  1 
ATOM   1328 C CD  . GLU B 1 74  ? 2.388   -30.000 -5.710  1.00 92.25  ? 338 GLU B CD  1 
ATOM   1329 O OE1 . GLU B 1 74  ? 2.278   -30.297 -4.482  1.00 91.52  ? 338 GLU B OE1 1 
ATOM   1330 O OE2 . GLU B 1 74  ? 3.469   -29.657 -6.265  1.00 83.06  ? 338 GLU B OE2 1 
ATOM   1331 N N   . ASN B 1 75  ? -2.416  -27.270 -6.331  1.00 59.99  ? 339 ASN B N   1 
ATOM   1332 C CA  . ASN B 1 75  ? -3.858  -27.073 -6.422  1.00 51.83  ? 339 ASN B CA  1 
ATOM   1333 C C   . ASN B 1 75  ? -3.792  -26.004 -7.439  1.00 50.83  ? 339 ASN B C   1 
ATOM   1334 O O   . ASN B 1 75  ? -2.751  -25.371 -7.546  1.00 66.11  ? 339 ASN B O   1 
ATOM   1335 C CB  . ASN B 1 75  ? -4.373  -26.665 -5.071  1.00 47.18  ? 339 ASN B CB  1 
ATOM   1336 C CG  . ASN B 1 75  ? -4.068  -27.716 -4.046  1.00 48.55  ? 339 ASN B CG  1 
ATOM   1337 O OD1 . ASN B 1 75  ? -3.842  -27.419 -2.888  1.00 48.24  ? 339 ASN B OD1 1 
ATOM   1338 N ND2 . ASN B 1 75  ? -4.052  -28.984 -4.475  1.00 55.35  ? 339 ASN B ND2 1 
ATOM   1339 N N   . ALA B 1 76  ? -4.760  -25.823 -8.294  1.00 46.81  ? 340 ALA B N   1 
ATOM   1340 C CA  . ALA B 1 76  ? -4.430  -24.922 -9.424  1.00 43.13  ? 340 ALA B CA  1 
ATOM   1341 C C   . ALA B 1 76  ? -4.549  -23.409 -8.991  1.00 40.57  ? 340 ALA B C   1 
ATOM   1342 O O   . ALA B 1 76  ? -5.357  -22.686 -9.562  1.00 38.10  ? 340 ALA B O   1 
ATOM   1343 C CB  . ALA B 1 76  ? -5.323  -25.241 -10.630 1.00 43.67  ? 340 ALA B CB  1 
ATOM   1344 N N   . GLY B 1 77  ? -3.727  -22.968 -8.031  1.00 36.73  ? 341 GLY B N   1 
ATOM   1345 C CA  . GLY B 1 77  ? -3.748  -21.625 -7.451  1.00 42.64  ? 341 GLY B CA  1 
ATOM   1346 C C   . GLY B 1 77  ? -2.542  -20.805 -7.891  1.00 45.49  ? 341 GLY B C   1 
ATOM   1347 O O   . GLY B 1 77  ? -1.620  -21.325 -8.510  1.00 49.34  ? 341 GLY B O   1 
ATOM   1348 N N   . THR B 1 78  ? -2.566  -19.500 -7.606  1.00 47.10  ? 342 THR B N   1 
ATOM   1349 C CA  . THR B 1 78  ? -1.484  -18.594 -7.938  1.00 37.89  ? 342 THR B CA  1 
ATOM   1350 C C   . THR B 1 78  ? -0.951  -18.020 -6.664  1.00 44.05  ? 342 THR B C   1 
ATOM   1351 O O   . THR B 1 78  ? -1.726  -17.753 -5.754  1.00 42.87  ? 342 THR B O   1 
ATOM   1352 C CB  . THR B 1 78  ? -1.953  -17.471 -8.791  1.00 38.09  ? 342 THR B CB  1 
ATOM   1353 O OG1 . THR B 1 78  ? -2.337  -17.998 -10.041 1.00 35.73  ? 342 THR B OG1 1 
ATOM   1354 C CG2 . THR B 1 78  ? -0.839  -16.431 -9.013  1.00 42.57  ? 342 THR B CG2 1 
ATOM   1355 N N   . VAL B 1 79  ? 0.381   -17.862 -6.591  1.00 44.46  ? 343 VAL B N   1 
ATOM   1356 C CA  . VAL B 1 79  ? 1.021   -17.251 -5.441  1.00 44.66  ? 343 VAL B CA  1 
ATOM   1357 C C   . VAL B 1 79  ? 1.695   -15.943 -5.823  1.00 43.72  ? 343 VAL B C   1 
ATOM   1358 O O   . VAL B 1 79  ? 2.336   -15.855 -6.836  1.00 45.06  ? 343 VAL B O   1 
ATOM   1359 C CB  . VAL B 1 79  ? 2.079   -18.141 -4.855  1.00 49.37  ? 343 VAL B CB  1 
ATOM   1360 C CG1 . VAL B 1 79  ? 2.614   -17.527 -3.567  1.00 52.97  ? 343 VAL B CG1 1 
ATOM   1361 C CG2 . VAL B 1 79  ? 1.503   -19.510 -4.577  1.00 50.91  ? 343 VAL B CG2 1 
ATOM   1362 N N   . ARG B 1 80  ? 1.497   -14.914 -5.011  1.00 42.84  ? 344 ARG B N   1 
ATOM   1363 C CA  . ARG B 1 80  ? 2.116   -13.648 -5.229  1.00 38.44  ? 344 ARG B CA  1 
ATOM   1364 C C   . ARG B 1 80  ? 2.843   -13.311 -3.951  1.00 44.82  ? 344 ARG B C   1 
ATOM   1365 O O   . ARG B 1 80  ? 2.239   -13.346 -2.838  1.00 44.53  ? 344 ARG B O   1 
ATOM   1366 C CB  . ARG B 1 80  ? 1.076   -12.603 -5.542  1.00 37.17  ? 344 ARG B CB  1 
ATOM   1367 C CG  . ARG B 1 80  ? 0.539   -12.766 -6.935  1.00 40.89  ? 344 ARG B CG  1 
ATOM   1368 C CD  . ARG B 1 80  ? -0.714  -11.931 -7.178  1.00 41.79  ? 344 ARG B CD  1 
ATOM   1369 N NE  . ARG B 1 80  ? -1.465  -12.341 -8.344  1.00 46.92  ? 344 ARG B NE  1 
ATOM   1370 C CZ  . ARG B 1 80  ? -1.091  -12.152 -9.609  1.00 51.80  ? 344 ARG B CZ  1 
ATOM   1371 N NH1 . ARG B 1 80  ? 0.055   -11.552 -9.874  1.00 64.59  ? 344 ARG B NH1 1 
ATOM   1372 N NH2 . ARG B 1 80  ? -1.881  -12.547 -10.622 1.00 50.75  ? 344 ARG B NH2 1 
ATOM   1373 N N   . ILE B 1 81  ? 4.147   -13.047 -4.097  1.00 44.57  ? 345 ILE B N   1 
ATOM   1374 C CA  . ILE B 1 81  ? 4.976   -12.587 -2.962  1.00 49.66  ? 345 ILE B CA  1 
ATOM   1375 C C   . ILE B 1 81  ? 5.369   -11.116 -3.148  1.00 44.64  ? 345 ILE B C   1 
ATOM   1376 O O   . ILE B 1 81  ? 5.773   -10.689 -4.244  1.00 39.78  ? 345 ILE B O   1 
ATOM   1377 C CB  . ILE B 1 81  ? 6.211   -13.470 -2.785  1.00 53.83  ? 345 ILE B CB  1 
ATOM   1378 C CG1 . ILE B 1 81  ? 5.772   -14.909 -2.522  1.00 54.20  ? 345 ILE B CG1 1 
ATOM   1379 C CG2 . ILE B 1 81  ? 7.050   -12.990 -1.606  1.00 51.32  ? 345 ILE B CG2 1 
ATOM   1380 C CD1 . ILE B 1 81  ? 6.814   -15.942 -2.894  1.00 54.77  ? 345 ILE B CD1 1 
ATOM   1381 N N   . PHE B 1 82  ? 5.163   -10.334 -2.115  1.00 41.58  ? 346 PHE B N   1 
ATOM   1382 C CA  . PHE B 1 82  ? 5.240   -8.878  -2.261  1.00 45.73  ? 346 PHE B CA  1 
ATOM   1383 C C   . PHE B 1 82  ? 6.345   -8.318  -1.435  1.00 44.90  ? 346 PHE B C   1 
ATOM   1384 O O   . PHE B 1 82  ? 6.442   -8.650  -0.239  1.00 43.79  ? 346 PHE B O   1 
ATOM   1385 C CB  . PHE B 1 82  ? 3.943   -8.251  -1.755  1.00 49.52  ? 346 PHE B CB  1 
ATOM   1386 C CG  . PHE B 1 82  ? 2.747   -8.575  -2.602  1.00 49.99  ? 346 PHE B CG  1 
ATOM   1387 C CD1 . PHE B 1 82  ? 2.777   -8.428  -3.977  1.00 51.53  ? 346 PHE B CD1 1 
ATOM   1388 C CD2 . PHE B 1 82  ? 1.581   -8.986  -2.012  1.00 52.39  ? 346 PHE B CD2 1 
ATOM   1389 C CE1 . PHE B 1 82  ? 1.659   -8.723  -4.741  1.00 55.22  ? 346 PHE B CE1 1 
ATOM   1390 C CE2 . PHE B 1 82  ? 0.467   -9.266  -2.754  1.00 52.41  ? 346 PHE B CE2 1 
ATOM   1391 C CZ  . PHE B 1 82  ? 0.504   -9.150  -4.127  1.00 52.51  ? 346 PHE B CZ  1 
ATOM   1392 N N   . SER B 1 83  ? 7.130   -7.427  -2.032  1.00 45.68  ? 347 SER B N   1 
ATOM   1393 C CA  . SER B 1 83  ? 8.077   -6.630  -1.239  1.00 52.52  ? 347 SER B CA  1 
ATOM   1394 C C   . SER B 1 83  ? 7.331   -5.938  -0.142  1.00 47.68  ? 347 SER B C   1 
ATOM   1395 O O   . SER B 1 83  ? 6.255   -5.453  -0.420  1.00 53.53  ? 347 SER B O   1 
ATOM   1396 C CB  . SER B 1 83  ? 8.657   -5.537  -2.092  1.00 52.73  ? 347 SER B CB  1 
ATOM   1397 O OG  . SER B 1 83  ? 9.305   -4.555  -1.288  1.00 60.61  ? 347 SER B OG  1 
ATOM   1398 N N   . SER B 1 84  ? 7.875   -5.819  1.063   1.00 49.07  ? 348 SER B N   1 
ATOM   1399 C CA  . SER B 1 84  ? 7.081   -5.238  2.138   1.00 53.04  ? 348 SER B CA  1 
ATOM   1400 C C   . SER B 1 84  ? 7.110   -3.735  2.226   1.00 52.60  ? 348 SER B C   1 
ATOM   1401 O O   . SER B 1 84  ? 6.516   -3.169  3.126   1.00 65.92  ? 348 SER B O   1 
ATOM   1402 C CB  . SER B 1 84  ? 7.491   -5.789  3.476   1.00 63.43  ? 348 SER B CB  1 
ATOM   1403 O OG  . SER B 1 84  ? 8.876   -5.615  3.619   1.00 74.07  ? 348 SER B OG  1 
ATOM   1404 N N   . LEU B 1 85  ? 7.806   -3.075  1.324   1.00 50.42  ? 349 LEU B N   1 
ATOM   1405 C CA  . LEU B 1 85  ? 7.710   -1.635  1.235   1.00 53.75  ? 349 LEU B CA  1 
ATOM   1406 C C   . LEU B 1 85  ? 7.132   -1.182  -0.083  1.00 52.68  ? 349 LEU B C   1 
ATOM   1407 O O   . LEU B 1 85  ? 7.333   -0.013  -0.519  1.00 43.22  ? 349 LEU B O   1 
ATOM   1408 C CB  . LEU B 1 85  ? 9.045   -0.931  1.530   1.00 61.55  ? 349 LEU B CB  1 
ATOM   1409 C CG  . LEU B 1 85  ? 10.371  -1.467  1.036   1.00 62.54  ? 349 LEU B CG  1 
ATOM   1410 C CD1 . LEU B 1 85  ? 10.699  -0.916  -0.350  1.00 68.66  ? 349 LEU B CD1 1 
ATOM   1411 C CD2 . LEU B 1 85  ? 11.458  -1.137  2.047   1.00 66.90  ? 349 LEU B CD2 1 
ATOM   1412 N N   . HIS B 1 86  ? 6.372   -2.085  -0.702  1.00 51.05  ? 350 HIS B N   1 
ATOM   1413 C CA  . HIS B 1 86  ? 5.455   -1.664  -1.752  1.00 47.60  ? 350 HIS B CA  1 
ATOM   1414 C C   . HIS B 1 86  ? 4.142   -1.485  -1.027  1.00 45.67  ? 350 HIS B C   1 
ATOM   1415 O O   . HIS B 1 86  ? 4.005   -1.947  0.120   1.00 46.95  ? 350 HIS B O   1 
ATOM   1416 C CB  . HIS B 1 86  ? 5.356   -2.660  -2.890  1.00 50.35  ? 350 HIS B CB  1 
ATOM   1417 C CG  . HIS B 1 86  ? 6.553   -2.668  -3.786  1.00 53.55  ? 350 HIS B CG  1 
ATOM   1418 N ND1 . HIS B 1 86  ? 7.740   -2.049  -3.454  1.00 59.99  ? 350 HIS B ND1 1 
ATOM   1419 C CD2 . HIS B 1 86  ? 6.748   -3.216  -5.009  1.00 51.97  ? 350 HIS B CD2 1 
ATOM   1420 C CE1 . HIS B 1 86  ? 8.611   -2.202  -4.438  1.00 59.27  ? 350 HIS B CE1 1 
ATOM   1421 N NE2 . HIS B 1 86  ? 8.034   -2.906  -5.393  1.00 52.86  ? 350 HIS B NE2 1 
ATOM   1422 N N   . VAL B 1 87  ? 3.194   -0.787  -1.648  1.00 42.08  ? 351 VAL B N   1 
ATOM   1423 C CA  . VAL B 1 87  ? 1.881   -0.649  -1.009  1.00 46.64  ? 351 VAL B CA  1 
ATOM   1424 C C   . VAL B 1 87  ? 1.192   -2.009  -0.781  1.00 45.58  ? 351 VAL B C   1 
ATOM   1425 O O   . VAL B 1 87  ? 0.535   -2.199  0.256   1.00 37.88  ? 351 VAL B O   1 
ATOM   1426 C CB  . VAL B 1 87  ? 0.916   0.315   -1.727  1.00 49.09  ? 351 VAL B CB  1 
ATOM   1427 C CG1 . VAL B 1 87  ? 1.673   1.499   -2.274  1.00 52.73  ? 351 VAL B CG1 1 
ATOM   1428 C CG2 . VAL B 1 87  ? 0.138   -0.345  -2.806  1.00 48.41  ? 351 VAL B CG2 1 
ATOM   1429 N N   . SER B 1 88  ? 1.378   -2.934  -1.731  1.00 43.85  ? 352 SER B N   1 
ATOM   1430 C CA  . SER B 1 88  ? 0.809   -4.259  -1.665  1.00 45.84  ? 352 SER B CA  1 
ATOM   1431 C C   . SER B 1 88  ? 1.305   -4.985  -0.445  1.00 46.84  ? 352 SER B C   1 
ATOM   1432 O O   . SER B 1 88  ? 0.514   -5.479  0.315   1.00 55.28  ? 352 SER B O   1 
ATOM   1433 C CB  . SER B 1 88  ? 1.189   -5.026  -2.892  1.00 53.04  ? 352 SER B CB  1 
ATOM   1434 O OG  . SER B 1 88  ? 2.615   -5.131  -2.893  1.00 62.60  ? 352 SER B OG  1 
ATOM   1435 N N   . GLY B 1 89  ? 2.613   -5.015  -0.208  1.00 49.11  ? 353 GLY B N   1 
ATOM   1436 C CA  . GLY B 1 89  ? 3.144   -5.603  1.047   1.00 42.35  ? 353 GLY B CA  1 
ATOM   1437 C C   . GLY B 1 89  ? 2.760   -4.834  2.307   1.00 43.46  ? 353 GLY B C   1 
ATOM   1438 O O   . GLY B 1 89  ? 2.509   -5.424  3.374   1.00 40.34  ? 353 GLY B O   1 
ATOM   1439 N N   . GLU B 1 90  ? 2.708   -3.507  2.215   1.00 44.15  ? 354 GLU B N   1 
ATOM   1440 C CA  . GLU B 1 90  ? 2.330   -2.699  3.390   1.00 47.07  ? 354 GLU B CA  1 
ATOM   1441 C C   . GLU B 1 90  ? 0.897   -2.972  3.819   1.00 43.36  ? 354 GLU B C   1 
ATOM   1442 O O   . GLU B 1 90  ? 0.562   -2.962  5.001   1.00 34.95  ? 354 GLU B O   1 
ATOM   1443 C CB  . GLU B 1 90  ? 2.571   -1.197  3.178   1.00 50.11  ? 354 GLU B CB  1 
ATOM   1444 C CG  . GLU B 1 90  ? 4.043   -0.856  3.196   1.00 57.49  ? 354 GLU B CG  1 
ATOM   1445 C CD  . GLU B 1 90  ? 4.673   -0.883  4.574   1.00 58.85  ? 354 GLU B CD  1 
ATOM   1446 O OE1 . GLU B 1 90  ? 5.899   -0.712  4.603   1.00 65.16  ? 354 GLU B OE1 1 
ATOM   1447 O OE2 . GLU B 1 90  ? 3.976   -1.045  5.603   1.00 59.76  ? 354 GLU B OE2 1 
ATOM   1448 N N   . GLN B 1 91  ? 0.057   -3.233  2.838   1.00 43.88  ? 355 GLN B N   1 
ATOM   1449 C CA  . GLN B 1 91  ? -1.320  -3.526  3.111   1.00 46.13  ? 355 GLN B CA  1 
ATOM   1450 C C   . GLN B 1 91  ? -1.475  -4.873  3.736   1.00 43.99  ? 355 GLN B C   1 
ATOM   1451 O O   . GLN B 1 91  ? -2.310  -5.069  4.586   1.00 47.93  ? 355 GLN B O   1 
ATOM   1452 C CB  . GLN B 1 91  ? -2.103  -3.513  1.811   1.00 46.94  ? 355 GLN B CB  1 
ATOM   1453 C CG  . GLN B 1 91  ? -3.591  -3.514  2.082   1.00 45.70  ? 355 GLN B CG  1 
ATOM   1454 C CD  . GLN B 1 91  ? -4.009  -2.321  2.935   1.00 42.70  ? 355 GLN B CD  1 
ATOM   1455 O OE1 . GLN B 1 91  ? -3.542  -1.209  2.753   1.00 41.98  ? 355 GLN B OE1 1 
ATOM   1456 N NE2 . GLN B 1 91  ? -4.887  -2.562  3.857   1.00 42.54  ? 355 GLN B NE2 1 
ATOM   1457 N N   . LEU B 1 92  ? -0.683  -5.814  3.263   1.00 41.64  ? 356 LEU B N   1 
ATOM   1458 C CA  . LEU B 1 92  ? -0.654  -7.174  3.773   1.00 42.15  ? 356 LEU B CA  1 
ATOM   1459 C C   . LEU B 1 92  ? -0.167  -7.263  5.219   1.00 47.06  ? 356 LEU B C   1 
ATOM   1460 O O   . LEU B 1 92  ? -0.563  -8.178  5.942   1.00 47.94  ? 356 LEU B O   1 
ATOM   1461 C CB  . LEU B 1 92  ? 0.216   -7.924  2.813   1.00 42.30  ? 356 LEU B CB  1 
ATOM   1462 C CG  . LEU B 1 92  ? -0.151  -9.230  2.169   1.00 46.70  ? 356 LEU B CG  1 
ATOM   1463 C CD1 . LEU B 1 92  ? -1.659  -9.432  2.030   1.00 47.57  ? 356 LEU B CD1 1 
ATOM   1464 C CD2 . LEU B 1 92  ? 0.548   -9.218  0.814   1.00 45.81  ? 356 LEU B CD2 1 
ATOM   1465 N N   . SER B 1 93  ? 0.614   -6.270  5.672   1.00 54.17  ? 357 SER B N   1 
ATOM   1466 C CA  . SER B 1 93  ? 0.974   -6.142  7.109   1.00 56.66  ? 357 SER B CA  1 
ATOM   1467 C C   . SER B 1 93  ? -0.230  -5.879  8.000   1.00 53.23  ? 357 SER B C   1 
ATOM   1468 O O   . SER B 1 93  ? -0.194  -6.193  9.175   1.00 58.85  ? 357 SER B O   1 
ATOM   1469 C CB  . SER B 1 93  ? 2.095   -5.102  7.391   1.00 60.45  ? 357 SER B CB  1 
ATOM   1470 O OG  . SER B 1 93  ? 1.642   -3.739  7.368   1.00 56.35  ? 357 SER B OG  1 
ATOM   1471 N N   . GLN B 1 94  ? -1.326  -5.391  7.458   1.00 53.58  ? 358 GLN B N   1 
ATOM   1472 C CA  . GLN B 1 94  ? -2.551  -5.289  8.272   1.00 56.47  ? 358 GLN B CA  1 
ATOM   1473 C C   . GLN B 1 94  ? -3.314  -6.611  8.336   1.00 57.22  ? 358 GLN B C   1 
ATOM   1474 O O   . GLN B 1 94  ? -4.323  -6.679  9.009   1.00 51.32  ? 358 GLN B O   1 
ATOM   1475 C CB  . GLN B 1 94  ? -3.530  -4.288  7.723   1.00 53.93  ? 358 GLN B CB  1 
ATOM   1476 C CG  . GLN B 1 94  ? -2.951  -3.190  6.895   1.00 63.53  ? 358 GLN B CG  1 
ATOM   1477 C CD  . GLN B 1 94  ? -2.853  -1.891  7.600   1.00 69.98  ? 358 GLN B CD  1 
ATOM   1478 O OE1 . GLN B 1 94  ? -3.327  -0.890  7.072   1.00 71.97  ? 358 GLN B OE1 1 
ATOM   1479 N NE2 . GLN B 1 94  ? -2.259  -1.884  8.796   1.00 71.54  ? 358 GLN B NE2 1 
ATOM   1480 N N   . LEU B 1 95  ? -2.888  -7.624  7.588   1.00 53.31  ? 359 LEU B N   1 
ATOM   1481 C CA  . LEU B 1 95  ? -3.583  -8.906  7.591   1.00 51.76  ? 359 LEU B CA  1 
ATOM   1482 C C   . LEU B 1 95  ? -2.670  -10.041 8.040   1.00 53.28  ? 359 LEU B C   1 
ATOM   1483 O O   . LEU B 1 95  ? -2.819  -11.177 7.590   1.00 52.90  ? 359 LEU B O   1 
ATOM   1484 C CB  . LEU B 1 95  ? -4.077  -9.166  6.182   1.00 50.74  ? 359 LEU B CB  1 
ATOM   1485 C CG  . LEU B 1 95  ? -4.833  -7.970  5.597   1.00 51.59  ? 359 LEU B CG  1 
ATOM   1486 C CD1 . LEU B 1 95  ? -4.890  -8.061  4.083   1.00 53.51  ? 359 LEU B CD1 1 
ATOM   1487 C CD2 . LEU B 1 95  ? -6.235  -7.882  6.149   1.00 49.99  ? 359 LEU B CD2 1 
ATOM   1488 N N   . THR B 1 96  ? -1.707  -9.713  8.904   1.00 52.51  ? 360 THR B N   1 
ATOM   1489 C CA  . THR B 1 96  ? -0.746  -10.671 9.464   1.00 45.80  ? 360 THR B CA  1 
ATOM   1490 C C   . THR B 1 96  ? 0.306   -11.074 8.443   1.00 42.92  ? 360 THR B C   1 
ATOM   1491 O O   . THR B 1 96  ? 1.076   -11.937 8.698   1.00 49.67  ? 360 THR B O   1 
ATOM   1492 C CB  . THR B 1 96  ? -1.428  -11.943 10.038  1.00 47.23  ? 360 THR B CB  1 
ATOM   1493 O OG1 . THR B 1 96  ? -1.752  -12.871 8.992   1.00 55.13  ? 360 THR B OG1 1 
ATOM   1494 C CG2 . THR B 1 96  ? -2.668  -11.612 10.837  1.00 45.69  ? 360 THR B CG2 1 
ATOM   1495 N N   . GLY B 1 97  ? 0.324   -10.478 7.258   1.00 45.07  ? 361 GLY B N   1 
ATOM   1496 C CA  . GLY B 1 97  ? 1.252   -10.898 6.165   1.00 41.43  ? 361 GLY B CA  1 
ATOM   1497 C C   . GLY B 1 97  ? 0.826   -12.001 5.198   1.00 42.31  ? 361 GLY B C   1 
ATOM   1498 O O   . GLY B 1 97  ? 1.482   -12.204 4.172   1.00 43.53  ? 361 GLY B O   1 
ATOM   1499 N N   . VAL B 1 98  ? -0.243  -12.734 5.499   1.00 45.39  ? 362 VAL B N   1 
ATOM   1500 C CA  . VAL B 1 98  ? -0.740  -13.773 4.572   1.00 48.19  ? 362 VAL B CA  1 
ATOM   1501 C C   . VAL B 1 98  ? -2.229  -13.664 4.452   1.00 42.53  ? 362 VAL B C   1 
ATOM   1502 O O   . VAL B 1 98  ? -2.947  -13.575 5.447   1.00 49.23  ? 362 VAL B O   1 
ATOM   1503 C CB  . VAL B 1 98  ? -0.564  -15.228 5.048   1.00 51.22  ? 362 VAL B CB  1 
ATOM   1504 C CG1 . VAL B 1 98  ? -0.095  -16.115 3.906   1.00 48.67  ? 362 VAL B CG1 1 
ATOM   1505 C CG2 . VAL B 1 98  ? 0.327   -15.331 6.255   1.00 57.18  ? 362 VAL B CG2 1 
ATOM   1506 N N   . ALA B 1 99  ? -2.697  -13.731 3.235   1.00 43.66  ? 363 ALA B N   1 
ATOM   1507 C CA  . ALA B 1 99  ? -4.128  -13.669 2.958   1.00 40.47  ? 363 ALA B CA  1 
ATOM   1508 C C   . ALA B 1 99  ? -4.379  -14.430 1.683   1.00 37.16  ? 363 ALA B C   1 
ATOM   1509 O O   . ALA B 1 99  ? -3.435  -14.763 0.925   1.00 38.96  ? 363 ALA B O   1 
ATOM   1510 C CB  . ALA B 1 99  ? -4.554  -12.224 2.798   1.00 39.78  ? 363 ALA B CB  1 
ATOM   1511 N N   . ALA B 1 100 ? -5.634  -14.750 1.440   1.00 37.24  ? 364 ALA B N   1 
ATOM   1512 C CA  . ALA B 1 100 ? -5.968  -15.481 0.221   1.00 37.14  ? 364 ALA B CA  1 
ATOM   1513 C C   . ALA B 1 100 ? -7.290  -15.060 -0.265  1.00 36.06  ? 364 ALA B C   1 
ATOM   1514 O O   . ALA B 1 100 ? -8.214  -14.780 0.512   1.00 36.13  ? 364 ALA B O   1 
ATOM   1515 C CB  . ALA B 1 100 ? -5.966  -16.983 0.468   1.00 36.32  ? 364 ALA B CB  1 
ATOM   1516 N N   . ILE B 1 101 ? -7.371  -14.994 -1.569  1.00 35.29  ? 365 ILE B N   1 
ATOM   1517 C CA  . ILE B 1 101 ? -8.637  -14.908 -2.232  1.00 35.39  ? 365 ILE B CA  1 
ATOM   1518 C C   . ILE B 1 101 ? -8.990  -16.345 -2.582  1.00 36.01  ? 365 ILE B C   1 
ATOM   1519 O O   . ILE B 1 101 ? -8.174  -17.082 -3.183  1.00 31.80  ? 365 ILE B O   1 
ATOM   1520 C CB  . ILE B 1 101 ? -8.516  -14.096 -3.514  1.00 32.92  ? 365 ILE B CB  1 
ATOM   1521 C CG1 . ILE B 1 101 ? -8.000  -12.700 -3.204  1.00 35.11  ? 365 ILE B CG1 1 
ATOM   1522 C CG2 . ILE B 1 101 ? -9.863  -14.025 -4.182  1.00 32.82  ? 365 ILE B CG2 1 
ATOM   1523 C CD1 . ILE B 1 101 ? -7.793  -11.880 -4.468  1.00 37.08  ? 365 ILE B CD1 1 
ATOM   1524 N N   . LEU B 1 102 ? -10.202 -16.755 -2.233  1.00 35.98  ? 366 LEU B N   1 
ATOM   1525 C CA  . LEU B 1 102 ? -10.599 -18.132 -2.481  1.00 32.44  ? 366 LEU B CA  1 
ATOM   1526 C C   . LEU B 1 102 ? -11.336 -18.239 -3.795  1.00 34.71  ? 366 LEU B C   1 
ATOM   1527 O O   . LEU B 1 102 ? -12.129 -17.355 -4.179  1.00 34.02  ? 366 LEU B O   1 
ATOM   1528 C CB  . LEU B 1 102 ? -11.438 -18.681 -1.370  1.00 31.20  ? 366 LEU B CB  1 
ATOM   1529 C CG  . LEU B 1 102 ? -10.976 -18.637 0.079   1.00 31.37  ? 366 LEU B CG  1 
ATOM   1530 C CD1 . LEU B 1 102 ? -11.536 -19.813 0.871   1.00 27.27  ? 366 LEU B CD1 1 
ATOM   1531 C CD2 . LEU B 1 102 ? -9.486  -18.630 0.222   1.00 35.33  ? 366 LEU B CD2 1 
ATOM   1532 N N   . ARG B 1 103 ? -11.100 -19.361 -4.481  1.00 34.44  ? 367 ARG B N   1 
ATOM   1533 C CA  . ARG B 1 103 ? -11.895 -19.693 -5.664  1.00 34.46  ? 367 ARG B CA  1 
ATOM   1534 C C   . ARG B 1 103 ? -13.264 -20.215 -5.271  1.00 31.32  ? 367 ARG B C   1 
ATOM   1535 O O   . ARG B 1 103 ? -14.229 -19.931 -5.952  1.00 27.82  ? 367 ARG B O   1 
ATOM   1536 C CB  . ARG B 1 103 ? -11.179 -20.742 -6.491  1.00 33.72  ? 367 ARG B CB  1 
ATOM   1537 C CG  . ARG B 1 103 ? -11.840 -21.023 -7.810  1.00 35.95  ? 367 ARG B CG  1 
ATOM   1538 C CD  . ARG B 1 103 ? -10.941 -21.844 -8.693  1.00 36.30  ? 367 ARG B CD  1 
ATOM   1539 N NE  . ARG B 1 103 ? -9.801  -21.052 -9.111  1.00 39.68  ? 367 ARG B NE  1 
ATOM   1540 C CZ  . ARG B 1 103 ? -8.564  -21.476 -9.274  1.00 36.02  ? 367 ARG B CZ  1 
ATOM   1541 N NH1 . ARG B 1 103 ? -8.249  -22.714 -9.002  1.00 35.36  ? 367 ARG B NH1 1 
ATOM   1542 N NH2 . ARG B 1 103 ? -7.629  -20.611 -9.644  1.00 35.79  ? 367 ARG B NH2 1 
ATOM   1543 N N   . PHE B 1 104 ? -13.326 -20.948 -4.159  1.00 29.86  ? 368 PHE B N   1 
ATOM   1544 C CA  . PHE B 1 104 ? -14.551 -21.594 -3.673  1.00 30.44  ? 368 PHE B CA  1 
ATOM   1545 C C   . PHE B 1 104 ? -14.599 -21.390 -2.167  1.00 31.67  ? 368 PHE B C   1 
ATOM   1546 O O   . PHE B 1 104 ? -13.576 -21.136 -1.535  1.00 29.48  ? 368 PHE B O   1 
ATOM   1547 C CB  . PHE B 1 104 ? -14.571 -23.100 -3.927  1.00 31.43  ? 368 PHE B CB  1 
ATOM   1548 C CG  . PHE B 1 104 ? -14.453 -23.495 -5.380  1.00 30.45  ? 368 PHE B CG  1 
ATOM   1549 C CD1 . PHE B 1 104 ? -15.523 -23.377 -6.228  1.00 32.47  ? 368 PHE B CD1 1 
ATOM   1550 C CD2 . PHE B 1 104 ? -13.260 -23.983 -5.890  1.00 33.24  ? 368 PHE B CD2 1 
ATOM   1551 C CE1 . PHE B 1 104 ? -15.425 -23.709 -7.575  1.00 35.12  ? 368 PHE B CE1 1 
ATOM   1552 C CE2 . PHE B 1 104 ? -13.131 -24.325 -7.240  1.00 35.33  ? 368 PHE B CE2 1 
ATOM   1553 C CZ  . PHE B 1 104 ? -14.237 -24.186 -8.095  1.00 35.21  ? 368 PHE B CZ  1 
ATOM   1554 N N   . PRO B 1 105 ? -15.797 -21.426 -1.587  1.00 28.68  ? 369 PRO B N   1 
ATOM   1555 C CA  . PRO B 1 105 ? -15.876 -21.262 -0.177  1.00 30.77  ? 369 PRO B CA  1 
ATOM   1556 C C   . PRO B 1 105 ? -15.451 -22.559 0.463   1.00 34.53  ? 369 PRO B C   1 
ATOM   1557 O O   . PRO B 1 105 ? -15.456 -23.598 -0.206  1.00 35.30  ? 369 PRO B O   1 
ATOM   1558 C CB  . PRO B 1 105 ? -17.382 -21.060 0.075   1.00 30.58  ? 369 PRO B CB  1 
ATOM   1559 C CG  . PRO B 1 105 ? -18.049 -21.577 -1.115  1.00 29.99  ? 369 PRO B CG  1 
ATOM   1560 C CD  . PRO B 1 105 ? -17.098 -21.236 -2.224  1.00 30.24  ? 369 PRO B CD  1 
ATOM   1561 N N   . VAL B 1 106 ? -15.085 -22.478 1.729   1.00 32.92  ? 370 VAL B N   1 
ATOM   1562 C CA  . VAL B 1 106 ? -14.828 -23.642 2.534   1.00 38.61  ? 370 VAL B CA  1 
ATOM   1563 C C   . VAL B 1 106 ? -16.055 -23.886 3.375   1.00 41.19  ? 370 VAL B C   1 
ATOM   1564 O O   . VAL B 1 106 ? -16.330 -23.104 4.332   1.00 42.27  ? 370 VAL B O   1 
ATOM   1565 C CB  . VAL B 1 106 ? -13.573 -23.430 3.398   1.00 41.48  ? 370 VAL B CB  1 
ATOM   1566 C CG1 . VAL B 1 106 ? -13.309 -24.626 4.262   1.00 37.16  ? 370 VAL B CG1 1 
ATOM   1567 C CG2 . VAL B 1 106 ? -12.380 -23.245 2.464   1.00 45.79  ? 370 VAL B CG2 1 
ATOM   1568 N N   . PRO B 1 107 ? -16.806 -24.951 3.013   1.00 44.57  ? 371 PRO B N   1 
ATOM   1569 C CA  . PRO B 1 107 ? -18.022 -25.332 3.695   1.00 46.13  ? 371 PRO B CA  1 
ATOM   1570 C C   . PRO B 1 107 ? -17.945 -25.427 5.174   1.00 55.62  ? 371 PRO B C   1 
ATOM   1571 O O   . PRO B 1 107 ? -16.867 -25.539 5.781   1.00 55.79  ? 371 PRO B O   1 
ATOM   1572 C CB  . PRO B 1 107 ? -18.320 -26.715 3.148   1.00 50.52  ? 371 PRO B CB  1 
ATOM   1573 C CG  . PRO B 1 107 ? -17.757 -26.742 1.771   1.00 48.84  ? 371 PRO B CG  1 
ATOM   1574 C CD  . PRO B 1 107 ? -16.605 -25.771 1.790   1.00 49.56  ? 371 PRO B CD  1 
ATOM   1575 N N   . GLU B 1 108 ? -19.146 -25.409 5.739   1.00 74.12  ? 372 GLU B N   1 
ATOM   1576 C CA  . GLU B 1 108 ? -19.380 -25.535 7.168   1.00 81.75  ? 372 GLU B CA  1 
ATOM   1577 C C   . GLU B 1 108 ? -20.349 -26.701 7.458   1.00 83.61  ? 372 GLU B C   1 
ATOM   1578 O O   . GLU B 1 108 ? -20.179 -27.834 6.976   1.00 73.20  ? 372 GLU B O   1 
ATOM   1579 C CB  . GLU B 1 108 ? -19.915 -24.192 7.697   1.00 79.38  ? 372 GLU B CB  1 
ATOM   1580 C CG  . GLU B 1 108 ? -18.821 -23.130 7.753   1.00 83.75  ? 372 GLU B CG  1 
ATOM   1581 C CD  . GLU B 1 108 ? -19.264 -21.788 8.324   1.00 88.13  ? 372 GLU B CD  1 
ATOM   1582 O OE1 . GLU B 1 108 ? -20.451 -21.644 8.719   1.00 76.78  ? 372 GLU B OE1 1 
ATOM   1583 O OE2 . GLU B 1 108 ? -18.390 -20.881 8.376   1.00 84.96  ? 372 GLU B OE2 1 
HETATM 1584 O O   . HOH C 2 .   ? 20.875  14.077  2.539   1.00 29.53  ? 401 HOH A O   1 
HETATM 1585 O O   . HOH C 2 .   ? 18.528  2.869   4.511   1.00 43.98  ? 402 HOH A O   1 
HETATM 1586 O O   . HOH C 2 .   ? 14.861  16.901  6.001   1.00 24.65  ? 403 HOH A O   1 
HETATM 1587 O O   . HOH C 2 .   ? 14.437  13.302  -5.571  0.50 36.31  ? 404 HOH A O   1 
HETATM 1588 O O   . HOH C 2 .   ? -6.641  5.029   -4.877  1.00 48.23  ? 405 HOH A O   1 
HETATM 1589 O O   . HOH C 2 .   ? 11.045  25.672  5.649   1.00 43.95  ? 406 HOH A O   1 
HETATM 1590 O O   . HOH C 2 .   ? 20.283  13.224  -0.304  1.00 26.00  ? 407 HOH A O   1 
HETATM 1591 O O   . HOH C 2 .   ? 9.171   22.697  -2.967  1.00 41.23  ? 408 HOH A O   1 
HETATM 1592 O O   . HOH C 2 .   ? 4.422   25.752  1.137   1.00 46.38  ? 409 HOH A O   1 
HETATM 1593 O O   . HOH C 2 .   ? 9.470   1.666   -5.488  1.00 30.92  ? 410 HOH A O   1 
HETATM 1594 O O   . HOH C 2 .   ? 7.968   24.769  -13.057 1.00 52.11  ? 411 HOH A O   1 
HETATM 1595 O O   . HOH C 2 .   ? 15.744  22.702  -1.178  1.00 39.42  ? 412 HOH A O   1 
HETATM 1596 O O   . HOH C 2 .   ? -2.101  16.724  7.591   1.00 49.83  ? 413 HOH A O   1 
HETATM 1597 O O   . HOH C 2 .   ? 3.242   17.630  9.879   1.00 60.77  ? 414 HOH A O   1 
HETATM 1598 O O   . HOH C 2 .   ? -7.175  11.626  5.564   1.00 55.88  ? 415 HOH A O   1 
HETATM 1599 O O   . HOH C 2 .   ? 15.059  -0.810  2.834   1.00 36.53  ? 416 HOH A O   1 
HETATM 1600 O O   . HOH C 2 .   ? -0.415  28.968  2.699   1.00 37.42  ? 417 HOH A O   1 
HETATM 1601 O O   . HOH C 2 .   ? 13.408  -0.947  -5.248  1.00 45.68  ? 418 HOH A O   1 
HETATM 1602 O O   . HOH C 2 .   ? -6.476  12.783  -10.346 1.00 70.96  ? 419 HOH A O   1 
HETATM 1603 O O   . HOH C 2 .   ? -1.888  6.733   -13.317 1.00 71.15  ? 420 HOH A O   1 
HETATM 1604 O O   . HOH C 2 .   ? 14.734  16.417  8.869   1.00 47.51  ? 421 HOH A O   1 
HETATM 1605 O O   . HOH C 2 .   ? -8.837  -0.621  1.975   1.00 39.00  ? 422 HOH A O   1 
HETATM 1606 O O   . HOH C 2 .   ? -6.810  21.271  -7.457  1.00 58.96  ? 423 HOH A O   1 
HETATM 1607 O O   . HOH C 2 .   ? -1.683  10.111  -14.673 1.00 62.40  ? 424 HOH A O   1 
HETATM 1608 O O   . HOH C 2 .   ? 4.767   4.799   7.526   1.00 36.23  ? 425 HOH A O   1 
HETATM 1609 O O   . HOH C 2 .   ? 4.330   20.284  -19.936 1.00 52.18  ? 426 HOH A O   1 
HETATM 1610 O O   . HOH D 2 .   ? -15.508 -20.087 3.067   1.00 28.45  ? 401 HOH B O   1 
HETATM 1611 O O   . HOH D 2 .   ? -8.732  -7.593  -10.991 1.00 39.48  ? 402 HOH B O   1 
HETATM 1612 O O   . HOH D 2 .   ? -21.935 -7.480  -1.266  1.00 47.48  ? 403 HOH B O   1 
HETATM 1613 O O   . HOH D 2 .   ? -5.653  -24.547 -2.739  1.00 43.55  ? 404 HOH B O   1 
HETATM 1614 O O   . HOH D 2 .   ? -20.398 -19.361 -2.441  1.00 29.07  ? 405 HOH B O   1 
HETATM 1615 O O   . HOH D 2 .   ? -11.822 -16.972 -7.920  0.50 41.65  ? 406 HOH B O   1 
HETATM 1616 O O   . HOH D 2 .   ? -13.646 -4.305  1.768   1.00 41.07  ? 407 HOH B O   1 
HETATM 1617 O O   . HOH D 2 .   ? -4.155  -29.187 -0.746  1.00 47.70  ? 408 HOH B O   1 
HETATM 1618 O O   . HOH D 2 .   ? -10.940 -2.636  -3.464  1.00 44.24  ? 409 HOH B O   1 
HETATM 1619 O O   . HOH D 2 .   ? -14.340 -7.504  -11.617 1.00 41.65  ? 410 HOH B O   1 
HETATM 1620 O O   . HOH D 2 .   ? -16.098 -20.452 5.550   1.00 47.73  ? 411 HOH B O   1 
HETATM 1621 O O   . HOH D 2 .   ? 10.936  -5.549  1.371   1.00 60.67  ? 412 HOH B O   1 
HETATM 1622 O O   . HOH D 2 .   ? 9.583   -10.231 -3.405  1.00 50.39  ? 413 HOH B O   1 
HETATM 1623 O O   . HOH D 2 .   ? -12.021 -6.825  -10.190 1.00 30.26  ? 414 HOH B O   1 
HETATM 1624 O O   . HOH D 2 .   ? 5.183   -13.101 -6.926  1.00 47.16  ? 415 HOH B O   1 
HETATM 1625 O O   . HOH D 2 .   ? 11.084  -2.617  -6.082  1.00 54.51  ? 416 HOH B O   1 
HETATM 1626 O O   . HOH D 2 .   ? -21.636 -6.812  -5.154  1.00 18.16  ? 417 HOH B O   1 
HETATM 1627 O O   . HOH D 2 .   ? 7.205   -11.226 -9.518  1.00 44.23  ? 418 HOH B O   1 
HETATM 1628 O O   . HOH D 2 .   ? 10.519  -16.582 -2.174  1.00 59.77  ? 419 HOH B O   1 
# 
